data_4NVP
# 
_entry.id   4NVP 
# 
_audit_conform.dict_name       mmcif_pdbx.dic 
_audit_conform.dict_version    5.398 
_audit_conform.dict_location   http://mmcif.pdb.org/dictionaries/ascii/mmcif_pdbx.dic 
# 
loop_
_database_2.database_id 
_database_2.database_code 
_database_2.pdbx_database_accession 
_database_2.pdbx_DOI 
PDB   4NVP         pdb_00004nvp 10.2210/pdb4nvp/pdb 
RCSB  RCSB083714   ?            ?                   
WWPDB D_1000083714 ?            ?                   
# 
loop_
_pdbx_audit_revision_history.ordinal 
_pdbx_audit_revision_history.data_content_type 
_pdbx_audit_revision_history.major_revision 
_pdbx_audit_revision_history.minor_revision 
_pdbx_audit_revision_history.revision_date 
1 'Structure model' 1 0 2014-03-19 
2 'Structure model' 1 1 2014-05-28 
3 'Structure model' 1 2 2024-04-03 
4 'Structure model' 1 3 2024-11-06 
# 
_pdbx_audit_revision_details.ordinal             1 
_pdbx_audit_revision_details.revision_ordinal    1 
_pdbx_audit_revision_details.data_content_type   'Structure model' 
_pdbx_audit_revision_details.provider            repository 
_pdbx_audit_revision_details.type                'Initial release' 
_pdbx_audit_revision_details.description         ? 
_pdbx_audit_revision_details.details             ? 
# 
loop_
_pdbx_audit_revision_group.ordinal 
_pdbx_audit_revision_group.revision_ordinal 
_pdbx_audit_revision_group.data_content_type 
_pdbx_audit_revision_group.group 
1 2 'Structure model' 'Database references'    
2 3 'Structure model' 'Data collection'        
3 3 'Structure model' 'Database references'    
4 3 'Structure model' 'Derived calculations'   
5 3 'Structure model' 'Refinement description' 
6 4 'Structure model' 'Structure summary'      
# 
loop_
_pdbx_audit_revision_category.ordinal 
_pdbx_audit_revision_category.revision_ordinal 
_pdbx_audit_revision_category.data_content_type 
_pdbx_audit_revision_category.category 
1 3 'Structure model' chem_comp_atom                
2 3 'Structure model' chem_comp_bond                
3 3 'Structure model' database_2                    
4 3 'Structure model' pdbx_initial_refinement_model 
5 3 'Structure model' struct_conn                   
6 3 'Structure model' struct_ref_seq_dif            
7 3 'Structure model' struct_site                   
8 4 'Structure model' pdbx_entry_details            
9 4 'Structure model' pdbx_modification_feature     
# 
loop_
_pdbx_audit_revision_item.ordinal 
_pdbx_audit_revision_item.revision_ordinal 
_pdbx_audit_revision_item.data_content_type 
_pdbx_audit_revision_item.item 
1 3 'Structure model' '_database_2.pdbx_DOI'                
2 3 'Structure model' '_database_2.pdbx_database_accession' 
3 3 'Structure model' '_struct_conn.pdbx_leaving_atom_flag' 
4 3 'Structure model' '_struct_ref_seq_dif.details'         
5 3 'Structure model' '_struct_site.pdbx_auth_asym_id'      
6 3 'Structure model' '_struct_site.pdbx_auth_comp_id'      
7 3 'Structure model' '_struct_site.pdbx_auth_seq_id'       
# 
_pdbx_database_status.status_code                     REL 
_pdbx_database_status.entry_id                        4NVP 
_pdbx_database_status.recvd_initial_deposition_date   2013-12-05 
_pdbx_database_status.deposit_site                    RCSB 
_pdbx_database_status.process_site                    RCSB 
_pdbx_database_status.status_code_sf                  REL 
_pdbx_database_status.status_code_mr                  ? 
_pdbx_database_status.SG_entry                        ? 
_pdbx_database_status.status_code_cs                  ? 
_pdbx_database_status.methods_development_category    ? 
_pdbx_database_status.pdb_format_compatible           Y 
_pdbx_database_status.status_code_nmr_data            ? 
# 
loop_
_pdbx_database_related.db_name 
_pdbx_database_related.db_id 
_pdbx_database_related.details 
_pdbx_database_related.content_type 
PDB 3U11 . unspecified 
PDB 3OTF . unspecified 
# 
loop_
_audit_author.name 
_audit_author.pdbx_ordinal 
'Alfieri, A.' 1 
'Moroni, A.'  2 
# 
_citation.id                        primary 
_citation.title                     
'Cyclic Nucleotide Mapping of Hyperpolarization-Activated Cyclic Nucleotide-Gated (HCN) Channels.' 
_citation.journal_abbrev            'Acs Chem.Biol.' 
_citation.journal_volume            9 
_citation.page_first                1128 
_citation.page_last                 1137 
_citation.year                      2014 
_citation.journal_id_ASTM           ? 
_citation.country                   US 
_citation.journal_id_ISSN           1554-8929 
_citation.journal_id_CSD            ? 
_citation.book_publisher            ? 
_citation.pdbx_database_id_PubMed   24605759 
_citation.pdbx_database_id_DOI      10.1021/cb400904s 
# 
loop_
_citation_author.citation_id 
_citation_author.name 
_citation_author.ordinal 
_citation_author.identifier_ORCID 
primary 'Moller, S.'     1 ? 
primary 'Alfieri, A.'    2 ? 
primary 'Bertinetti, D.' 3 ? 
primary 'Aquila, M.'     4 ? 
primary 'Schwede, F.'    5 ? 
primary 'Lolicato, M.'   6 ? 
primary 'Rehmann, H.'    7 ? 
primary 'Moroni, A.'     8 ? 
primary 'Herberg, F.W.'  9 ? 
# 
loop_
_entity.id 
_entity.type 
_entity.src_method 
_entity.pdbx_description 
_entity.formula_weight 
_entity.pdbx_number_of_molecules 
_entity.pdbx_ec 
_entity.pdbx_mutation 
_entity.pdbx_fragment 
_entity.details 
1 polymer     man 'Potassium/sodium hyperpolarization-activated cyclic nucleotide-gated channel 4' 24498.004 1  ? ? ? ? 
2 non-polymer syn 
'(2S,4aR,6R,7R,7aS)-6-(4-amino-7H-pyrrolo[2,3-d]pyrimidin-7-yl)tetrahydro-4H-furo[3,2-d][1,3,2]dioxaphosphinine-2,7-diol 2-oxide' 
328.218   1  ? ? ? ? 
3 water       nat water 18.015    37 ? ? ? ? 
# 
_entity_poly.entity_id                      1 
_entity_poly.type                           'polypeptide(L)' 
_entity_poly.nstd_linkage                   no 
_entity_poly.nstd_monomer                   yes 
_entity_poly.pdbx_seq_one_letter_code       
;GPSSPMDSSRRQYQEKYKQVEQYMSFHKLPPDTRQRIHDYYEHRYQGKMFDEESILGELSEPLREEIINFN(CSO)RKLV
ASMPLFANADPNFVTSMLTKLRFEVFQPGDYIIREGTIGKKMYFIQHGVVSVLTKGNKETKLADGSYFGEICLLTRGRRT
ASVRADTYCRLYSLSVDNFNEVLEEYPMMRRAFETVALDRLDRIGKKNSILLH
;
_entity_poly.pdbx_seq_one_letter_code_can   
;GPSSPMDSSRRQYQEKYKQVEQYMSFHKLPPDTRQRIHDYYEHRYQGKMFDEESILGELSEPLREEIINFNCRKLVASMP
LFANADPNFVTSMLTKLRFEVFQPGDYIIREGTIGKKMYFIQHGVVSVLTKGNKETKLADGSYFGEICLLTRGRRTASVR
ADTYCRLYSLSVDNFNEVLEEYPMMRRAFETVALDRLDRIGKKNSILLH
;
_entity_poly.pdbx_strand_id                 A 
_entity_poly.pdbx_target_identifier         ? 
# 
loop_
_pdbx_entity_nonpoly.entity_id 
_pdbx_entity_nonpoly.name 
_pdbx_entity_nonpoly.comp_id 
2 
'(2S,4aR,6R,7R,7aS)-6-(4-amino-7H-pyrrolo[2,3-d]pyrimidin-7-yl)tetrahydro-4H-furo[3,2-d][1,3,2]dioxaphosphinine-2,7-diol 2-oxide' 
7CH 
3 water HOH 
# 
loop_
_entity_poly_seq.entity_id 
_entity_poly_seq.num 
_entity_poly_seq.mon_id 
_entity_poly_seq.hetero 
1 1   GLY n 
1 2   PRO n 
1 3   SER n 
1 4   SER n 
1 5   PRO n 
1 6   MET n 
1 7   ASP n 
1 8   SER n 
1 9   SER n 
1 10  ARG n 
1 11  ARG n 
1 12  GLN n 
1 13  TYR n 
1 14  GLN n 
1 15  GLU n 
1 16  LYS n 
1 17  TYR n 
1 18  LYS n 
1 19  GLN n 
1 20  VAL n 
1 21  GLU n 
1 22  GLN n 
1 23  TYR n 
1 24  MET n 
1 25  SER n 
1 26  PHE n 
1 27  HIS n 
1 28  LYS n 
1 29  LEU n 
1 30  PRO n 
1 31  PRO n 
1 32  ASP n 
1 33  THR n 
1 34  ARG n 
1 35  GLN n 
1 36  ARG n 
1 37  ILE n 
1 38  HIS n 
1 39  ASP n 
1 40  TYR n 
1 41  TYR n 
1 42  GLU n 
1 43  HIS n 
1 44  ARG n 
1 45  TYR n 
1 46  GLN n 
1 47  GLY n 
1 48  LYS n 
1 49  MET n 
1 50  PHE n 
1 51  ASP n 
1 52  GLU n 
1 53  GLU n 
1 54  SER n 
1 55  ILE n 
1 56  LEU n 
1 57  GLY n 
1 58  GLU n 
1 59  LEU n 
1 60  SER n 
1 61  GLU n 
1 62  PRO n 
1 63  LEU n 
1 64  ARG n 
1 65  GLU n 
1 66  GLU n 
1 67  ILE n 
1 68  ILE n 
1 69  ASN n 
1 70  PHE n 
1 71  ASN n 
1 72  CSO n 
1 73  ARG n 
1 74  LYS n 
1 75  LEU n 
1 76  VAL n 
1 77  ALA n 
1 78  SER n 
1 79  MET n 
1 80  PRO n 
1 81  LEU n 
1 82  PHE n 
1 83  ALA n 
1 84  ASN n 
1 85  ALA n 
1 86  ASP n 
1 87  PRO n 
1 88  ASN n 
1 89  PHE n 
1 90  VAL n 
1 91  THR n 
1 92  SER n 
1 93  MET n 
1 94  LEU n 
1 95  THR n 
1 96  LYS n 
1 97  LEU n 
1 98  ARG n 
1 99  PHE n 
1 100 GLU n 
1 101 VAL n 
1 102 PHE n 
1 103 GLN n 
1 104 PRO n 
1 105 GLY n 
1 106 ASP n 
1 107 TYR n 
1 108 ILE n 
1 109 ILE n 
1 110 ARG n 
1 111 GLU n 
1 112 GLY n 
1 113 THR n 
1 114 ILE n 
1 115 GLY n 
1 116 LYS n 
1 117 LYS n 
1 118 MET n 
1 119 TYR n 
1 120 PHE n 
1 121 ILE n 
1 122 GLN n 
1 123 HIS n 
1 124 GLY n 
1 125 VAL n 
1 126 VAL n 
1 127 SER n 
1 128 VAL n 
1 129 LEU n 
1 130 THR n 
1 131 LYS n 
1 132 GLY n 
1 133 ASN n 
1 134 LYS n 
1 135 GLU n 
1 136 THR n 
1 137 LYS n 
1 138 LEU n 
1 139 ALA n 
1 140 ASP n 
1 141 GLY n 
1 142 SER n 
1 143 TYR n 
1 144 PHE n 
1 145 GLY n 
1 146 GLU n 
1 147 ILE n 
1 148 CYS n 
1 149 LEU n 
1 150 LEU n 
1 151 THR n 
1 152 ARG n 
1 153 GLY n 
1 154 ARG n 
1 155 ARG n 
1 156 THR n 
1 157 ALA n 
1 158 SER n 
1 159 VAL n 
1 160 ARG n 
1 161 ALA n 
1 162 ASP n 
1 163 THR n 
1 164 TYR n 
1 165 CYS n 
1 166 ARG n 
1 167 LEU n 
1 168 TYR n 
1 169 SER n 
1 170 LEU n 
1 171 SER n 
1 172 VAL n 
1 173 ASP n 
1 174 ASN n 
1 175 PHE n 
1 176 ASN n 
1 177 GLU n 
1 178 VAL n 
1 179 LEU n 
1 180 GLU n 
1 181 GLU n 
1 182 TYR n 
1 183 PRO n 
1 184 MET n 
1 185 MET n 
1 186 ARG n 
1 187 ARG n 
1 188 ALA n 
1 189 PHE n 
1 190 GLU n 
1 191 THR n 
1 192 VAL n 
1 193 ALA n 
1 194 LEU n 
1 195 ASP n 
1 196 ARG n 
1 197 LEU n 
1 198 ASP n 
1 199 ARG n 
1 200 ILE n 
1 201 GLY n 
1 202 LYS n 
1 203 LYS n 
1 204 ASN n 
1 205 SER n 
1 206 ILE n 
1 207 LEU n 
1 208 LEU n 
1 209 HIS n 
# 
_entity_src_gen.entity_id                          1 
_entity_src_gen.pdbx_src_id                        1 
_entity_src_gen.pdbx_alt_source_flag               sample 
_entity_src_gen.pdbx_seq_type                      ? 
_entity_src_gen.pdbx_beg_seq_num                   ? 
_entity_src_gen.pdbx_end_seq_num                   ? 
_entity_src_gen.gene_src_common_name               human 
_entity_src_gen.gene_src_genus                     ? 
_entity_src_gen.pdbx_gene_src_gene                 HCN4 
_entity_src_gen.gene_src_species                   ? 
_entity_src_gen.gene_src_strain                    ? 
_entity_src_gen.gene_src_tissue                    ? 
_entity_src_gen.gene_src_tissue_fraction           ? 
_entity_src_gen.gene_src_details                   ? 
_entity_src_gen.pdbx_gene_src_fragment             ? 
_entity_src_gen.pdbx_gene_src_scientific_name      'Homo sapiens' 
_entity_src_gen.pdbx_gene_src_ncbi_taxonomy_id     9606 
_entity_src_gen.pdbx_gene_src_variant              ? 
_entity_src_gen.pdbx_gene_src_cell_line            ? 
_entity_src_gen.pdbx_gene_src_atcc                 ? 
_entity_src_gen.pdbx_gene_src_organ                ? 
_entity_src_gen.pdbx_gene_src_organelle            ? 
_entity_src_gen.pdbx_gene_src_cell                 ? 
_entity_src_gen.pdbx_gene_src_cellular_location    ? 
_entity_src_gen.host_org_common_name               ? 
_entity_src_gen.pdbx_host_org_scientific_name      'Escherichia coli' 
_entity_src_gen.pdbx_host_org_ncbi_taxonomy_id     562 
_entity_src_gen.host_org_genus                     ? 
_entity_src_gen.pdbx_host_org_gene                 ? 
_entity_src_gen.pdbx_host_org_organ                ? 
_entity_src_gen.host_org_species                   ? 
_entity_src_gen.pdbx_host_org_tissue               ? 
_entity_src_gen.pdbx_host_org_tissue_fraction      ? 
_entity_src_gen.pdbx_host_org_strain               'BL21(DE3)' 
_entity_src_gen.pdbx_host_org_variant              ? 
_entity_src_gen.pdbx_host_org_cell_line            ? 
_entity_src_gen.pdbx_host_org_atcc                 ? 
_entity_src_gen.pdbx_host_org_culture_collection   ? 
_entity_src_gen.pdbx_host_org_cell                 ? 
_entity_src_gen.pdbx_host_org_organelle            ? 
_entity_src_gen.pdbx_host_org_cellular_location    ? 
_entity_src_gen.pdbx_host_org_vector_type          PLASMID 
_entity_src_gen.pdbx_host_org_vector               ? 
_entity_src_gen.host_org_details                   ? 
_entity_src_gen.expression_system_id               ? 
_entity_src_gen.plasmid_name                       ? 
_entity_src_gen.plasmid_details                    ? 
_entity_src_gen.pdbx_description                   ? 
# 
loop_
_chem_comp.id 
_chem_comp.type 
_chem_comp.mon_nstd_flag 
_chem_comp.name 
_chem_comp.pdbx_synonyms 
_chem_comp.formula 
_chem_comp.formula_weight 
7CH non-polymer         . 
'(2S,4aR,6R,7R,7aS)-6-(4-amino-7H-pyrrolo[2,3-d]pyrimidin-7-yl)tetrahydro-4H-furo[3,2-d][1,3,2]dioxaphosphinine-2,7-diol 2-oxide' 
7-CH-cAMP 'C11 H13 N4 O6 P' 328.218 
ALA 'L-peptide linking' y ALANINE ?         'C3 H7 N O2'      89.093  
ARG 'L-peptide linking' y ARGININE ?         'C6 H15 N4 O2 1'  175.209 
ASN 'L-peptide linking' y ASPARAGINE ?         'C4 H8 N2 O3'     132.118 
ASP 'L-peptide linking' y 'ASPARTIC ACID' ?         'C4 H7 N O4'      133.103 
CSO 'L-peptide linking' n S-HYDROXYCYSTEINE ?         'C3 H7 N O3 S'    137.158 
CYS 'L-peptide linking' y CYSTEINE ?         'C3 H7 N O2 S'    121.158 
GLN 'L-peptide linking' y GLUTAMINE ?         'C5 H10 N2 O3'    146.144 
GLU 'L-peptide linking' y 'GLUTAMIC ACID' ?         'C5 H9 N O4'      147.129 
GLY 'peptide linking'   y GLYCINE ?         'C2 H5 N O2'      75.067  
HIS 'L-peptide linking' y HISTIDINE ?         'C6 H10 N3 O2 1'  156.162 
HOH non-polymer         . WATER ?         'H2 O'            18.015  
ILE 'L-peptide linking' y ISOLEUCINE ?         'C6 H13 N O2'     131.173 
LEU 'L-peptide linking' y LEUCINE ?         'C6 H13 N O2'     131.173 
LYS 'L-peptide linking' y LYSINE ?         'C6 H15 N2 O2 1'  147.195 
MET 'L-peptide linking' y METHIONINE ?         'C5 H11 N O2 S'   149.211 
PHE 'L-peptide linking' y PHENYLALANINE ?         'C9 H11 N O2'     165.189 
PRO 'L-peptide linking' y PROLINE ?         'C5 H9 N O2'      115.130 
SER 'L-peptide linking' y SERINE ?         'C3 H7 N O3'      105.093 
THR 'L-peptide linking' y THREONINE ?         'C4 H9 N O3'      119.119 
TYR 'L-peptide linking' y TYROSINE ?         'C9 H11 N O3'     181.189 
VAL 'L-peptide linking' y VALINE ?         'C5 H11 N O2'     117.146 
# 
loop_
_pdbx_poly_seq_scheme.asym_id 
_pdbx_poly_seq_scheme.entity_id 
_pdbx_poly_seq_scheme.seq_id 
_pdbx_poly_seq_scheme.mon_id 
_pdbx_poly_seq_scheme.ndb_seq_num 
_pdbx_poly_seq_scheme.pdb_seq_num 
_pdbx_poly_seq_scheme.auth_seq_num 
_pdbx_poly_seq_scheme.pdb_mon_id 
_pdbx_poly_seq_scheme.auth_mon_id 
_pdbx_poly_seq_scheme.pdb_strand_id 
_pdbx_poly_seq_scheme.pdb_ins_code 
_pdbx_poly_seq_scheme.hetero 
A 1 1   GLY 1   515 ?   ?   ?   A . n 
A 1 2   PRO 2   516 ?   ?   ?   A . n 
A 1 3   SER 3   517 ?   ?   ?   A . n 
A 1 4   SER 4   518 518 SER SER A . n 
A 1 5   PRO 5   519 519 PRO PRO A . n 
A 1 6   MET 6   520 520 MET MET A . n 
A 1 7   ASP 7   521 521 ASP ASP A . n 
A 1 8   SER 8   522 522 SER SER A . n 
A 1 9   SER 9   523 523 SER SER A . n 
A 1 10  ARG 10  524 524 ARG ARG A . n 
A 1 11  ARG 11  525 525 ARG ARG A . n 
A 1 12  GLN 12  526 526 GLN GLN A . n 
A 1 13  TYR 13  527 527 TYR TYR A . n 
A 1 14  GLN 14  528 528 GLN GLN A . n 
A 1 15  GLU 15  529 529 GLU GLU A . n 
A 1 16  LYS 16  530 530 LYS LYS A . n 
A 1 17  TYR 17  531 531 TYR TYR A . n 
A 1 18  LYS 18  532 532 LYS LYS A . n 
A 1 19  GLN 19  533 533 GLN GLN A . n 
A 1 20  VAL 20  534 534 VAL VAL A . n 
A 1 21  GLU 21  535 535 GLU GLU A . n 
A 1 22  GLN 22  536 536 GLN GLN A . n 
A 1 23  TYR 23  537 537 TYR TYR A . n 
A 1 24  MET 24  538 538 MET MET A . n 
A 1 25  SER 25  539 539 SER SER A . n 
A 1 26  PHE 26  540 540 PHE PHE A . n 
A 1 27  HIS 27  541 541 HIS HIS A . n 
A 1 28  LYS 28  542 542 LYS LYS A . n 
A 1 29  LEU 29  543 543 LEU LEU A . n 
A 1 30  PRO 30  544 544 PRO PRO A . n 
A 1 31  PRO 31  545 545 PRO PRO A . n 
A 1 32  ASP 32  546 546 ASP ASP A . n 
A 1 33  THR 33  547 547 THR THR A . n 
A 1 34  ARG 34  548 548 ARG ARG A . n 
A 1 35  GLN 35  549 549 GLN GLN A . n 
A 1 36  ARG 36  550 550 ARG ARG A . n 
A 1 37  ILE 37  551 551 ILE ILE A . n 
A 1 38  HIS 38  552 552 HIS HIS A . n 
A 1 39  ASP 39  553 553 ASP ASP A . n 
A 1 40  TYR 40  554 554 TYR TYR A . n 
A 1 41  TYR 41  555 555 TYR TYR A . n 
A 1 42  GLU 42  556 556 GLU GLU A . n 
A 1 43  HIS 43  557 557 HIS HIS A . n 
A 1 44  ARG 44  558 558 ARG ARG A . n 
A 1 45  TYR 45  559 559 TYR TYR A . n 
A 1 46  GLN 46  560 560 GLN GLN A . n 
A 1 47  GLY 47  561 561 GLY GLY A . n 
A 1 48  LYS 48  562 562 LYS LYS A . n 
A 1 49  MET 49  563 563 MET MET A . n 
A 1 50  PHE 50  564 564 PHE PHE A . n 
A 1 51  ASP 51  565 565 ASP ASP A . n 
A 1 52  GLU 52  566 566 GLU GLU A . n 
A 1 53  GLU 53  567 567 GLU GLU A . n 
A 1 54  SER 54  568 568 SER SER A . n 
A 1 55  ILE 55  569 569 ILE ILE A . n 
A 1 56  LEU 56  570 570 LEU LEU A . n 
A 1 57  GLY 57  571 571 GLY GLY A . n 
A 1 58  GLU 58  572 572 GLU GLU A . n 
A 1 59  LEU 59  573 573 LEU LEU A . n 
A 1 60  SER 60  574 574 SER SER A . n 
A 1 61  GLU 61  575 575 GLU GLU A . n 
A 1 62  PRO 62  576 576 PRO PRO A . n 
A 1 63  LEU 63  577 577 LEU LEU A . n 
A 1 64  ARG 64  578 578 ARG ARG A . n 
A 1 65  GLU 65  579 579 GLU GLU A . n 
A 1 66  GLU 66  580 580 GLU GLU A . n 
A 1 67  ILE 67  581 581 ILE ILE A . n 
A 1 68  ILE 68  582 582 ILE ILE A . n 
A 1 69  ASN 69  583 583 ASN ASN A . n 
A 1 70  PHE 70  584 584 PHE PHE A . n 
A 1 71  ASN 71  585 585 ASN ASN A . n 
A 1 72  CSO 72  586 586 CSO CSO A . n 
A 1 73  ARG 73  587 587 ARG ARG A . n 
A 1 74  LYS 74  588 588 LYS LYS A . n 
A 1 75  LEU 75  589 589 LEU LEU A . n 
A 1 76  VAL 76  590 590 VAL VAL A . n 
A 1 77  ALA 77  591 591 ALA ALA A . n 
A 1 78  SER 78  592 592 SER SER A . n 
A 1 79  MET 79  593 593 MET MET A . n 
A 1 80  PRO 80  594 594 PRO PRO A . n 
A 1 81  LEU 81  595 595 LEU LEU A . n 
A 1 82  PHE 82  596 596 PHE PHE A . n 
A 1 83  ALA 83  597 597 ALA ALA A . n 
A 1 84  ASN 84  598 598 ASN ASN A . n 
A 1 85  ALA 85  599 599 ALA ALA A . n 
A 1 86  ASP 86  600 600 ASP ASP A . n 
A 1 87  PRO 87  601 601 PRO PRO A . n 
A 1 88  ASN 88  602 602 ASN ASN A . n 
A 1 89  PHE 89  603 603 PHE PHE A . n 
A 1 90  VAL 90  604 604 VAL VAL A . n 
A 1 91  THR 91  605 605 THR THR A . n 
A 1 92  SER 92  606 606 SER SER A . n 
A 1 93  MET 93  607 607 MET MET A . n 
A 1 94  LEU 94  608 608 LEU LEU A . n 
A 1 95  THR 95  609 609 THR THR A . n 
A 1 96  LYS 96  610 610 LYS LYS A . n 
A 1 97  LEU 97  611 611 LEU LEU A . n 
A 1 98  ARG 98  612 612 ARG ARG A . n 
A 1 99  PHE 99  613 613 PHE PHE A . n 
A 1 100 GLU 100 614 614 GLU GLU A . n 
A 1 101 VAL 101 615 615 VAL VAL A . n 
A 1 102 PHE 102 616 616 PHE PHE A . n 
A 1 103 GLN 103 617 617 GLN GLN A . n 
A 1 104 PRO 104 618 618 PRO PRO A . n 
A 1 105 GLY 105 619 619 GLY GLY A . n 
A 1 106 ASP 106 620 620 ASP ASP A . n 
A 1 107 TYR 107 621 621 TYR TYR A . n 
A 1 108 ILE 108 622 622 ILE ILE A . n 
A 1 109 ILE 109 623 623 ILE ILE A . n 
A 1 110 ARG 110 624 624 ARG ARG A . n 
A 1 111 GLU 111 625 625 GLU GLU A . n 
A 1 112 GLY 112 626 626 GLY GLY A . n 
A 1 113 THR 113 627 627 THR THR A . n 
A 1 114 ILE 114 628 628 ILE ILE A . n 
A 1 115 GLY 115 629 629 GLY GLY A . n 
A 1 116 LYS 116 630 630 LYS LYS A . n 
A 1 117 LYS 117 631 631 LYS LYS A . n 
A 1 118 MET 118 632 632 MET MET A . n 
A 1 119 TYR 119 633 633 TYR TYR A . n 
A 1 120 PHE 120 634 634 PHE PHE A . n 
A 1 121 ILE 121 635 635 ILE ILE A . n 
A 1 122 GLN 122 636 636 GLN GLN A . n 
A 1 123 HIS 123 637 637 HIS HIS A . n 
A 1 124 GLY 124 638 638 GLY GLY A . n 
A 1 125 VAL 125 639 639 VAL VAL A . n 
A 1 126 VAL 126 640 640 VAL VAL A . n 
A 1 127 SER 127 641 641 SER SER A . n 
A 1 128 VAL 128 642 642 VAL VAL A . n 
A 1 129 LEU 129 643 643 LEU LEU A . n 
A 1 130 THR 130 644 644 THR THR A . n 
A 1 131 LYS 131 645 645 LYS LYS A . n 
A 1 132 GLY 132 646 646 GLY GLY A . n 
A 1 133 ASN 133 647 647 ASN ASN A . n 
A 1 134 LYS 134 648 648 LYS LYS A . n 
A 1 135 GLU 135 649 649 GLU GLU A . n 
A 1 136 THR 136 650 650 THR THR A . n 
A 1 137 LYS 137 651 651 LYS LYS A . n 
A 1 138 LEU 138 652 652 LEU LEU A . n 
A 1 139 ALA 139 653 653 ALA ALA A . n 
A 1 140 ASP 140 654 654 ASP ASP A . n 
A 1 141 GLY 141 655 655 GLY GLY A . n 
A 1 142 SER 142 656 656 SER SER A . n 
A 1 143 TYR 143 657 657 TYR TYR A . n 
A 1 144 PHE 144 658 658 PHE PHE A . n 
A 1 145 GLY 145 659 659 GLY GLY A . n 
A 1 146 GLU 146 660 660 GLU GLU A . n 
A 1 147 ILE 147 661 661 ILE ILE A . n 
A 1 148 CYS 148 662 662 CYS CYS A . n 
A 1 149 LEU 149 663 663 LEU LEU A . n 
A 1 150 LEU 150 664 664 LEU LEU A . n 
A 1 151 THR 151 665 665 THR THR A . n 
A 1 152 ARG 152 666 666 ARG ARG A . n 
A 1 153 GLY 153 667 667 GLY GLY A . n 
A 1 154 ARG 154 668 668 ARG ARG A . n 
A 1 155 ARG 155 669 669 ARG ARG A . n 
A 1 156 THR 156 670 670 THR THR A . n 
A 1 157 ALA 157 671 671 ALA ALA A . n 
A 1 158 SER 158 672 672 SER SER A . n 
A 1 159 VAL 159 673 673 VAL VAL A . n 
A 1 160 ARG 160 674 674 ARG ARG A . n 
A 1 161 ALA 161 675 675 ALA ALA A . n 
A 1 162 ASP 162 676 676 ASP ASP A . n 
A 1 163 THR 163 677 677 THR THR A . n 
A 1 164 TYR 164 678 678 TYR TYR A . n 
A 1 165 CYS 165 679 679 CYS CYS A . n 
A 1 166 ARG 166 680 680 ARG ARG A . n 
A 1 167 LEU 167 681 681 LEU LEU A . n 
A 1 168 TYR 168 682 682 TYR TYR A . n 
A 1 169 SER 169 683 683 SER SER A . n 
A 1 170 LEU 170 684 684 LEU LEU A . n 
A 1 171 SER 171 685 685 SER SER A . n 
A 1 172 VAL 172 686 686 VAL VAL A . n 
A 1 173 ASP 173 687 687 ASP ASP A . n 
A 1 174 ASN 174 688 688 ASN ASN A . n 
A 1 175 PHE 175 689 689 PHE PHE A . n 
A 1 176 ASN 176 690 690 ASN ASN A . n 
A 1 177 GLU 177 691 691 GLU GLU A . n 
A 1 178 VAL 178 692 692 VAL VAL A . n 
A 1 179 LEU 179 693 693 LEU LEU A . n 
A 1 180 GLU 180 694 694 GLU GLU A . n 
A 1 181 GLU 181 695 695 GLU GLU A . n 
A 1 182 TYR 182 696 696 TYR TYR A . n 
A 1 183 PRO 183 697 697 PRO PRO A . n 
A 1 184 MET 184 698 698 MET MET A . n 
A 1 185 MET 185 699 699 MET MET A . n 
A 1 186 ARG 186 700 700 ARG ARG A . n 
A 1 187 ARG 187 701 701 ARG ARG A . n 
A 1 188 ALA 188 702 702 ALA ALA A . n 
A 1 189 PHE 189 703 703 PHE PHE A . n 
A 1 190 GLU 190 704 704 GLU GLU A . n 
A 1 191 THR 191 705 705 THR THR A . n 
A 1 192 VAL 192 706 706 VAL VAL A . n 
A 1 193 ALA 193 707 707 ALA ALA A . n 
A 1 194 LEU 194 708 708 LEU LEU A . n 
A 1 195 ASP 195 709 709 ASP ASP A . n 
A 1 196 ARG 196 710 710 ARG ARG A . n 
A 1 197 LEU 197 711 711 LEU LEU A . n 
A 1 198 ASP 198 712 712 ASP ASP A . n 
A 1 199 ARG 199 713 713 ARG ARG A . n 
A 1 200 ILE 200 714 714 ILE ILE A . n 
A 1 201 GLY 201 715 715 GLY GLY A . n 
A 1 202 LYS 202 716 716 LYS LYS A . n 
A 1 203 LYS 203 717 717 LYS LYS A . n 
A 1 204 ASN 204 718 718 ASN ASN A . n 
A 1 205 SER 205 719 ?   ?   ?   A . n 
A 1 206 ILE 206 720 ?   ?   ?   A . n 
A 1 207 LEU 207 721 ?   ?   ?   A . n 
A 1 208 LEU 208 722 ?   ?   ?   A . n 
A 1 209 HIS 209 723 ?   ?   ?   A . n 
# 
loop_
_pdbx_nonpoly_scheme.asym_id 
_pdbx_nonpoly_scheme.entity_id 
_pdbx_nonpoly_scheme.mon_id 
_pdbx_nonpoly_scheme.ndb_seq_num 
_pdbx_nonpoly_scheme.pdb_seq_num 
_pdbx_nonpoly_scheme.auth_seq_num 
_pdbx_nonpoly_scheme.pdb_mon_id 
_pdbx_nonpoly_scheme.auth_mon_id 
_pdbx_nonpoly_scheme.pdb_strand_id 
_pdbx_nonpoly_scheme.pdb_ins_code 
B 2 7CH 1  800 800 7CH 7CH A . 
C 3 HOH 1  901 1   HOH HOH A . 
C 3 HOH 2  902 2   HOH HOH A . 
C 3 HOH 3  903 3   HOH HOH A . 
C 3 HOH 4  904 4   HOH HOH A . 
C 3 HOH 5  905 5   HOH HOH A . 
C 3 HOH 6  906 6   HOH HOH A . 
C 3 HOH 7  907 7   HOH HOH A . 
C 3 HOH 8  908 8   HOH HOH A . 
C 3 HOH 9  909 9   HOH HOH A . 
C 3 HOH 10 910 10  HOH HOH A . 
C 3 HOH 11 911 11  HOH HOH A . 
C 3 HOH 12 912 12  HOH HOH A . 
C 3 HOH 13 913 13  HOH HOH A . 
C 3 HOH 14 914 14  HOH HOH A . 
C 3 HOH 15 915 15  HOH HOH A . 
C 3 HOH 16 916 16  HOH HOH A . 
C 3 HOH 17 917 17  HOH HOH A . 
C 3 HOH 18 918 18  HOH HOH A . 
C 3 HOH 19 919 19  HOH HOH A . 
C 3 HOH 20 920 20  HOH HOH A . 
C 3 HOH 21 921 21  HOH HOH A . 
C 3 HOH 22 922 22  HOH HOH A . 
C 3 HOH 23 923 23  HOH HOH A . 
C 3 HOH 24 924 24  HOH HOH A . 
C 3 HOH 25 925 25  HOH HOH A . 
C 3 HOH 26 926 26  HOH HOH A . 
C 3 HOH 27 927 27  HOH HOH A . 
C 3 HOH 28 928 28  HOH HOH A . 
C 3 HOH 29 929 29  HOH HOH A . 
C 3 HOH 30 930 30  HOH HOH A . 
C 3 HOH 31 931 31  HOH HOH A . 
C 3 HOH 32 932 32  HOH HOH A . 
C 3 HOH 33 933 33  HOH HOH A . 
C 3 HOH 34 934 34  HOH HOH A . 
C 3 HOH 35 935 35  HOH HOH A . 
C 3 HOH 36 936 36  HOH HOH A . 
C 3 HOH 37 937 37  HOH HOH A . 
# 
loop_
_software.name 
_software.classification 
_software.version 
_software.citation_id 
_software.pdbx_ordinal 
ADSC   'data collection' Quantum  ? 1 
AMoRE  phasing           .        ? 2 
REFMAC refinement        5.7.0032 ? 3 
MOSFLM 'data reduction'  .        ? 4 
SCALA  'data scaling'    .        ? 5 
# 
_cell.entry_id           4NVP 
_cell.length_a           96.010 
_cell.length_b           96.010 
_cell.length_c           50.170 
_cell.angle_alpha        90.00 
_cell.angle_beta         90.00 
_cell.angle_gamma        90.00 
_cell.Z_PDB              8 
_cell.pdbx_unique_axis   ? 
_cell.length_a_esd       ? 
_cell.length_b_esd       ? 
_cell.length_c_esd       ? 
_cell.angle_alpha_esd    ? 
_cell.angle_beta_esd     ? 
_cell.angle_gamma_esd    ? 
# 
_symmetry.entry_id                         4NVP 
_symmetry.space_group_name_H-M             'P 4 21 2' 
_symmetry.pdbx_full_space_group_name_H-M   ? 
_symmetry.cell_setting                     ? 
_symmetry.Int_Tables_number                90 
_symmetry.space_group_name_Hall            ? 
# 
_exptl.entry_id          4NVP 
_exptl.method            'X-RAY DIFFRACTION' 
_exptl.crystals_number   1 
# 
_exptl_crystal.id                    1 
_exptl_crystal.density_meas          ? 
_exptl_crystal.density_Matthews      2.38 
_exptl_crystal.density_percent_sol   48.39 
_exptl_crystal.description           ? 
_exptl_crystal.F_000                 ? 
_exptl_crystal.preparation           ? 
# 
_exptl_crystal_grow.crystal_id      1 
_exptl_crystal_grow.method          'VAPOR DIFFUSION, SITTING DROP' 
_exptl_crystal_grow.temp            277 
_exptl_crystal_grow.temp_details    ? 
_exptl_crystal_grow.pH              8.0 
_exptl_crystal_grow.pdbx_details    
;HCN4 521-723 (10 mg mL-1) and 7-CH-cAMP 0.5mM were mixed in a 2:1 ratio with 100 mM TrisCl pH 8.0, 20 % PEG4000 (w/v), VAPOR DIFFUSION, SITTING DROP, temperature 277K
;
_exptl_crystal_grow.pdbx_pH_range   ? 
# 
_diffrn.id                     1 
_diffrn.ambient_temp           100 
_diffrn.ambient_temp_details   ? 
_diffrn.crystal_id             1 
# 
_diffrn_detector.diffrn_id              1 
_diffrn_detector.detector               CCD 
_diffrn_detector.type                   'MARMOSAIC 225 mm CCD' 
_diffrn_detector.pdbx_collection_date   2013-10-24 
_diffrn_detector.details                'bending magnet; bent collimating mirror and toroid' 
# 
_diffrn_radiation.diffrn_id                        1 
_diffrn_radiation.wavelength_id                    1 
_diffrn_radiation.pdbx_monochromatic_or_laue_m_l   M 
_diffrn_radiation.monochromator                    'Si(111) monochromator' 
_diffrn_radiation.pdbx_diffrn_protocol             'SINGLE WAVELENGTH' 
_diffrn_radiation.pdbx_scattering_type             x-ray 
# 
_diffrn_radiation_wavelength.id           1 
_diffrn_radiation_wavelength.wavelength   0.97372 
_diffrn_radiation_wavelength.wt           1.0 
# 
_diffrn_source.diffrn_id                   1 
_diffrn_source.source                      SYNCHROTRON 
_diffrn_source.type                        'ESRF BEAMLINE BM14' 
_diffrn_source.pdbx_synchrotron_site       ESRF 
_diffrn_source.pdbx_synchrotron_beamline   BM14 
_diffrn_source.pdbx_wavelength             ? 
_diffrn_source.pdbx_wavelength_list        0.97372 
# 
_reflns.entry_id                     4NVP 
_reflns.observed_criterion_sigma_I   5.0 
_reflns.observed_criterion_sigma_F   ? 
_reflns.d_resolution_low             50.17 
_reflns.d_resolution_high            2.5 
_reflns.number_obs                   8568 
_reflns.number_all                   8568 
_reflns.percent_possible_obs         100 
_reflns.pdbx_Rmerge_I_obs            0.08 
_reflns.pdbx_Rsym_value              ? 
_reflns.pdbx_netI_over_sigmaI        16.4 
_reflns.B_iso_Wilson_estimate        33.2 
_reflns.pdbx_redundancy              8.1 
_reflns.R_free_details               ? 
_reflns.limit_h_max                  ? 
_reflns.limit_h_min                  ? 
_reflns.limit_k_max                  ? 
_reflns.limit_k_min                  ? 
_reflns.limit_l_max                  ? 
_reflns.limit_l_min                  ? 
_reflns.observed_criterion_F_max     ? 
_reflns.observed_criterion_F_min     ? 
_reflns.pdbx_chi_squared             ? 
_reflns.pdbx_scaling_rejects         ? 
_reflns.pdbx_ordinal                 1 
_reflns.pdbx_diffrn_id               1 
# 
_reflns_shell.d_res_high             2.50 
_reflns_shell.d_res_low              2.64 
_reflns_shell.percent_possible_all   99.9 
_reflns_shell.Rmerge_I_obs           0.45 
_reflns_shell.pdbx_Rsym_value        ? 
_reflns_shell.meanI_over_sigI_obs    4.3 
_reflns_shell.pdbx_redundancy        7.7 
_reflns_shell.percent_possible_obs   ? 
_reflns_shell.number_unique_all      1215 
_reflns_shell.number_measured_all    ? 
_reflns_shell.number_measured_obs    ? 
_reflns_shell.number_unique_obs      ? 
_reflns_shell.pdbx_chi_squared       ? 
_reflns_shell.pdbx_ordinal           1 
_reflns_shell.pdbx_diffrn_id         1 
# 
_refine.entry_id                                 4NVP 
_refine.ls_number_reflns_obs                     8141 
_refine.ls_number_reflns_all                     8148 
_refine.pdbx_ls_sigma_I                          ? 
_refine.pdbx_ls_sigma_F                          ? 
_refine.pdbx_data_cutoff_high_absF               ? 
_refine.pdbx_data_cutoff_low_absF                ? 
_refine.pdbx_data_cutoff_high_rms_absF           ? 
_refine.ls_d_res_low                             44.47 
_refine.ls_d_res_high                            2.50 
_refine.ls_percent_reflns_obs                    99.92 
_refine.ls_R_factor_obs                          0.20117 
_refine.ls_R_factor_all                          ? 
_refine.ls_R_factor_R_work                       0.19799 
_refine.ls_R_factor_R_free                       0.27031 
_refine.ls_R_factor_R_free_error                 ? 
_refine.ls_R_factor_R_free_error_details         ? 
_refine.ls_percent_reflns_R_free                 4.8 
_refine.ls_number_reflns_R_free                  406 
_refine.ls_number_parameters                     ? 
_refine.ls_number_restraints                     ? 
_refine.occupancy_min                            ? 
_refine.occupancy_max                            ? 
_refine.correlation_coeff_Fo_to_Fc               0.942 
_refine.correlation_coeff_Fo_to_Fc_free          0.919 
_refine.B_iso_mean                               42.441 
_refine.aniso_B[1][1]                            -0.05 
_refine.aniso_B[2][2]                            -0.05 
_refine.aniso_B[3][3]                            0.10 
_refine.aniso_B[1][2]                            -0.00 
_refine.aniso_B[1][3]                            -0.00 
_refine.aniso_B[2][3]                            -0.00 
_refine.solvent_model_details                    MASK 
_refine.solvent_model_param_ksol                 ? 
_refine.solvent_model_param_bsol                 ? 
_refine.pdbx_solvent_vdw_probe_radii             1.20 
_refine.pdbx_solvent_ion_probe_radii             0.80 
_refine.pdbx_solvent_shrinkage_radii             0.80 
_refine.pdbx_ls_cross_valid_method               THROUGHOUT 
_refine.details                                  'HYDROGENS HAVE BEEN ADDED IN THE RIDING POSITIONS' 
_refine.pdbx_starting_model                      'PDB ENTRY 3U11_A' 
_refine.pdbx_method_to_determine_struct          'MOLECULAR REPLACEMENT' 
_refine.pdbx_isotropic_thermal_model             ? 
_refine.pdbx_stereochemistry_target_values       'MAXIMUM LIKELIHOOD' 
_refine.pdbx_stereochem_target_val_spec_case     ? 
_refine.pdbx_R_Free_selection_details            RANDOM 
_refine.pdbx_overall_ESU_R                       0.604 
_refine.pdbx_overall_ESU_R_Free                  0.317 
_refine.overall_SU_ML                            0.221 
_refine.pdbx_overall_phase_error                 ? 
_refine.overall_SU_B                             9.961 
_refine.overall_SU_R_Cruickshank_DPI             ? 
_refine.ls_redundancy_reflns_obs                 ? 
_refine.B_iso_min                                ? 
_refine.B_iso_max                                ? 
_refine.overall_SU_R_free                        ? 
_refine.ls_wR_factor_R_free                      ? 
_refine.ls_wR_factor_R_work                      ? 
_refine.overall_FOM_free_R_set                   ? 
_refine.overall_FOM_work_R_set                   ? 
_refine.pdbx_diffrn_id                           1 
_refine.pdbx_refine_id                           'X-RAY DIFFRACTION' 
_refine.pdbx_TLS_residual_ADP_flag               ? 
_refine.pdbx_overall_SU_R_free_Cruickshank_DPI   ? 
_refine.pdbx_overall_SU_R_Blow_DPI               ? 
_refine.pdbx_overall_SU_R_free_Blow_DPI          ? 
# 
_refine_hist.pdbx_refine_id                   'X-RAY DIFFRACTION' 
_refine_hist.cycle_id                         LAST 
_refine_hist.pdbx_number_atoms_protein        1661 
_refine_hist.pdbx_number_atoms_nucleic_acid   0 
_refine_hist.pdbx_number_atoms_ligand         22 
_refine_hist.number_atoms_solvent             37 
_refine_hist.number_atoms_total               1720 
_refine_hist.d_res_high                       2.50 
_refine_hist.d_res_low                        44.47 
# 
loop_
_refine_ls_restr.type 
_refine_ls_restr.dev_ideal 
_refine_ls_restr.dev_ideal_target 
_refine_ls_restr.weight 
_refine_ls_restr.number 
_refine_ls_restr.pdbx_restraint_function 
_refine_ls_restr.pdbx_refine_id 
r_bond_refined_d       0.011  0.019  ? 1738 ? 'X-RAY DIFFRACTION' 
r_bond_other_d         0.001  0.020  ? 1635 ? 'X-RAY DIFFRACTION' 
r_angle_refined_deg    1.504  1.981  ? 2343 ? 'X-RAY DIFFRACTION' 
r_angle_other_deg      0.780  3.000  ? 3762 ? 'X-RAY DIFFRACTION' 
r_dihedral_angle_1_deg 6.320  5.000  ? 204  ? 'X-RAY DIFFRACTION' 
r_dihedral_angle_2_deg 31.176 22.857 ? 91   ? 'X-RAY DIFFRACTION' 
r_dihedral_angle_3_deg 19.842 15.000 ? 318  ? 'X-RAY DIFFRACTION' 
r_dihedral_angle_4_deg 13.757 15.000 ? 18   ? 'X-RAY DIFFRACTION' 
r_chiral_restr         0.082  0.200  ? 244  ? 'X-RAY DIFFRACTION' 
r_gen_planes_refined   0.007  0.020  ? 1942 ? 'X-RAY DIFFRACTION' 
r_gen_planes_other     0.001  0.020  ? 431  ? 'X-RAY DIFFRACTION' 
r_mcbond_it            2.807  3.983  ? 807  ? 'X-RAY DIFFRACTION' 
r_mcbond_other         2.786  3.979  ? 806  ? 'X-RAY DIFFRACTION' 
r_mcangle_it           4.420  5.962  ? 1008 ? 'X-RAY DIFFRACTION' 
r_mcangle_other        4.421  5.969  ? 1009 ? 'X-RAY DIFFRACTION' 
r_scbond_it            3.600  4.376  ? 931  ? 'X-RAY DIFFRACTION' 
r_scbond_other         3.598  4.375  ? 932  ? 'X-RAY DIFFRACTION' 
r_scangle_other        5.814  6.349  ? 1334 ? 'X-RAY DIFFRACTION' 
r_long_range_B_refined 8.003  30.804 ? 1929 ? 'X-RAY DIFFRACTION' 
r_long_range_B_other   8.001  30.804 ? 1930 ? 'X-RAY DIFFRACTION' 
# 
_refine_ls_shell.pdbx_total_number_of_bins_used   20 
_refine_ls_shell.d_res_high                       2.500 
_refine_ls_shell.d_res_low                        2.565 
_refine_ls_shell.number_reflns_R_work             570 
_refine_ls_shell.R_factor_R_work                  0.285 
_refine_ls_shell.percent_reflns_obs               99.67 
_refine_ls_shell.R_factor_R_free                  0.425 
_refine_ls_shell.R_factor_R_free_error            ? 
_refine_ls_shell.percent_reflns_R_free            ? 
_refine_ls_shell.number_reflns_R_free             41 
_refine_ls_shell.number_reflns_all                ? 
_refine_ls_shell.R_factor_all                     ? 
_refine_ls_shell.number_reflns_obs                ? 
_refine_ls_shell.redundancy_reflns_obs            ? 
_refine_ls_shell.pdbx_refine_id                   'X-RAY DIFFRACTION' 
# 
_struct.entry_id                  4NVP 
_struct.title                     'Structure of the cyclic nucleotide-binding domain of HCN4 channel complexed with 7-CH-cAMP' 
_struct.pdbx_model_details        ? 
_struct.pdbx_CASP_flag            ? 
_struct.pdbx_model_type_details   ? 
# 
_struct_keywords.entry_id        4NVP 
_struct_keywords.pdbx_keywords   'TRANSPORT PROTEIN' 
_struct_keywords.text            
;cyclic nucleotide binding domain, Potassium/sodium hyperpolarization-activated cyclic nucleotide-gated channel, cytoplasmic domain, TRANSPORT PROTEIN
;
# 
loop_
_struct_asym.id 
_struct_asym.pdbx_blank_PDB_chainid_flag 
_struct_asym.pdbx_modified 
_struct_asym.entity_id 
_struct_asym.details 
A N N 1 ? 
B N N 2 ? 
C N N 3 ? 
# 
_struct_ref.id                         1 
_struct_ref.db_name                    UNP 
_struct_ref.db_code                    HCN4_HUMAN 
_struct_ref.pdbx_db_accession          Q9Y3Q4 
_struct_ref.entity_id                  1 
_struct_ref.pdbx_seq_one_letter_code   
;DSSRRQYQEKYKQVEQYMSFHKLPPDTRQRIHDYYEHRYQGKMFDEESILGELSEPLREEIINFNCRKLVASMPLFANAD
PNFVTSMLTKLRFEVFQPGDYIIREGTIGKKMYFIQHGVVSVLTKGNKETKLADGSYFGEICLLTRGRRTASVRADTYCR
LYSLSVDNFNEVLEEYPMMRRAFETVALDRLDRIGKKNSILLH
;
_struct_ref.pdbx_align_begin           521 
_struct_ref.pdbx_db_isoform            ? 
# 
_struct_ref_seq.align_id                      1 
_struct_ref_seq.ref_id                        1 
_struct_ref_seq.pdbx_PDB_id_code              4NVP 
_struct_ref_seq.pdbx_strand_id                A 
_struct_ref_seq.seq_align_beg                 7 
_struct_ref_seq.pdbx_seq_align_beg_ins_code   ? 
_struct_ref_seq.seq_align_end                 209 
_struct_ref_seq.pdbx_seq_align_end_ins_code   ? 
_struct_ref_seq.pdbx_db_accession             Q9Y3Q4 
_struct_ref_seq.db_align_beg                  521 
_struct_ref_seq.pdbx_db_align_beg_ins_code    ? 
_struct_ref_seq.db_align_end                  723 
_struct_ref_seq.pdbx_db_align_end_ins_code    ? 
_struct_ref_seq.pdbx_auth_seq_align_beg       521 
_struct_ref_seq.pdbx_auth_seq_align_end       723 
# 
loop_
_struct_ref_seq_dif.align_id 
_struct_ref_seq_dif.pdbx_pdb_id_code 
_struct_ref_seq_dif.mon_id 
_struct_ref_seq_dif.pdbx_pdb_strand_id 
_struct_ref_seq_dif.seq_num 
_struct_ref_seq_dif.pdbx_pdb_ins_code 
_struct_ref_seq_dif.pdbx_seq_db_name 
_struct_ref_seq_dif.pdbx_seq_db_accession_code 
_struct_ref_seq_dif.db_mon_id 
_struct_ref_seq_dif.pdbx_seq_db_seq_num 
_struct_ref_seq_dif.details 
_struct_ref_seq_dif.pdbx_auth_seq_num 
_struct_ref_seq_dif.pdbx_ordinal 
1 4NVP GLY A 1 ? UNP Q9Y3Q4 ? ? 'expression tag' 515 1 
1 4NVP PRO A 2 ? UNP Q9Y3Q4 ? ? 'expression tag' 516 2 
1 4NVP SER A 3 ? UNP Q9Y3Q4 ? ? 'expression tag' 517 3 
1 4NVP SER A 4 ? UNP Q9Y3Q4 ? ? 'expression tag' 518 4 
1 4NVP PRO A 5 ? UNP Q9Y3Q4 ? ? 'expression tag' 519 5 
1 4NVP MET A 6 ? UNP Q9Y3Q4 ? ? 'expression tag' 520 6 
# 
_pdbx_struct_assembly.id                   1 
_pdbx_struct_assembly.details              author_and_software_defined_assembly 
_pdbx_struct_assembly.method_details       PISA 
_pdbx_struct_assembly.oligomeric_details   tetrameric 
_pdbx_struct_assembly.oligomeric_count     4 
# 
loop_
_pdbx_struct_assembly_prop.biol_id 
_pdbx_struct_assembly_prop.type 
_pdbx_struct_assembly_prop.value 
_pdbx_struct_assembly_prop.details 
1 'ABSA (A^2)' 8990  ? 
1 MORE         -35   ? 
1 'SSA (A^2)'  39160 ? 
# 
_pdbx_struct_assembly_gen.assembly_id       1 
_pdbx_struct_assembly_gen.oper_expression   1,2,3,4 
_pdbx_struct_assembly_gen.asym_id_list      A,B,C 
# 
loop_
_pdbx_struct_oper_list.id 
_pdbx_struct_oper_list.type 
_pdbx_struct_oper_list.name 
_pdbx_struct_oper_list.symmetry_operation 
_pdbx_struct_oper_list.matrix[1][1] 
_pdbx_struct_oper_list.matrix[1][2] 
_pdbx_struct_oper_list.matrix[1][3] 
_pdbx_struct_oper_list.vector[1] 
_pdbx_struct_oper_list.matrix[2][1] 
_pdbx_struct_oper_list.matrix[2][2] 
_pdbx_struct_oper_list.matrix[2][3] 
_pdbx_struct_oper_list.vector[2] 
_pdbx_struct_oper_list.matrix[3][1] 
_pdbx_struct_oper_list.matrix[3][2] 
_pdbx_struct_oper_list.matrix[3][3] 
_pdbx_struct_oper_list.vector[3] 
1 'identity operation'         1_555 x,y,z          1.0000000000  0.0000000000 0.0000000000  0.0000000000   0.0000000000 1.0000000000 0.0000000000  0.0000000000  0.0000000000  0.0000000000  1.0000000000  0.0000000000  
2 'crystal symmetry operation' 2_565 -x,-y+1,z      -0.8893735726 0.4487333554 0.0874815644  -15.9625109588 0.4487333554 0.8201945863 0.3548509776  -4.5153749081 0.0874815644  0.3548509776  -0.9308210137 43.3471317120 
3 'crystal symmetry operation' 3_555 -y+1/2,x+1/2,z 0.0553132137  0.4103491853 -0.9102494133 13.1150042234  0.0383841701 0.9100972932 0.4126131027  -8.8394155992 0.9977309777  -0.0577621250 0.0345894931  28.7566252062 
4 'crystal symmetry operation' 4_455 y-1/2,-x+1/2,z 0.0553132137  0.0383841701 0.9977309777  -29.0775151822 0.4103491853 0.9100972932 -0.0577621250 4.3240406911  -0.9102494133 0.4126131027  0.0345894931  14.5905065058 
# 
_struct_biol.id        1 
_struct_biol.details   ? 
# 
loop_
_struct_conf.conf_type_id 
_struct_conf.id 
_struct_conf.pdbx_PDB_helix_id 
_struct_conf.beg_label_comp_id 
_struct_conf.beg_label_asym_id 
_struct_conf.beg_label_seq_id 
_struct_conf.pdbx_beg_PDB_ins_code 
_struct_conf.end_label_comp_id 
_struct_conf.end_label_asym_id 
_struct_conf.end_label_seq_id 
_struct_conf.pdbx_end_PDB_ins_code 
_struct_conf.beg_auth_comp_id 
_struct_conf.beg_auth_asym_id 
_struct_conf.beg_auth_seq_id 
_struct_conf.end_auth_comp_id 
_struct_conf.end_auth_asym_id 
_struct_conf.end_auth_seq_id 
_struct_conf.pdbx_PDB_helix_class 
_struct_conf.details 
_struct_conf.pdbx_PDB_helix_length 
HELX_P HELX_P1  1  ASP A 7   ? HIS A 27  ? ASP A 521 HIS A 541 1 ? 21 
HELX_P HELX_P2  2  PRO A 30  ? GLN A 46  ? PRO A 544 GLN A 560 1 ? 17 
HELX_P HELX_P3  3  ASP A 51  ? LEU A 59  ? ASP A 565 LEU A 573 1 ? 9  
HELX_P HELX_P4  4  SER A 60  ? CSO A 72  ? SER A 574 CSO A 586 1 ? 13 
HELX_P HELX_P5  5  CSO A 72  ? MET A 79  ? CSO A 586 MET A 593 1 ? 8  
HELX_P HELX_P6  6  MET A 79  ? ASN A 84  ? MET A 593 ASN A 598 1 ? 6  
HELX_P HELX_P7  7  ASP A 86  ? THR A 95  ? ASP A 600 THR A 609 1 ? 10 
HELX_P HELX_P8  8  GLU A 146 ? ARG A 152 ? GLU A 660 ARG A 666 1 ? 7  
HELX_P HELX_P9  9  VAL A 172 ? TYR A 182 ? VAL A 686 TYR A 696 1 ? 11 
HELX_P HELX_P10 10 TYR A 182 ? ILE A 200 ? TYR A 696 ILE A 714 1 ? 19 
# 
_struct_conf_type.id          HELX_P 
_struct_conf_type.criteria    ? 
_struct_conf_type.reference   ? 
# 
loop_
_struct_conn.id 
_struct_conn.conn_type_id 
_struct_conn.pdbx_leaving_atom_flag 
_struct_conn.pdbx_PDB_id 
_struct_conn.ptnr1_label_asym_id 
_struct_conn.ptnr1_label_comp_id 
_struct_conn.ptnr1_label_seq_id 
_struct_conn.ptnr1_label_atom_id 
_struct_conn.pdbx_ptnr1_label_alt_id 
_struct_conn.pdbx_ptnr1_PDB_ins_code 
_struct_conn.pdbx_ptnr1_standard_comp_id 
_struct_conn.ptnr1_symmetry 
_struct_conn.ptnr2_label_asym_id 
_struct_conn.ptnr2_label_comp_id 
_struct_conn.ptnr2_label_seq_id 
_struct_conn.ptnr2_label_atom_id 
_struct_conn.pdbx_ptnr2_label_alt_id 
_struct_conn.pdbx_ptnr2_PDB_ins_code 
_struct_conn.ptnr1_auth_asym_id 
_struct_conn.ptnr1_auth_comp_id 
_struct_conn.ptnr1_auth_seq_id 
_struct_conn.ptnr2_auth_asym_id 
_struct_conn.ptnr2_auth_comp_id 
_struct_conn.ptnr2_auth_seq_id 
_struct_conn.ptnr2_symmetry 
_struct_conn.pdbx_ptnr3_label_atom_id 
_struct_conn.pdbx_ptnr3_label_seq_id 
_struct_conn.pdbx_ptnr3_label_comp_id 
_struct_conn.pdbx_ptnr3_label_asym_id 
_struct_conn.pdbx_ptnr3_label_alt_id 
_struct_conn.pdbx_ptnr3_PDB_ins_code 
_struct_conn.details 
_struct_conn.pdbx_dist_value 
_struct_conn.pdbx_value_order 
_struct_conn.pdbx_role 
covale1 covale both ? A ASN 71 C ? ? ? 1_555 A CSO 72 N ? ? A ASN 585 A CSO 586 1_555 ? ? ? ? ? ? ? 1.318 ? ? 
covale2 covale both ? A CSO 72 C ? ? ? 1_555 A ARG 73 N ? ? A CSO 586 A ARG 587 1_555 ? ? ? ? ? ? ? 1.332 ? ? 
# 
_struct_conn_type.id          covale 
_struct_conn_type.criteria    ? 
_struct_conn_type.reference   ? 
# 
_pdbx_modification_feature.ordinal                            1 
_pdbx_modification_feature.label_comp_id                      CSO 
_pdbx_modification_feature.label_asym_id                      A 
_pdbx_modification_feature.label_seq_id                       72 
_pdbx_modification_feature.label_alt_id                       ? 
_pdbx_modification_feature.modified_residue_label_comp_id     . 
_pdbx_modification_feature.modified_residue_label_asym_id     . 
_pdbx_modification_feature.modified_residue_label_seq_id      . 
_pdbx_modification_feature.modified_residue_label_alt_id      . 
_pdbx_modification_feature.auth_comp_id                       CSO 
_pdbx_modification_feature.auth_asym_id                       A 
_pdbx_modification_feature.auth_seq_id                        586 
_pdbx_modification_feature.PDB_ins_code                       ? 
_pdbx_modification_feature.symmetry                           1_555 
_pdbx_modification_feature.modified_residue_auth_comp_id      . 
_pdbx_modification_feature.modified_residue_auth_asym_id      . 
_pdbx_modification_feature.modified_residue_auth_seq_id       . 
_pdbx_modification_feature.modified_residue_PDB_ins_code      . 
_pdbx_modification_feature.modified_residue_symmetry          . 
_pdbx_modification_feature.comp_id_linking_atom               . 
_pdbx_modification_feature.modified_residue_id_linking_atom   . 
_pdbx_modification_feature.modified_residue_id                CYS 
_pdbx_modification_feature.ref_pcm_id                         1 
_pdbx_modification_feature.ref_comp_id                        CSO 
_pdbx_modification_feature.type                               Hydroxylation 
_pdbx_modification_feature.category                           'Named protein modification' 
# 
loop_
_struct_sheet.id 
_struct_sheet.type 
_struct_sheet.number_strands 
_struct_sheet.details 
A ? 4 ? 
B ? 4 ? 
# 
loop_
_struct_sheet_order.sheet_id 
_struct_sheet_order.range_id_1 
_struct_sheet_order.range_id_2 
_struct_sheet_order.offset 
_struct_sheet_order.sense 
A 1 2 ? anti-parallel 
A 2 3 ? anti-parallel 
A 3 4 ? anti-parallel 
B 1 2 ? anti-parallel 
B 2 3 ? anti-parallel 
B 3 4 ? anti-parallel 
# 
loop_
_struct_sheet_range.sheet_id 
_struct_sheet_range.id 
_struct_sheet_range.beg_label_comp_id 
_struct_sheet_range.beg_label_asym_id 
_struct_sheet_range.beg_label_seq_id 
_struct_sheet_range.pdbx_beg_PDB_ins_code 
_struct_sheet_range.end_label_comp_id 
_struct_sheet_range.end_label_asym_id 
_struct_sheet_range.end_label_seq_id 
_struct_sheet_range.pdbx_end_PDB_ins_code 
_struct_sheet_range.beg_auth_comp_id 
_struct_sheet_range.beg_auth_asym_id 
_struct_sheet_range.beg_auth_seq_id 
_struct_sheet_range.end_auth_comp_id 
_struct_sheet_range.end_auth_asym_id 
_struct_sheet_range.end_auth_seq_id 
A 1 ARG A 98  ? PHE A 102 ? ARG A 612 PHE A 616 
A 2 CYS A 165 ? SER A 171 ? CYS A 679 SER A 685 
A 3 LYS A 117 ? HIS A 123 ? LYS A 631 HIS A 637 
A 4 TYR A 143 ? PHE A 144 ? TYR A 657 PHE A 658 
B 1 TYR A 107 ? ILE A 109 ? TYR A 621 ILE A 623 
B 2 SER A 158 ? ALA A 161 ? SER A 672 ALA A 675 
B 3 VAL A 125 ? LEU A 129 ? VAL A 639 LEU A 643 
B 4 GLU A 135 ? ALA A 139 ? GLU A 649 ALA A 653 
# 
loop_
_pdbx_struct_sheet_hbond.sheet_id 
_pdbx_struct_sheet_hbond.range_id_1 
_pdbx_struct_sheet_hbond.range_id_2 
_pdbx_struct_sheet_hbond.range_1_label_atom_id 
_pdbx_struct_sheet_hbond.range_1_label_comp_id 
_pdbx_struct_sheet_hbond.range_1_label_asym_id 
_pdbx_struct_sheet_hbond.range_1_label_seq_id 
_pdbx_struct_sheet_hbond.range_1_PDB_ins_code 
_pdbx_struct_sheet_hbond.range_1_auth_atom_id 
_pdbx_struct_sheet_hbond.range_1_auth_comp_id 
_pdbx_struct_sheet_hbond.range_1_auth_asym_id 
_pdbx_struct_sheet_hbond.range_1_auth_seq_id 
_pdbx_struct_sheet_hbond.range_2_label_atom_id 
_pdbx_struct_sheet_hbond.range_2_label_comp_id 
_pdbx_struct_sheet_hbond.range_2_label_asym_id 
_pdbx_struct_sheet_hbond.range_2_label_seq_id 
_pdbx_struct_sheet_hbond.range_2_PDB_ins_code 
_pdbx_struct_sheet_hbond.range_2_auth_atom_id 
_pdbx_struct_sheet_hbond.range_2_auth_comp_id 
_pdbx_struct_sheet_hbond.range_2_auth_asym_id 
_pdbx_struct_sheet_hbond.range_2_auth_seq_id 
A 1 2 N GLU A 100 ? N GLU A 614 O LEU A 167 ? O LEU A 681 
A 2 3 O ARG A 166 ? O ARG A 680 N HIS A 123 ? N HIS A 637 
A 3 4 N TYR A 119 ? N TYR A 633 O PHE A 144 ? O PHE A 658 
B 1 2 N ILE A 109 ? N ILE A 623 O VAL A 159 ? O VAL A 673 
B 2 3 O ARG A 160 ? O ARG A 674 N SER A 127 ? N SER A 641 
B 3 4 N VAL A 126 ? N VAL A 640 O LEU A 138 ? O LEU A 652 
# 
_struct_site.id                   AC1 
_struct_site.pdbx_evidence_code   Software 
_struct_site.pdbx_auth_asym_id    A 
_struct_site.pdbx_auth_comp_id    7CH 
_struct_site.pdbx_auth_seq_id     800 
_struct_site.pdbx_auth_ins_code   ? 
_struct_site.pdbx_num_residues    10 
_struct_site.details              'BINDING SITE FOR RESIDUE 7CH A 800' 
# 
loop_
_struct_site_gen.id 
_struct_site_gen.site_id 
_struct_site_gen.pdbx_num_res 
_struct_site_gen.label_comp_id 
_struct_site_gen.label_asym_id 
_struct_site_gen.label_seq_id 
_struct_site_gen.pdbx_auth_ins_code 
_struct_site_gen.auth_comp_id 
_struct_site_gen.auth_asym_id 
_struct_site_gen.auth_seq_id 
_struct_site_gen.label_atom_id 
_struct_site_gen.label_alt_id 
_struct_site_gen.symmetry 
_struct_site_gen.details 
1  AC1 10 PHE A 144 ? PHE A 658 . ? 1_555 ? 
2  AC1 10 GLY A 145 ? GLY A 659 . ? 1_555 ? 
3  AC1 10 GLU A 146 ? GLU A 660 . ? 1_555 ? 
4  AC1 10 ILE A 147 ? ILE A 661 . ? 1_555 ? 
5  AC1 10 CYS A 148 ? CYS A 662 . ? 1_555 ? 
6  AC1 10 ARG A 155 ? ARG A 669 . ? 1_555 ? 
7  AC1 10 THR A 156 ? THR A 670 . ? 1_555 ? 
8  AC1 10 ALA A 157 ? ALA A 671 . ? 1_555 ? 
9  AC1 10 ARG A 196 ? ARG A 710 . ? 1_555 ? 
10 AC1 10 ILE A 200 ? ILE A 714 . ? 1_555 ? 
# 
_pdbx_entry_details.entry_id                   4NVP 
_pdbx_entry_details.compound_details           ? 
_pdbx_entry_details.source_details             ? 
_pdbx_entry_details.nonpolymer_details         ? 
_pdbx_entry_details.sequence_details           ? 
_pdbx_entry_details.has_ligand_of_interest     ? 
_pdbx_entry_details.has_protein_modification   Y 
# 
_pdbx_validate_torsion.id              1 
_pdbx_validate_torsion.PDB_model_num   1 
_pdbx_validate_torsion.auth_comp_id    ASP 
_pdbx_validate_torsion.auth_asym_id    A 
_pdbx_validate_torsion.auth_seq_id     654 
_pdbx_validate_torsion.PDB_ins_code    ? 
_pdbx_validate_torsion.label_alt_id    ? 
_pdbx_validate_torsion.phi             -33.88 
_pdbx_validate_torsion.psi             126.20 
# 
_pdbx_struct_mod_residue.id               1 
_pdbx_struct_mod_residue.label_asym_id    A 
_pdbx_struct_mod_residue.label_comp_id    CSO 
_pdbx_struct_mod_residue.label_seq_id     72 
_pdbx_struct_mod_residue.auth_asym_id     A 
_pdbx_struct_mod_residue.auth_comp_id     CSO 
_pdbx_struct_mod_residue.auth_seq_id      586 
_pdbx_struct_mod_residue.PDB_ins_code     ? 
_pdbx_struct_mod_residue.parent_comp_id   CYS 
_pdbx_struct_mod_residue.details          S-HYDROXYCYSTEINE 
# 
_pdbx_struct_special_symmetry.id              1 
_pdbx_struct_special_symmetry.PDB_model_num   1 
_pdbx_struct_special_symmetry.auth_asym_id    A 
_pdbx_struct_special_symmetry.auth_comp_id    HOH 
_pdbx_struct_special_symmetry.auth_seq_id     934 
_pdbx_struct_special_symmetry.PDB_ins_code    ? 
_pdbx_struct_special_symmetry.label_asym_id   C 
_pdbx_struct_special_symmetry.label_comp_id   HOH 
_pdbx_struct_special_symmetry.label_seq_id    . 
# 
loop_
_pdbx_unobs_or_zero_occ_residues.id 
_pdbx_unobs_or_zero_occ_residues.PDB_model_num 
_pdbx_unobs_or_zero_occ_residues.polymer_flag 
_pdbx_unobs_or_zero_occ_residues.occupancy_flag 
_pdbx_unobs_or_zero_occ_residues.auth_asym_id 
_pdbx_unobs_or_zero_occ_residues.auth_comp_id 
_pdbx_unobs_or_zero_occ_residues.auth_seq_id 
_pdbx_unobs_or_zero_occ_residues.PDB_ins_code 
_pdbx_unobs_or_zero_occ_residues.label_asym_id 
_pdbx_unobs_or_zero_occ_residues.label_comp_id 
_pdbx_unobs_or_zero_occ_residues.label_seq_id 
1 1 Y 1 A GLY 515 ? A GLY 1   
2 1 Y 1 A PRO 516 ? A PRO 2   
3 1 Y 1 A SER 517 ? A SER 3   
4 1 Y 1 A SER 719 ? A SER 205 
5 1 Y 1 A ILE 720 ? A ILE 206 
6 1 Y 1 A LEU 721 ? A LEU 207 
7 1 Y 1 A LEU 722 ? A LEU 208 
8 1 Y 1 A HIS 723 ? A HIS 209 
# 
loop_
_chem_comp_atom.comp_id 
_chem_comp_atom.atom_id 
_chem_comp_atom.type_symbol 
_chem_comp_atom.pdbx_aromatic_flag 
_chem_comp_atom.pdbx_stereo_config 
_chem_comp_atom.pdbx_ordinal 
7CH O2P   O N N 1   
7CH P     P N N 2   
7CH O1P   O N N 3   
7CH "O3'" O N N 4   
7CH "C3'" C N S 5   
7CH "C4'" C N R 6   
7CH "C5'" C N N 7   
7CH "O5'" O N N 8   
7CH "C2'" C N R 9   
7CH "O2'" O N N 10  
7CH "C1'" C N R 11  
7CH "O4'" O N N 12  
7CH N9    N Y N 13  
7CH C4    C Y N 14  
7CH C5    C Y N 15  
7CH C7    C Y N 16  
7CH C8    C Y N 17  
7CH N3    N Y N 18  
7CH C2    C Y N 19  
7CH N1    N Y N 20  
7CH C6    C Y N 21  
7CH N6    N N N 22  
7CH H1    H N N 23  
7CH H2    H N N 24  
7CH H3    H N N 25  
7CH H4    H N N 26  
7CH H5    H N N 27  
7CH H6    H N N 28  
7CH H7    H N N 29  
7CH H8    H N N 30  
7CH H9    H N N 31  
7CH H10   H N N 32  
7CH H11   H N N 33  
7CH H12   H N N 34  
7CH H13   H N N 35  
ALA N     N N N 36  
ALA CA    C N S 37  
ALA C     C N N 38  
ALA O     O N N 39  
ALA CB    C N N 40  
ALA OXT   O N N 41  
ALA H     H N N 42  
ALA H2    H N N 43  
ALA HA    H N N 44  
ALA HB1   H N N 45  
ALA HB2   H N N 46  
ALA HB3   H N N 47  
ALA HXT   H N N 48  
ARG N     N N N 49  
ARG CA    C N S 50  
ARG C     C N N 51  
ARG O     O N N 52  
ARG CB    C N N 53  
ARG CG    C N N 54  
ARG CD    C N N 55  
ARG NE    N N N 56  
ARG CZ    C N N 57  
ARG NH1   N N N 58  
ARG NH2   N N N 59  
ARG OXT   O N N 60  
ARG H     H N N 61  
ARG H2    H N N 62  
ARG HA    H N N 63  
ARG HB2   H N N 64  
ARG HB3   H N N 65  
ARG HG2   H N N 66  
ARG HG3   H N N 67  
ARG HD2   H N N 68  
ARG HD3   H N N 69  
ARG HE    H N N 70  
ARG HH11  H N N 71  
ARG HH12  H N N 72  
ARG HH21  H N N 73  
ARG HH22  H N N 74  
ARG HXT   H N N 75  
ASN N     N N N 76  
ASN CA    C N S 77  
ASN C     C N N 78  
ASN O     O N N 79  
ASN CB    C N N 80  
ASN CG    C N N 81  
ASN OD1   O N N 82  
ASN ND2   N N N 83  
ASN OXT   O N N 84  
ASN H     H N N 85  
ASN H2    H N N 86  
ASN HA    H N N 87  
ASN HB2   H N N 88  
ASN HB3   H N N 89  
ASN HD21  H N N 90  
ASN HD22  H N N 91  
ASN HXT   H N N 92  
ASP N     N N N 93  
ASP CA    C N S 94  
ASP C     C N N 95  
ASP O     O N N 96  
ASP CB    C N N 97  
ASP CG    C N N 98  
ASP OD1   O N N 99  
ASP OD2   O N N 100 
ASP OXT   O N N 101 
ASP H     H N N 102 
ASP H2    H N N 103 
ASP HA    H N N 104 
ASP HB2   H N N 105 
ASP HB3   H N N 106 
ASP HD2   H N N 107 
ASP HXT   H N N 108 
CSO N     N N N 109 
CSO CA    C N R 110 
CSO CB    C N N 111 
CSO SG    S N N 112 
CSO C     C N N 113 
CSO O     O N N 114 
CSO OXT   O N N 115 
CSO OD    O N N 116 
CSO H     H N N 117 
CSO H2    H N N 118 
CSO HA    H N N 119 
CSO HB2   H N N 120 
CSO HB3   H N N 121 
CSO HXT   H N N 122 
CSO HD    H N N 123 
CYS N     N N N 124 
CYS CA    C N R 125 
CYS C     C N N 126 
CYS O     O N N 127 
CYS CB    C N N 128 
CYS SG    S N N 129 
CYS OXT   O N N 130 
CYS H     H N N 131 
CYS H2    H N N 132 
CYS HA    H N N 133 
CYS HB2   H N N 134 
CYS HB3   H N N 135 
CYS HG    H N N 136 
CYS HXT   H N N 137 
GLN N     N N N 138 
GLN CA    C N S 139 
GLN C     C N N 140 
GLN O     O N N 141 
GLN CB    C N N 142 
GLN CG    C N N 143 
GLN CD    C N N 144 
GLN OE1   O N N 145 
GLN NE2   N N N 146 
GLN OXT   O N N 147 
GLN H     H N N 148 
GLN H2    H N N 149 
GLN HA    H N N 150 
GLN HB2   H N N 151 
GLN HB3   H N N 152 
GLN HG2   H N N 153 
GLN HG3   H N N 154 
GLN HE21  H N N 155 
GLN HE22  H N N 156 
GLN HXT   H N N 157 
GLU N     N N N 158 
GLU CA    C N S 159 
GLU C     C N N 160 
GLU O     O N N 161 
GLU CB    C N N 162 
GLU CG    C N N 163 
GLU CD    C N N 164 
GLU OE1   O N N 165 
GLU OE2   O N N 166 
GLU OXT   O N N 167 
GLU H     H N N 168 
GLU H2    H N N 169 
GLU HA    H N N 170 
GLU HB2   H N N 171 
GLU HB3   H N N 172 
GLU HG2   H N N 173 
GLU HG3   H N N 174 
GLU HE2   H N N 175 
GLU HXT   H N N 176 
GLY N     N N N 177 
GLY CA    C N N 178 
GLY C     C N N 179 
GLY O     O N N 180 
GLY OXT   O N N 181 
GLY H     H N N 182 
GLY H2    H N N 183 
GLY HA2   H N N 184 
GLY HA3   H N N 185 
GLY HXT   H N N 186 
HIS N     N N N 187 
HIS CA    C N S 188 
HIS C     C N N 189 
HIS O     O N N 190 
HIS CB    C N N 191 
HIS CG    C Y N 192 
HIS ND1   N Y N 193 
HIS CD2   C Y N 194 
HIS CE1   C Y N 195 
HIS NE2   N Y N 196 
HIS OXT   O N N 197 
HIS H     H N N 198 
HIS H2    H N N 199 
HIS HA    H N N 200 
HIS HB2   H N N 201 
HIS HB3   H N N 202 
HIS HD1   H N N 203 
HIS HD2   H N N 204 
HIS HE1   H N N 205 
HIS HE2   H N N 206 
HIS HXT   H N N 207 
HOH O     O N N 208 
HOH H1    H N N 209 
HOH H2    H N N 210 
ILE N     N N N 211 
ILE CA    C N S 212 
ILE C     C N N 213 
ILE O     O N N 214 
ILE CB    C N S 215 
ILE CG1   C N N 216 
ILE CG2   C N N 217 
ILE CD1   C N N 218 
ILE OXT   O N N 219 
ILE H     H N N 220 
ILE H2    H N N 221 
ILE HA    H N N 222 
ILE HB    H N N 223 
ILE HG12  H N N 224 
ILE HG13  H N N 225 
ILE HG21  H N N 226 
ILE HG22  H N N 227 
ILE HG23  H N N 228 
ILE HD11  H N N 229 
ILE HD12  H N N 230 
ILE HD13  H N N 231 
ILE HXT   H N N 232 
LEU N     N N N 233 
LEU CA    C N S 234 
LEU C     C N N 235 
LEU O     O N N 236 
LEU CB    C N N 237 
LEU CG    C N N 238 
LEU CD1   C N N 239 
LEU CD2   C N N 240 
LEU OXT   O N N 241 
LEU H     H N N 242 
LEU H2    H N N 243 
LEU HA    H N N 244 
LEU HB2   H N N 245 
LEU HB3   H N N 246 
LEU HG    H N N 247 
LEU HD11  H N N 248 
LEU HD12  H N N 249 
LEU HD13  H N N 250 
LEU HD21  H N N 251 
LEU HD22  H N N 252 
LEU HD23  H N N 253 
LEU HXT   H N N 254 
LYS N     N N N 255 
LYS CA    C N S 256 
LYS C     C N N 257 
LYS O     O N N 258 
LYS CB    C N N 259 
LYS CG    C N N 260 
LYS CD    C N N 261 
LYS CE    C N N 262 
LYS NZ    N N N 263 
LYS OXT   O N N 264 
LYS H     H N N 265 
LYS H2    H N N 266 
LYS HA    H N N 267 
LYS HB2   H N N 268 
LYS HB3   H N N 269 
LYS HG2   H N N 270 
LYS HG3   H N N 271 
LYS HD2   H N N 272 
LYS HD3   H N N 273 
LYS HE2   H N N 274 
LYS HE3   H N N 275 
LYS HZ1   H N N 276 
LYS HZ2   H N N 277 
LYS HZ3   H N N 278 
LYS HXT   H N N 279 
MET N     N N N 280 
MET CA    C N S 281 
MET C     C N N 282 
MET O     O N N 283 
MET CB    C N N 284 
MET CG    C N N 285 
MET SD    S N N 286 
MET CE    C N N 287 
MET OXT   O N N 288 
MET H     H N N 289 
MET H2    H N N 290 
MET HA    H N N 291 
MET HB2   H N N 292 
MET HB3   H N N 293 
MET HG2   H N N 294 
MET HG3   H N N 295 
MET HE1   H N N 296 
MET HE2   H N N 297 
MET HE3   H N N 298 
MET HXT   H N N 299 
PHE N     N N N 300 
PHE CA    C N S 301 
PHE C     C N N 302 
PHE O     O N N 303 
PHE CB    C N N 304 
PHE CG    C Y N 305 
PHE CD1   C Y N 306 
PHE CD2   C Y N 307 
PHE CE1   C Y N 308 
PHE CE2   C Y N 309 
PHE CZ    C Y N 310 
PHE OXT   O N N 311 
PHE H     H N N 312 
PHE H2    H N N 313 
PHE HA    H N N 314 
PHE HB2   H N N 315 
PHE HB3   H N N 316 
PHE HD1   H N N 317 
PHE HD2   H N N 318 
PHE HE1   H N N 319 
PHE HE2   H N N 320 
PHE HZ    H N N 321 
PHE HXT   H N N 322 
PRO N     N N N 323 
PRO CA    C N S 324 
PRO C     C N N 325 
PRO O     O N N 326 
PRO CB    C N N 327 
PRO CG    C N N 328 
PRO CD    C N N 329 
PRO OXT   O N N 330 
PRO H     H N N 331 
PRO HA    H N N 332 
PRO HB2   H N N 333 
PRO HB3   H N N 334 
PRO HG2   H N N 335 
PRO HG3   H N N 336 
PRO HD2   H N N 337 
PRO HD3   H N N 338 
PRO HXT   H N N 339 
SER N     N N N 340 
SER CA    C N S 341 
SER C     C N N 342 
SER O     O N N 343 
SER CB    C N N 344 
SER OG    O N N 345 
SER OXT   O N N 346 
SER H     H N N 347 
SER H2    H N N 348 
SER HA    H N N 349 
SER HB2   H N N 350 
SER HB3   H N N 351 
SER HG    H N N 352 
SER HXT   H N N 353 
THR N     N N N 354 
THR CA    C N S 355 
THR C     C N N 356 
THR O     O N N 357 
THR CB    C N R 358 
THR OG1   O N N 359 
THR CG2   C N N 360 
THR OXT   O N N 361 
THR H     H N N 362 
THR H2    H N N 363 
THR HA    H N N 364 
THR HB    H N N 365 
THR HG1   H N N 366 
THR HG21  H N N 367 
THR HG22  H N N 368 
THR HG23  H N N 369 
THR HXT   H N N 370 
TYR N     N N N 371 
TYR CA    C N S 372 
TYR C     C N N 373 
TYR O     O N N 374 
TYR CB    C N N 375 
TYR CG    C Y N 376 
TYR CD1   C Y N 377 
TYR CD2   C Y N 378 
TYR CE1   C Y N 379 
TYR CE2   C Y N 380 
TYR CZ    C Y N 381 
TYR OH    O N N 382 
TYR OXT   O N N 383 
TYR H     H N N 384 
TYR H2    H N N 385 
TYR HA    H N N 386 
TYR HB2   H N N 387 
TYR HB3   H N N 388 
TYR HD1   H N N 389 
TYR HD2   H N N 390 
TYR HE1   H N N 391 
TYR HE2   H N N 392 
TYR HH    H N N 393 
TYR HXT   H N N 394 
VAL N     N N N 395 
VAL CA    C N S 396 
VAL C     C N N 397 
VAL O     O N N 398 
VAL CB    C N N 399 
VAL CG1   C N N 400 
VAL CG2   C N N 401 
VAL OXT   O N N 402 
VAL H     H N N 403 
VAL H2    H N N 404 
VAL HA    H N N 405 
VAL HB    H N N 406 
VAL HG11  H N N 407 
VAL HG12  H N N 408 
VAL HG13  H N N 409 
VAL HG21  H N N 410 
VAL HG22  H N N 411 
VAL HG23  H N N 412 
VAL HXT   H N N 413 
# 
loop_
_chem_comp_bond.comp_id 
_chem_comp_bond.atom_id_1 
_chem_comp_bond.atom_id_2 
_chem_comp_bond.value_order 
_chem_comp_bond.pdbx_aromatic_flag 
_chem_comp_bond.pdbx_stereo_config 
_chem_comp_bond.pdbx_ordinal 
7CH C2    N3    doub Y N 1   
7CH C2    N1    sing Y N 2   
7CH N3    C4    sing Y N 3   
7CH "O2'" "C2'" sing N N 4   
7CH "C4'" "O4'" sing N N 5   
7CH "C4'" "C5'" sing N N 6   
7CH "C4'" "C3'" sing N N 7   
7CH "O4'" "C1'" sing N N 8   
7CH "C5'" "O5'" sing N N 9   
7CH "C1'" "C2'" sing N N 10  
7CH "C1'" N9    sing N N 11  
7CH "O5'" P     sing N N 12  
7CH N1    C6    doub Y N 13  
7CH C4    N9    sing Y N 14  
7CH C4    C5    doub Y N 15  
7CH "C2'" "C3'" sing N N 16  
7CH N9    C8    sing Y N 17  
7CH "C3'" "O3'" sing N N 18  
7CH "O3'" P     sing N N 19  
7CH O2P   P     doub N N 20  
7CH P     O1P   sing N N 21  
7CH C6    C5    sing Y N 22  
7CH C6    N6    sing N N 23  
7CH C5    C7    sing Y N 24  
7CH C8    C7    doub Y N 25  
7CH O1P   H1    sing N N 26  
7CH "C3'" H2    sing N N 27  
7CH "C4'" H3    sing N N 28  
7CH "C5'" H4    sing N N 29  
7CH "C5'" H5    sing N N 30  
7CH "C2'" H6    sing N N 31  
7CH "O2'" H7    sing N N 32  
7CH "C1'" H8    sing N N 33  
7CH C7    H9    sing N N 34  
7CH C8    H10   sing N N 35  
7CH C2    H11   sing N N 36  
7CH N6    H12   sing N N 37  
7CH N6    H13   sing N N 38  
ALA N     CA    sing N N 39  
ALA N     H     sing N N 40  
ALA N     H2    sing N N 41  
ALA CA    C     sing N N 42  
ALA CA    CB    sing N N 43  
ALA CA    HA    sing N N 44  
ALA C     O     doub N N 45  
ALA C     OXT   sing N N 46  
ALA CB    HB1   sing N N 47  
ALA CB    HB2   sing N N 48  
ALA CB    HB3   sing N N 49  
ALA OXT   HXT   sing N N 50  
ARG N     CA    sing N N 51  
ARG N     H     sing N N 52  
ARG N     H2    sing N N 53  
ARG CA    C     sing N N 54  
ARG CA    CB    sing N N 55  
ARG CA    HA    sing N N 56  
ARG C     O     doub N N 57  
ARG C     OXT   sing N N 58  
ARG CB    CG    sing N N 59  
ARG CB    HB2   sing N N 60  
ARG CB    HB3   sing N N 61  
ARG CG    CD    sing N N 62  
ARG CG    HG2   sing N N 63  
ARG CG    HG3   sing N N 64  
ARG CD    NE    sing N N 65  
ARG CD    HD2   sing N N 66  
ARG CD    HD3   sing N N 67  
ARG NE    CZ    sing N N 68  
ARG NE    HE    sing N N 69  
ARG CZ    NH1   sing N N 70  
ARG CZ    NH2   doub N N 71  
ARG NH1   HH11  sing N N 72  
ARG NH1   HH12  sing N N 73  
ARG NH2   HH21  sing N N 74  
ARG NH2   HH22  sing N N 75  
ARG OXT   HXT   sing N N 76  
ASN N     CA    sing N N 77  
ASN N     H     sing N N 78  
ASN N     H2    sing N N 79  
ASN CA    C     sing N N 80  
ASN CA    CB    sing N N 81  
ASN CA    HA    sing N N 82  
ASN C     O     doub N N 83  
ASN C     OXT   sing N N 84  
ASN CB    CG    sing N N 85  
ASN CB    HB2   sing N N 86  
ASN CB    HB3   sing N N 87  
ASN CG    OD1   doub N N 88  
ASN CG    ND2   sing N N 89  
ASN ND2   HD21  sing N N 90  
ASN ND2   HD22  sing N N 91  
ASN OXT   HXT   sing N N 92  
ASP N     CA    sing N N 93  
ASP N     H     sing N N 94  
ASP N     H2    sing N N 95  
ASP CA    C     sing N N 96  
ASP CA    CB    sing N N 97  
ASP CA    HA    sing N N 98  
ASP C     O     doub N N 99  
ASP C     OXT   sing N N 100 
ASP CB    CG    sing N N 101 
ASP CB    HB2   sing N N 102 
ASP CB    HB3   sing N N 103 
ASP CG    OD1   doub N N 104 
ASP CG    OD2   sing N N 105 
ASP OD2   HD2   sing N N 106 
ASP OXT   HXT   sing N N 107 
CSO N     CA    sing N N 108 
CSO N     H     sing N N 109 
CSO N     H2    sing N N 110 
CSO CA    CB    sing N N 111 
CSO CA    C     sing N N 112 
CSO CA    HA    sing N N 113 
CSO CB    SG    sing N N 114 
CSO CB    HB2   sing N N 115 
CSO CB    HB3   sing N N 116 
CSO SG    OD    sing N N 117 
CSO C     O     doub N N 118 
CSO C     OXT   sing N N 119 
CSO OXT   HXT   sing N N 120 
CSO OD    HD    sing N N 121 
CYS N     CA    sing N N 122 
CYS N     H     sing N N 123 
CYS N     H2    sing N N 124 
CYS CA    C     sing N N 125 
CYS CA    CB    sing N N 126 
CYS CA    HA    sing N N 127 
CYS C     O     doub N N 128 
CYS C     OXT   sing N N 129 
CYS CB    SG    sing N N 130 
CYS CB    HB2   sing N N 131 
CYS CB    HB3   sing N N 132 
CYS SG    HG    sing N N 133 
CYS OXT   HXT   sing N N 134 
GLN N     CA    sing N N 135 
GLN N     H     sing N N 136 
GLN N     H2    sing N N 137 
GLN CA    C     sing N N 138 
GLN CA    CB    sing N N 139 
GLN CA    HA    sing N N 140 
GLN C     O     doub N N 141 
GLN C     OXT   sing N N 142 
GLN CB    CG    sing N N 143 
GLN CB    HB2   sing N N 144 
GLN CB    HB3   sing N N 145 
GLN CG    CD    sing N N 146 
GLN CG    HG2   sing N N 147 
GLN CG    HG3   sing N N 148 
GLN CD    OE1   doub N N 149 
GLN CD    NE2   sing N N 150 
GLN NE2   HE21  sing N N 151 
GLN NE2   HE22  sing N N 152 
GLN OXT   HXT   sing N N 153 
GLU N     CA    sing N N 154 
GLU N     H     sing N N 155 
GLU N     H2    sing N N 156 
GLU CA    C     sing N N 157 
GLU CA    CB    sing N N 158 
GLU CA    HA    sing N N 159 
GLU C     O     doub N N 160 
GLU C     OXT   sing N N 161 
GLU CB    CG    sing N N 162 
GLU CB    HB2   sing N N 163 
GLU CB    HB3   sing N N 164 
GLU CG    CD    sing N N 165 
GLU CG    HG2   sing N N 166 
GLU CG    HG3   sing N N 167 
GLU CD    OE1   doub N N 168 
GLU CD    OE2   sing N N 169 
GLU OE2   HE2   sing N N 170 
GLU OXT   HXT   sing N N 171 
GLY N     CA    sing N N 172 
GLY N     H     sing N N 173 
GLY N     H2    sing N N 174 
GLY CA    C     sing N N 175 
GLY CA    HA2   sing N N 176 
GLY CA    HA3   sing N N 177 
GLY C     O     doub N N 178 
GLY C     OXT   sing N N 179 
GLY OXT   HXT   sing N N 180 
HIS N     CA    sing N N 181 
HIS N     H     sing N N 182 
HIS N     H2    sing N N 183 
HIS CA    C     sing N N 184 
HIS CA    CB    sing N N 185 
HIS CA    HA    sing N N 186 
HIS C     O     doub N N 187 
HIS C     OXT   sing N N 188 
HIS CB    CG    sing N N 189 
HIS CB    HB2   sing N N 190 
HIS CB    HB3   sing N N 191 
HIS CG    ND1   sing Y N 192 
HIS CG    CD2   doub Y N 193 
HIS ND1   CE1   doub Y N 194 
HIS ND1   HD1   sing N N 195 
HIS CD2   NE2   sing Y N 196 
HIS CD2   HD2   sing N N 197 
HIS CE1   NE2   sing Y N 198 
HIS CE1   HE1   sing N N 199 
HIS NE2   HE2   sing N N 200 
HIS OXT   HXT   sing N N 201 
HOH O     H1    sing N N 202 
HOH O     H2    sing N N 203 
ILE N     CA    sing N N 204 
ILE N     H     sing N N 205 
ILE N     H2    sing N N 206 
ILE CA    C     sing N N 207 
ILE CA    CB    sing N N 208 
ILE CA    HA    sing N N 209 
ILE C     O     doub N N 210 
ILE C     OXT   sing N N 211 
ILE CB    CG1   sing N N 212 
ILE CB    CG2   sing N N 213 
ILE CB    HB    sing N N 214 
ILE CG1   CD1   sing N N 215 
ILE CG1   HG12  sing N N 216 
ILE CG1   HG13  sing N N 217 
ILE CG2   HG21  sing N N 218 
ILE CG2   HG22  sing N N 219 
ILE CG2   HG23  sing N N 220 
ILE CD1   HD11  sing N N 221 
ILE CD1   HD12  sing N N 222 
ILE CD1   HD13  sing N N 223 
ILE OXT   HXT   sing N N 224 
LEU N     CA    sing N N 225 
LEU N     H     sing N N 226 
LEU N     H2    sing N N 227 
LEU CA    C     sing N N 228 
LEU CA    CB    sing N N 229 
LEU CA    HA    sing N N 230 
LEU C     O     doub N N 231 
LEU C     OXT   sing N N 232 
LEU CB    CG    sing N N 233 
LEU CB    HB2   sing N N 234 
LEU CB    HB3   sing N N 235 
LEU CG    CD1   sing N N 236 
LEU CG    CD2   sing N N 237 
LEU CG    HG    sing N N 238 
LEU CD1   HD11  sing N N 239 
LEU CD1   HD12  sing N N 240 
LEU CD1   HD13  sing N N 241 
LEU CD2   HD21  sing N N 242 
LEU CD2   HD22  sing N N 243 
LEU CD2   HD23  sing N N 244 
LEU OXT   HXT   sing N N 245 
LYS N     CA    sing N N 246 
LYS N     H     sing N N 247 
LYS N     H2    sing N N 248 
LYS CA    C     sing N N 249 
LYS CA    CB    sing N N 250 
LYS CA    HA    sing N N 251 
LYS C     O     doub N N 252 
LYS C     OXT   sing N N 253 
LYS CB    CG    sing N N 254 
LYS CB    HB2   sing N N 255 
LYS CB    HB3   sing N N 256 
LYS CG    CD    sing N N 257 
LYS CG    HG2   sing N N 258 
LYS CG    HG3   sing N N 259 
LYS CD    CE    sing N N 260 
LYS CD    HD2   sing N N 261 
LYS CD    HD3   sing N N 262 
LYS CE    NZ    sing N N 263 
LYS CE    HE2   sing N N 264 
LYS CE    HE3   sing N N 265 
LYS NZ    HZ1   sing N N 266 
LYS NZ    HZ2   sing N N 267 
LYS NZ    HZ3   sing N N 268 
LYS OXT   HXT   sing N N 269 
MET N     CA    sing N N 270 
MET N     H     sing N N 271 
MET N     H2    sing N N 272 
MET CA    C     sing N N 273 
MET CA    CB    sing N N 274 
MET CA    HA    sing N N 275 
MET C     O     doub N N 276 
MET C     OXT   sing N N 277 
MET CB    CG    sing N N 278 
MET CB    HB2   sing N N 279 
MET CB    HB3   sing N N 280 
MET CG    SD    sing N N 281 
MET CG    HG2   sing N N 282 
MET CG    HG3   sing N N 283 
MET SD    CE    sing N N 284 
MET CE    HE1   sing N N 285 
MET CE    HE2   sing N N 286 
MET CE    HE3   sing N N 287 
MET OXT   HXT   sing N N 288 
PHE N     CA    sing N N 289 
PHE N     H     sing N N 290 
PHE N     H2    sing N N 291 
PHE CA    C     sing N N 292 
PHE CA    CB    sing N N 293 
PHE CA    HA    sing N N 294 
PHE C     O     doub N N 295 
PHE C     OXT   sing N N 296 
PHE CB    CG    sing N N 297 
PHE CB    HB2   sing N N 298 
PHE CB    HB3   sing N N 299 
PHE CG    CD1   doub Y N 300 
PHE CG    CD2   sing Y N 301 
PHE CD1   CE1   sing Y N 302 
PHE CD1   HD1   sing N N 303 
PHE CD2   CE2   doub Y N 304 
PHE CD2   HD2   sing N N 305 
PHE CE1   CZ    doub Y N 306 
PHE CE1   HE1   sing N N 307 
PHE CE2   CZ    sing Y N 308 
PHE CE2   HE2   sing N N 309 
PHE CZ    HZ    sing N N 310 
PHE OXT   HXT   sing N N 311 
PRO N     CA    sing N N 312 
PRO N     CD    sing N N 313 
PRO N     H     sing N N 314 
PRO CA    C     sing N N 315 
PRO CA    CB    sing N N 316 
PRO CA    HA    sing N N 317 
PRO C     O     doub N N 318 
PRO C     OXT   sing N N 319 
PRO CB    CG    sing N N 320 
PRO CB    HB2   sing N N 321 
PRO CB    HB3   sing N N 322 
PRO CG    CD    sing N N 323 
PRO CG    HG2   sing N N 324 
PRO CG    HG3   sing N N 325 
PRO CD    HD2   sing N N 326 
PRO CD    HD3   sing N N 327 
PRO OXT   HXT   sing N N 328 
SER N     CA    sing N N 329 
SER N     H     sing N N 330 
SER N     H2    sing N N 331 
SER CA    C     sing N N 332 
SER CA    CB    sing N N 333 
SER CA    HA    sing N N 334 
SER C     O     doub N N 335 
SER C     OXT   sing N N 336 
SER CB    OG    sing N N 337 
SER CB    HB2   sing N N 338 
SER CB    HB3   sing N N 339 
SER OG    HG    sing N N 340 
SER OXT   HXT   sing N N 341 
THR N     CA    sing N N 342 
THR N     H     sing N N 343 
THR N     H2    sing N N 344 
THR CA    C     sing N N 345 
THR CA    CB    sing N N 346 
THR CA    HA    sing N N 347 
THR C     O     doub N N 348 
THR C     OXT   sing N N 349 
THR CB    OG1   sing N N 350 
THR CB    CG2   sing N N 351 
THR CB    HB    sing N N 352 
THR OG1   HG1   sing N N 353 
THR CG2   HG21  sing N N 354 
THR CG2   HG22  sing N N 355 
THR CG2   HG23  sing N N 356 
THR OXT   HXT   sing N N 357 
TYR N     CA    sing N N 358 
TYR N     H     sing N N 359 
TYR N     H2    sing N N 360 
TYR CA    C     sing N N 361 
TYR CA    CB    sing N N 362 
TYR CA    HA    sing N N 363 
TYR C     O     doub N N 364 
TYR C     OXT   sing N N 365 
TYR CB    CG    sing N N 366 
TYR CB    HB2   sing N N 367 
TYR CB    HB3   sing N N 368 
TYR CG    CD1   doub Y N 369 
TYR CG    CD2   sing Y N 370 
TYR CD1   CE1   sing Y N 371 
TYR CD1   HD1   sing N N 372 
TYR CD2   CE2   doub Y N 373 
TYR CD2   HD2   sing N N 374 
TYR CE1   CZ    doub Y N 375 
TYR CE1   HE1   sing N N 376 
TYR CE2   CZ    sing Y N 377 
TYR CE2   HE2   sing N N 378 
TYR CZ    OH    sing N N 379 
TYR OH    HH    sing N N 380 
TYR OXT   HXT   sing N N 381 
VAL N     CA    sing N N 382 
VAL N     H     sing N N 383 
VAL N     H2    sing N N 384 
VAL CA    C     sing N N 385 
VAL CA    CB    sing N N 386 
VAL CA    HA    sing N N 387 
VAL C     O     doub N N 388 
VAL C     OXT   sing N N 389 
VAL CB    CG1   sing N N 390 
VAL CB    CG2   sing N N 391 
VAL CB    HB    sing N N 392 
VAL CG1   HG11  sing N N 393 
VAL CG1   HG12  sing N N 394 
VAL CG1   HG13  sing N N 395 
VAL CG2   HG21  sing N N 396 
VAL CG2   HG22  sing N N 397 
VAL CG2   HG23  sing N N 398 
VAL OXT   HXT   sing N N 399 
# 
_pdbx_initial_refinement_model.accession_code   3U11 
_pdbx_initial_refinement_model.id               1 
_pdbx_initial_refinement_model.entity_id_list   ? 
_pdbx_initial_refinement_model.type             'experimental model' 
_pdbx_initial_refinement_model.source_name      PDB 
_pdbx_initial_refinement_model.details          'PDB ENTRY 3U11_A' 
# 
_atom_sites.entry_id                    4NVP 
_atom_sites.fract_transf_matrix[1][1]   0.00933682 
_atom_sites.fract_transf_matrix[1][2]   -0.00298800 
_atom_sites.fract_transf_matrix[1][3]   0.00351976 
_atom_sites.fract_transf_matrix[2][1]   -0.00391353 
_atom_sites.fract_transf_matrix[2][2]   -0.00090868 
_atom_sites.fract_transf_matrix[2][3]   0.00960998 
_atom_sites.fract_transf_matrix[3][1]   -0.00468776 
_atom_sites.fract_transf_matrix[3][2]   -0.01901493 
_atom_sites.fract_transf_matrix[3][3]   -0.00370700 
_atom_sites.fract_transf_vector[1]      -0.008512 
_atom_sites.fract_transf_vector[2]      0.258451 
_atom_sites.fract_transf_vector[3]      0.065704 
# 
loop_
_atom_type.symbol 
C 
N 
O 
P 
S 
# 
loop_
_atom_site.group_PDB 
_atom_site.id 
_atom_site.type_symbol 
_atom_site.label_atom_id 
_atom_site.label_alt_id 
_atom_site.label_comp_id 
_atom_site.label_asym_id 
_atom_site.label_entity_id 
_atom_site.label_seq_id 
_atom_site.pdbx_PDB_ins_code 
_atom_site.Cartn_x 
_atom_site.Cartn_y 
_atom_site.Cartn_z 
_atom_site.occupancy 
_atom_site.B_iso_or_equiv 
_atom_site.pdbx_formal_charge 
_atom_site.auth_seq_id 
_atom_site.auth_comp_id 
_atom_site.auth_asym_id 
_atom_site.auth_atom_id 
_atom_site.pdbx_PDB_model_num 
ATOM   1    N N     . SER A 1 4   ? -1.696  27.334  6.333   1.00 51.02  ? 518 SER A N     1 
ATOM   2    C CA    . SER A 1 4   ? -0.980  28.087  7.417   1.00 53.92  ? 518 SER A CA    1 
ATOM   3    C C     . SER A 1 4   ? -0.234  27.178  8.397   1.00 55.09  ? 518 SER A C     1 
ATOM   4    O O     . SER A 1 4   ? -0.743  26.125  8.722   1.00 59.23  ? 518 SER A O     1 
ATOM   5    C CB    . SER A 1 4   ? -1.956  28.962  8.214   1.00 53.60  ? 518 SER A CB    1 
ATOM   6    O OG    . SER A 1 4   ? -1.373  29.368  9.451   1.00 49.65  ? 518 SER A OG    1 
ATOM   7    N N     . PRO A 1 5   ? 0.963   27.598  8.887   1.00 64.50  ? 519 PRO A N     1 
ATOM   8    C CA    . PRO A 1 5   ? 1.711   26.856  9.931   1.00 67.42  ? 519 PRO A CA    1 
ATOM   9    C C     . PRO A 1 5   ? 1.087   26.902  11.323  1.00 73.46  ? 519 PRO A C     1 
ATOM   10   O O     . PRO A 1 5   ? 1.457   26.093  12.186  1.00 78.36  ? 519 PRO A O     1 
ATOM   11   C CB    . PRO A 1 5   ? 3.083   27.550  9.976   1.00 68.82  ? 519 PRO A CB    1 
ATOM   12   C CG    . PRO A 1 5   ? 3.150   28.427  8.771   1.00 69.83  ? 519 PRO A CG    1 
ATOM   13   C CD    . PRO A 1 5   ? 1.737   28.753  8.391   1.00 68.80  ? 519 PRO A CD    1 
ATOM   14   N N     . MET A 1 6   ? 0.174   27.850  11.543  1.00 76.10  ? 520 MET A N     1 
ATOM   15   C CA    . MET A 1 6   ? -0.606  27.899  12.781  1.00 78.34  ? 520 MET A CA    1 
ATOM   16   C C     . MET A 1 6   ? -1.738  26.855  12.806  1.00 71.85  ? 520 MET A C     1 
ATOM   17   O O     . MET A 1 6   ? -2.355  26.631  13.859  1.00 68.22  ? 520 MET A O     1 
ATOM   18   C CB    . MET A 1 6   ? -1.154  29.315  13.011  1.00 88.25  ? 520 MET A CB    1 
ATOM   19   C CG    . MET A 1 6   ? -0.066  30.365  13.237  1.00 94.99  ? 520 MET A CG    1 
ATOM   20   S SD    . MET A 1 6   ? 1.026   30.012  14.640  1.00 104.58 ? 520 MET A SD    1 
ATOM   21   C CE    . MET A 1 6   ? -0.135  30.096  16.013  1.00 104.75 ? 520 MET A CE    1 
ATOM   22   N N     . ASP A 1 7   ? -2.014  26.230  11.655  1.00 62.12  ? 521 ASP A N     1 
ATOM   23   C CA    . ASP A 1 7   ? -2.917  25.097  11.594  1.00 57.28  ? 521 ASP A CA    1 
ATOM   24   C C     . ASP A 1 7   ? -2.398  24.014  12.538  1.00 55.98  ? 521 ASP A C     1 
ATOM   25   O O     . ASP A 1 7   ? -1.238  23.589  12.434  1.00 50.61  ? 521 ASP A O     1 
ATOM   26   C CB    . ASP A 1 7   ? -2.975  24.520  10.179  1.00 61.77  ? 521 ASP A CB    1 
ATOM   27   C CG    . ASP A 1 7   ? -3.641  25.457  9.169   1.00 62.15  ? 521 ASP A CG    1 
ATOM   28   O OD1   . ASP A 1 7   ? -4.277  26.449  9.578   1.00 63.83  ? 521 ASP A OD1   1 
ATOM   29   O OD2   . ASP A 1 7   ? -3.521  25.184  7.954   1.00 56.59  ? 521 ASP A OD2   1 
ATOM   30   N N     . SER A 1 8   ? -3.257  23.576  13.455  1.00 53.78  ? 522 SER A N     1 
ATOM   31   C CA    . SER A 1 8   ? -2.929  22.509  14.403  1.00 56.15  ? 522 SER A CA    1 
ATOM   32   C C     . SER A 1 8   ? -2.297  21.287  13.738  1.00 54.00  ? 522 SER A C     1 
ATOM   33   O O     . SER A 1 8   ? -1.558  20.570  14.388  1.00 50.55  ? 522 SER A O     1 
ATOM   34   C CB    . SER A 1 8   ? -4.179  22.064  15.180  1.00 58.85  ? 522 SER A CB    1 
ATOM   35   O OG    . SER A 1 8   ? -5.137  21.480  14.311  1.00 60.63  ? 522 SER A OG    1 
ATOM   36   N N     . SER A 1 9   ? -2.596  21.076  12.454  1.00 53.69  ? 523 SER A N     1 
ATOM   37   C CA    . SER A 1 9   ? -2.099  19.947  11.671  1.00 51.08  ? 523 SER A CA    1 
ATOM   38   C C     . SER A 1 9   ? -0.650  20.144  11.170  1.00 50.67  ? 523 SER A C     1 
ATOM   39   O O     . SER A 1 9   ? 0.069   19.162  11.017  1.00 46.24  ? 523 SER A O     1 
ATOM   40   C CB    . SER A 1 9   ? -3.062  19.628  10.493  1.00 51.18  ? 523 SER A CB    1 
ATOM   41   O OG    . SER A 1 9   ? -2.873  20.480  9.367   1.00 50.01  ? 523 SER A OG    1 
ATOM   42   N N     . ARG A 1 10  ? -0.222  21.385  10.919  1.00 51.17  ? 524 ARG A N     1 
ATOM   43   C CA    . ARG A 1 10  ? 1.199   21.658  10.620  1.00 51.75  ? 524 ARG A CA    1 
ATOM   44   C C     . ARG A 1 10  ? 2.075   21.782  11.865  1.00 51.11  ? 524 ARG A C     1 
ATOM   45   O O     . ARG A 1 10  ? 3.232   21.362  11.871  1.00 49.56  ? 524 ARG A O     1 
ATOM   46   C CB    . ARG A 1 10  ? 1.337   22.902  9.752   1.00 55.24  ? 524 ARG A CB    1 
ATOM   47   C CG    . ARG A 1 10  ? 0.916   22.605  8.328   1.00 55.28  ? 524 ARG A CG    1 
ATOM   48   C CD    . ARG A 1 10  ? 0.891   23.840  7.471   1.00 57.69  ? 524 ARG A CD    1 
ATOM   49   N NE    . ARG A 1 10  ? 2.217   24.413  7.222   1.00 58.40  ? 524 ARG A NE    1 
ATOM   50   C CZ    . ARG A 1 10  ? 2.428   25.477  6.441   1.00 53.99  ? 524 ARG A CZ    1 
ATOM   51   N NH1   . ARG A 1 10  ? 1.407   26.089  5.835   1.00 51.55  ? 524 ARG A NH1   1 
ATOM   52   N NH2   . ARG A 1 10  ? 3.653   25.939  6.269   1.00 54.31  ? 524 ARG A NH2   1 
ATOM   53   N N     . ARG A 1 11  ? 1.492   22.354  12.906  1.00 51.93  ? 525 ARG A N     1 
ATOM   54   C CA    . ARG A 1 11  ? 2.117   22.512  14.206  1.00 55.72  ? 525 ARG A CA    1 
ATOM   55   C C     . ARG A 1 11  ? 2.321   21.127  14.791  1.00 55.48  ? 525 ARG A C     1 
ATOM   56   O O     . ARG A 1 11  ? 3.336   20.842  15.414  1.00 53.23  ? 525 ARG A O     1 
ATOM   57   C CB    . ARG A 1 11  ? 1.181   23.316  15.119  1.00 61.98  ? 525 ARG A CB    1 
ATOM   58   C CG    . ARG A 1 11  ? 1.817   24.479  15.873  1.00 72.41  ? 525 ARG A CG    1 
ATOM   59   C CD    . ARG A 1 11  ? 0.908   25.720  15.881  1.00 74.72  ? 525 ARG A CD    1 
ATOM   60   N NE    . ARG A 1 11  ? -0.518  25.383  15.972  1.00 75.22  ? 525 ARG A NE    1 
ATOM   61   C CZ    . ARG A 1 11  ? -1.206  25.211  17.101  1.00 82.52  ? 525 ARG A CZ    1 
ATOM   62   N NH1   . ARG A 1 11  ? -0.628  25.351  18.289  1.00 91.92  ? 525 ARG A NH1   1 
ATOM   63   N NH2   . ARG A 1 11  ? -2.496  24.893  17.042  1.00 82.48  ? 525 ARG A NH2   1 
ATOM   64   N N     . GLN A 1 12  ? 1.322   20.278  14.584  1.00 52.53  ? 526 GLN A N     1 
ATOM   65   C CA    . GLN A 1 12  ? 1.392   18.865  14.900  1.00 50.32  ? 526 GLN A CA    1 
ATOM   66   C C     . GLN A 1 12  ? 2.547   18.140  14.204  1.00 45.48  ? 526 GLN A C     1 
ATOM   67   O O     . GLN A 1 12  ? 3.219   17.326  14.823  1.00 42.36  ? 526 GLN A O     1 
ATOM   68   C CB    . GLN A 1 12  ? 0.101   18.213  14.428  1.00 56.91  ? 526 GLN A CB    1 
ATOM   69   C CG    . GLN A 1 12  ? 0.017   16.712  14.610  1.00 61.82  ? 526 GLN A CG    1 
ATOM   70   C CD    . GLN A 1 12  ? -0.706  16.381  15.884  1.00 72.14  ? 526 GLN A CD    1 
ATOM   71   O OE1   . GLN A 1 12  ? -0.084  15.987  16.876  1.00 71.59  ? 526 GLN A OE1   1 
ATOM   72   N NE2   . GLN A 1 12  ? -2.039  16.587  15.884  1.00 73.93  ? 526 GLN A NE2   1 
ATOM   73   N N     . TYR A 1 13  ? 2.714   18.382  12.901  1.00 41.02  ? 527 TYR A N     1 
ATOM   74   C CA    . TYR A 1 13  ? 3.780   17.746  12.130  1.00 38.32  ? 527 TYR A CA    1 
ATOM   75   C C     . TYR A 1 13  ? 5.121   18.166  12.698  1.00 36.69  ? 527 TYR A C     1 
ATOM   76   O O     . TYR A 1 13  ? 6.025   17.378  12.783  1.00 35.81  ? 527 TYR A O     1 
ATOM   77   C CB    . TYR A 1 13  ? 3.695   18.116  10.632  1.00 34.72  ? 527 TYR A CB    1 
ATOM   78   C CG    . TYR A 1 13  ? 4.898   17.676  9.814   1.00 33.49  ? 527 TYR A CG    1 
ATOM   79   C CD1   . TYR A 1 13  ? 4.939   16.425  9.215   1.00 36.48  ? 527 TYR A CD1   1 
ATOM   80   C CD2   . TYR A 1 13  ? 6.012   18.505  9.661   1.00 36.37  ? 527 TYR A CD2   1 
ATOM   81   C CE1   . TYR A 1 13  ? 6.042   16.006  8.460   1.00 37.66  ? 527 TYR A CE1   1 
ATOM   82   C CE2   . TYR A 1 13  ? 7.139   18.095  8.938   1.00 36.77  ? 527 TYR A CE2   1 
ATOM   83   C CZ    . TYR A 1 13  ? 7.144   16.841  8.325   1.00 38.13  ? 527 TYR A CZ    1 
ATOM   84   O OH    . TYR A 1 13  ? 8.214   16.429  7.564   1.00 36.91  ? 527 TYR A OH    1 
ATOM   85   N N     . GLN A 1 14  ? 5.239   19.435  13.051  1.00 40.44  ? 528 GLN A N     1 
ATOM   86   C CA    . GLN A 1 14  ? 6.479   19.970  13.565  1.00 44.22  ? 528 GLN A CA    1 
ATOM   87   C C     . GLN A 1 14  ? 6.831   19.423  14.941  1.00 40.92  ? 528 GLN A C     1 
ATOM   88   O O     . GLN A 1 14  ? 7.987   19.116  15.189  1.00 36.69  ? 528 GLN A O     1 
ATOM   89   C CB    . GLN A 1 14  ? 6.441   21.505  13.559  1.00 48.28  ? 528 GLN A CB    1 
ATOM   90   C CG    . GLN A 1 14  ? 6.552   22.108  12.154  1.00 51.28  ? 528 GLN A CG    1 
ATOM   91   C CD    . GLN A 1 14  ? 7.853   21.733  11.425  1.00 58.61  ? 528 GLN A CD    1 
ATOM   92   O OE1   . GLN A 1 14  ? 8.934   21.641  12.045  1.00 62.98  ? 528 GLN A OE1   1 
ATOM   93   N NE2   . GLN A 1 14  ? 7.760   21.520  10.095  1.00 57.81  ? 528 GLN A NE2   1 
ATOM   94   N N     . GLU A 1 15  ? 5.833   19.265  15.802  1.00 42.91  ? 529 GLU A N     1 
ATOM   95   C CA    . GLU A 1 15  ? 6.050   18.794  17.170  1.00 50.48  ? 529 GLU A CA    1 
ATOM   96   C C     . GLU A 1 15  ? 6.360   17.304  17.185  1.00 49.84  ? 529 GLU A C     1 
ATOM   97   O O     . GLU A 1 15  ? 7.214   16.801  17.941  1.00 44.13  ? 529 GLU A O     1 
ATOM   98   C CB    . GLU A 1 15  ? 4.820   19.072  18.047  1.00 56.76  ? 529 GLU A CB    1 
ATOM   99   C CG    . GLU A 1 15  ? 4.511   20.550  18.286  1.00 67.35  ? 529 GLU A CG    1 
ATOM   100  C CD    . GLU A 1 15  ? 5.738   21.396  18.662  1.00 78.10  ? 529 GLU A CD    1 
ATOM   101  O OE1   . GLU A 1 15  ? 6.541   21.003  19.558  1.00 79.06  ? 529 GLU A OE1   1 
ATOM   102  O OE2   . GLU A 1 15  ? 5.891   22.478  18.049  1.00 83.76  ? 529 GLU A OE2   1 
ATOM   103  N N     . LYS A 1 16  ? 5.640   16.591  16.347  1.00 46.77  ? 530 LYS A N     1 
ATOM   104  C CA    . LYS A 1 16  ? 5.853   15.183  16.246  1.00 50.20  ? 530 LYS A CA    1 
ATOM   105  C C     . LYS A 1 16  ? 7.206   14.893  15.614  1.00 46.02  ? 530 LYS A C     1 
ATOM   106  O O     . LYS A 1 16  ? 7.902   13.981  16.066  1.00 45.82  ? 530 LYS A O     1 
ATOM   107  C CB    . LYS A 1 16  ? 4.739   14.510  15.453  1.00 55.00  ? 530 LYS A CB    1 
ATOM   108  C CG    . LYS A 1 16  ? 4.525   13.081  15.912  1.00 61.73  ? 530 LYS A CG    1 
ATOM   109  C CD    . LYS A 1 16  ? 3.635   12.980  17.151  1.00 65.46  ? 530 LYS A CD    1 
ATOM   110  C CE    . LYS A 1 16  ? 2.153   12.837  16.787  1.00 65.96  ? 530 LYS A CE    1 
ATOM   111  N NZ    . LYS A 1 16  ? 1.419   12.018  17.786  1.00 66.24  ? 530 LYS A NZ    1 
ATOM   112  N N     . TYR A 1 17  ? 7.584   15.646  14.581  1.00 39.33  ? 531 TYR A N     1 
ATOM   113  C CA    . TYR A 1 17  ? 8.938   15.495  14.002  1.00 39.49  ? 531 TYR A CA    1 
ATOM   114  C C     . TYR A 1 17  ? 10.062  15.846  15.015  1.00 38.92  ? 531 TYR A C     1 
ATOM   115  O O     . TYR A 1 17  ? 11.122  15.251  15.001  1.00 36.47  ? 531 TYR A O     1 
ATOM   116  C CB    . TYR A 1 17  ? 9.119   16.308  12.710  1.00 39.70  ? 531 TYR A CB    1 
ATOM   117  C CG    . TYR A 1 17  ? 10.426  15.986  12.067  1.00 41.99  ? 531 TYR A CG    1 
ATOM   118  C CD1   . TYR A 1 17  ? 10.683  14.693  11.636  1.00 47.99  ? 531 TYR A CD1   1 
ATOM   119  C CD2   . TYR A 1 17  ? 11.446  16.929  11.964  1.00 44.66  ? 531 TYR A CD2   1 
ATOM   120  C CE1   . TYR A 1 17  ? 11.910  14.346  11.102  1.00 50.33  ? 531 TYR A CE1   1 
ATOM   121  C CE2   . TYR A 1 17  ? 12.676  16.594  11.418  1.00 45.24  ? 531 TYR A CE2   1 
ATOM   122  C CZ    . TYR A 1 17  ? 12.902  15.292  10.993  1.00 49.41  ? 531 TYR A CZ    1 
ATOM   123  O OH    . TYR A 1 17  ? 14.111  14.898  10.447  1.00 58.04  ? 531 TYR A OH    1 
ATOM   124  N N     . LYS A 1 18  ? 9.803   16.806  15.890  1.00 41.16  ? 532 LYS A N     1 
ATOM   125  C CA    . LYS A 1 18  ? 10.685  17.108  16.999  1.00 45.50  ? 532 LYS A CA    1 
ATOM   126  C C     . LYS A 1 18  ? 10.886  15.875  17.874  1.00 42.56  ? 532 LYS A C     1 
ATOM   127  O O     . LYS A 1 18  ? 12.017  15.586  18.256  1.00 42.52  ? 532 LYS A O     1 
ATOM   128  C CB    . LYS A 1 18  ? 10.108  18.262  17.843  1.00 53.04  ? 532 LYS A CB    1 
ATOM   129  C CG    . LYS A 1 18  ? 11.041  19.447  17.978  1.00 60.44  ? 532 LYS A CG    1 
ATOM   130  C CD    . LYS A 1 18  ? 11.224  20.191  16.653  1.00 67.63  ? 532 LYS A CD    1 
ATOM   131  C CE    . LYS A 1 18  ? 12.652  20.728  16.501  1.00 77.21  ? 532 LYS A CE    1 
ATOM   132  N NZ    . LYS A 1 18  ? 12.778  21.904  15.592  1.00 79.94  ? 532 LYS A NZ    1 
ATOM   133  N N     . GLN A 1 19  ? 9.793   15.170  18.193  1.00 39.54  ? 533 GLN A N     1 
ATOM   134  C CA    . GLN A 1 19  ? 9.846   13.933  18.999  1.00 41.15  ? 533 GLN A CA    1 
ATOM   135  C C     . GLN A 1 19  ? 10.756  12.949  18.311  1.00 39.70  ? 533 GLN A C     1 
ATOM   136  O O     . GLN A 1 19  ? 11.569  12.278  18.944  1.00 40.67  ? 533 GLN A O     1 
ATOM   137  C CB    . GLN A 1 19  ? 8.466   13.262  19.172  1.00 45.60  ? 533 GLN A CB    1 
ATOM   138  C CG    . GLN A 1 19  ? 7.665   13.665  20.405  1.00 54.17  ? 533 GLN A CG    1 
ATOM   139  C CD    . GLN A 1 19  ? 7.954   12.771  21.618  1.00 62.85  ? 533 GLN A CD    1 
ATOM   140  O OE1   . GLN A 1 19  ? 7.630   11.565  21.620  1.00 64.30  ? 533 GLN A OE1   1 
ATOM   141  N NE2   . GLN A 1 19  ? 8.560   13.357  22.662  1.00 63.57  ? 533 GLN A NE2   1 
ATOM   142  N N     . VAL A 1 20  ? 10.594  12.851  17.003  1.00 35.29  ? 534 VAL A N     1 
ATOM   143  C CA    . VAL A 1 20  ? 11.319  11.876  16.249  1.00 34.60  ? 534 VAL A CA    1 
ATOM   144  C C     . VAL A 1 20  ? 12.796  12.219  16.388  1.00 33.11  ? 534 VAL A C     1 
ATOM   145  O O     . VAL A 1 20  ? 13.586  11.351  16.672  1.00 31.81  ? 534 VAL A O     1 
ATOM   146  C CB    . VAL A 1 20  ? 10.887  11.833  14.751  1.00 34.98  ? 534 VAL A CB    1 
ATOM   147  C CG1   . VAL A 1 20  ? 11.864  11.008  13.914  1.00 35.20  ? 534 VAL A CG1   1 
ATOM   148  C CG2   . VAL A 1 20  ? 9.475   11.300  14.597  1.00 33.76  ? 534 VAL A CG2   1 
ATOM   149  N N     . GLU A 1 21  ? 13.162  13.484  16.226  1.00 34.40  ? 535 GLU A N     1 
ATOM   150  C CA    . GLU A 1 21  ? 14.582  13.871  16.279  1.00 36.79  ? 535 GLU A CA    1 
ATOM   151  C C     . GLU A 1 21  ? 15.252  13.497  17.590  1.00 36.45  ? 535 GLU A C     1 
ATOM   152  O O     . GLU A 1 21  ? 16.373  13.007  17.607  1.00 36.11  ? 535 GLU A O     1 
ATOM   153  C CB    . GLU A 1 21  ? 14.746  15.363  16.041  1.00 39.75  ? 535 GLU A CB    1 
ATOM   154  C CG    . GLU A 1 21  ? 14.861  15.736  14.574  1.00 42.43  ? 535 GLU A CG    1 
ATOM   155  C CD    . GLU A 1 21  ? 14.807  17.242  14.351  1.00 48.66  ? 535 GLU A CD    1 
ATOM   156  O OE1   . GLU A 1 21  ? 15.214  17.660  13.248  1.00 51.48  ? 535 GLU A OE1   1 
ATOM   157  O OE2   . GLU A 1 21  ? 14.395  18.010  15.268  1.00 48.77  ? 535 GLU A OE2   1 
ATOM   158  N N     . GLN A 1 22  ? 14.547  13.715  18.685  1.00 38.12  ? 536 GLN A N     1 
ATOM   159  C CA    . GLN A 1 22  ? 15.058  13.366  19.996  1.00 41.62  ? 536 GLN A CA    1 
ATOM   160  C C     . GLN A 1 22  ? 15.223  11.835  20.176  1.00 43.81  ? 536 GLN A C     1 
ATOM   161  O O     . GLN A 1 22  ? 16.198  11.391  20.777  1.00 47.45  ? 536 GLN A O     1 
ATOM   162  C CB    . GLN A 1 22  ? 14.141  13.956  21.052  1.00 41.58  ? 536 GLN A CB    1 
ATOM   163  C CG    . GLN A 1 22  ? 14.155  15.471  21.046  1.00 42.98  ? 536 GLN A CG    1 
ATOM   164  C CD    . GLN A 1 22  ? 12.820  16.084  21.461  1.00 46.93  ? 536 GLN A CD    1 
ATOM   165  O OE1   . GLN A 1 22  ? 12.388  17.076  20.875  1.00 50.71  ? 536 GLN A OE1   1 
ATOM   166  N NE2   . GLN A 1 22  ? 12.164  15.499  22.463  1.00 42.74  ? 536 GLN A NE2   1 
ATOM   167  N N     . TYR A 1 23  ? 14.280  11.046  19.645  1.00 42.02  ? 537 TYR A N     1 
ATOM   168  C CA    . TYR A 1 23  ? 14.374  9.578   19.641  1.00 37.24  ? 537 TYR A CA    1 
ATOM   169  C C     . TYR A 1 23  ? 15.626  9.166   18.883  1.00 36.63  ? 537 TYR A C     1 
ATOM   170  O O     . TYR A 1 23  ? 16.422  8.360   19.365  1.00 36.80  ? 537 TYR A O     1 
ATOM   171  C CB    . TYR A 1 23  ? 13.135  8.955   18.980  1.00 36.34  ? 537 TYR A CB    1 
ATOM   172  C CG    . TYR A 1 23  ? 13.159  7.447   18.850  1.00 34.76  ? 537 TYR A CG    1 
ATOM   173  C CD1   . TYR A 1 23  ? 13.797  6.837   17.801  1.00 35.96  ? 537 TYR A CD1   1 
ATOM   174  C CD2   . TYR A 1 23  ? 12.524  6.645   19.779  1.00 37.04  ? 537 TYR A CD2   1 
ATOM   175  C CE1   . TYR A 1 23  ? 13.819  5.469   17.676  1.00 37.73  ? 537 TYR A CE1   1 
ATOM   176  C CE2   . TYR A 1 23  ? 12.538  5.276   19.673  1.00 37.52  ? 537 TYR A CE2   1 
ATOM   177  C CZ    . TYR A 1 23  ? 13.186  4.687   18.616  1.00 40.63  ? 537 TYR A CZ    1 
ATOM   178  O OH    . TYR A 1 23  ? 13.215  3.305   18.514  1.00 43.72  ? 537 TYR A OH    1 
ATOM   179  N N     . MET A 1 24  ? 15.807  9.736   17.698  1.00 34.92  ? 538 MET A N     1 
ATOM   180  C CA    . MET A 1 24  ? 17.004  9.461   16.910  1.00 35.71  ? 538 MET A CA    1 
ATOM   181  C C     . MET A 1 24  ? 18.241  9.775   17.733  1.00 36.54  ? 538 MET A C     1 
ATOM   182  O O     . MET A 1 24  ? 19.165  8.992   17.756  1.00 40.73  ? 538 MET A O     1 
ATOM   183  C CB    . MET A 1 24  ? 16.986  10.225  15.570  1.00 34.89  ? 538 MET A CB    1 
ATOM   184  C CG    . MET A 1 24  ? 15.884  9.709   14.644  1.00 33.28  ? 538 MET A CG    1 
ATOM   185  S SD    . MET A 1 24  ? 15.850  10.355  12.959  1.00 31.59  ? 538 MET A SD    1 
ATOM   186  C CE    . MET A 1 24  ? 15.783  12.132  13.165  1.00 29.56  ? 538 MET A CE    1 
ATOM   187  N N     . SER A 1 25  ? 18.213  10.892  18.451  1.00 39.90  ? 539 SER A N     1 
ATOM   188  C CA    . SER A 1 25  ? 19.346  11.367  19.228  1.00 39.81  ? 539 SER A CA    1 
ATOM   189  C C     . SER A 1 25  ? 19.612  10.446  20.431  1.00 37.38  ? 539 SER A C     1 
ATOM   190  O O     . SER A 1 25  ? 20.719  9.963   20.604  1.00 44.18  ? 539 SER A O     1 
ATOM   191  C CB    . SER A 1 25  ? 19.101  12.822  19.660  1.00 39.62  ? 539 SER A CB    1 
ATOM   192  O OG    . SER A 1 25  ? 20.190  13.318  20.405  1.00 37.15  ? 539 SER A OG    1 
ATOM   193  N N     . PHE A 1 26  ? 18.595  10.154  21.217  1.00 38.64  ? 540 PHE A N     1 
ATOM   194  C CA    . PHE A 1 26  ? 18.707  9.183   22.324  1.00 42.25  ? 540 PHE A CA    1 
ATOM   195  C C     . PHE A 1 26  ? 19.390  7.876   21.894  1.00 43.29  ? 540 PHE A C     1 
ATOM   196  O O     . PHE A 1 26  ? 20.336  7.430   22.559  1.00 43.79  ? 540 PHE A O     1 
ATOM   197  C CB    . PHE A 1 26  ? 17.316  8.892   22.889  1.00 46.57  ? 540 PHE A CB    1 
ATOM   198  C CG    . PHE A 1 26  ? 17.316  8.044   24.120  1.00 54.90  ? 540 PHE A CG    1 
ATOM   199  C CD1   . PHE A 1 26  ? 17.424  8.623   25.379  1.00 63.41  ? 540 PHE A CD1   1 
ATOM   200  C CD2   . PHE A 1 26  ? 17.186  6.665   24.030  1.00 60.80  ? 540 PHE A CD2   1 
ATOM   201  C CE1   . PHE A 1 26  ? 17.414  7.837   26.527  1.00 71.14  ? 540 PHE A CE1   1 
ATOM   202  C CE2   . PHE A 1 26  ? 17.176  5.871   25.169  1.00 66.08  ? 540 PHE A CE2   1 
ATOM   203  C CZ    . PHE A 1 26  ? 17.285  6.456   26.421  1.00 68.55  ? 540 PHE A CZ    1 
ATOM   204  N N     . HIS A 1 27  ? 18.930  7.283   20.776  1.00 39.66  ? 541 HIS A N     1 
ATOM   205  C CA    . HIS A 1 27  ? 19.463  6.005   20.268  1.00 34.86  ? 541 HIS A CA    1 
ATOM   206  C C     . HIS A 1 27  ? 20.673  6.145   19.332  1.00 35.92  ? 541 HIS A C     1 
ATOM   207  O O     . HIS A 1 27  ? 21.174  5.156   18.803  1.00 37.29  ? 541 HIS A O     1 
ATOM   208  C CB    . HIS A 1 27  ? 18.359  5.208   19.566  1.00 34.50  ? 541 HIS A CB    1 
ATOM   209  C CG    . HIS A 1 27  ? 17.228  4.811   20.468  1.00 33.93  ? 541 HIS A CG    1 
ATOM   210  N ND1   . HIS A 1 27  ? 17.337  3.802   21.397  1.00 36.01  ? 541 HIS A ND1   1 
ATOM   211  C CD2   . HIS A 1 27  ? 15.965  5.278   20.573  1.00 33.45  ? 541 HIS A CD2   1 
ATOM   212  C CE1   . HIS A 1 27  ? 16.192  3.671   22.044  1.00 35.72  ? 541 HIS A CE1   1 
ATOM   213  N NE2   . HIS A 1 27  ? 15.344  4.554   21.560  1.00 35.05  ? 541 HIS A NE2   1 
ATOM   214  N N     . LYS A 1 28  ? 21.152  7.362   19.118  1.00 39.08  ? 542 LYS A N     1 
ATOM   215  C CA    . LYS A 1 28  ? 22.450  7.585   18.434  1.00 40.12  ? 542 LYS A CA    1 
ATOM   216  C C     . LYS A 1 28  ? 22.487  6.946   17.084  1.00 39.03  ? 542 LYS A C     1 
ATOM   217  O O     . LYS A 1 28  ? 23.441  6.251   16.718  1.00 37.06  ? 542 LYS A O     1 
ATOM   218  C CB    . LYS A 1 28  ? 23.627  7.081   19.266  1.00 41.75  ? 542 LYS A CB    1 
ATOM   219  C CG    . LYS A 1 28  ? 23.807  7.858   20.559  1.00 45.42  ? 542 LYS A CG    1 
ATOM   220  C CD    . LYS A 1 28  ? 24.426  6.982   21.654  1.00 50.35  ? 542 LYS A CD    1 
ATOM   221  C CE    . LYS A 1 28  ? 25.385  7.786   22.521  1.00 49.41  ? 542 LYS A CE    1 
ATOM   222  N NZ    . LYS A 1 28  ? 25.591  7.127   23.826  1.00 51.85  ? 542 LYS A NZ    1 
ATOM   223  N N     . LEU A 1 29  ? 21.435  7.218   16.330  1.00 36.62  ? 543 LEU A N     1 
ATOM   224  C CA    . LEU A 1 29  ? 21.293  6.654   15.026  1.00 34.25  ? 543 LEU A CA    1 
ATOM   225  C C     . LEU A 1 29  ? 22.299  7.229   14.034  1.00 33.29  ? 543 LEU A C     1 
ATOM   226  O O     . LEU A 1 29  ? 22.572  8.403   14.029  1.00 34.78  ? 543 LEU A O     1 
ATOM   227  C CB    . LEU A 1 29  ? 19.848  6.865   14.536  1.00 36.80  ? 543 LEU A CB    1 
ATOM   228  C CG    . LEU A 1 29  ? 18.808  5.734   14.732  1.00 35.94  ? 543 LEU A CG    1 
ATOM   229  C CD1   . LEU A 1 29  ? 19.031  4.867   15.963  1.00 33.71  ? 543 LEU A CD1   1 
ATOM   230  C CD2   . LEU A 1 29  ? 17.405  6.318   14.735  1.00 34.70  ? 543 LEU A CD2   1 
ATOM   231  N N     . PRO A 1 30  ? 22.817  6.392   13.143  1.00 34.23  ? 544 PRO A N     1 
ATOM   232  C CA    . PRO A 1 30  ? 23.722  6.867   12.109  1.00 33.83  ? 544 PRO A CA    1 
ATOM   233  C C     . PRO A 1 30  ? 23.137  7.966   11.232  1.00 36.87  ? 544 PRO A C     1 
ATOM   234  O O     . PRO A 1 30  ? 21.934  8.044   11.077  1.00 41.82  ? 544 PRO A O     1 
ATOM   235  C CB    . PRO A 1 30  ? 23.954  5.626   11.227  1.00 34.97  ? 544 PRO A CB    1 
ATOM   236  C CG    . PRO A 1 30  ? 23.172  4.509   11.788  1.00 33.61  ? 544 PRO A CG    1 
ATOM   237  C CD    . PRO A 1 30  ? 22.556  4.939   13.079  1.00 34.27  ? 544 PRO A CD    1 
ATOM   238  N N     . PRO A 1 31  ? 23.987  8.797   10.610  1.00 39.11  ? 545 PRO A N     1 
ATOM   239  C CA    . PRO A 1 31  ? 23.430  9.886   9.798   1.00 36.18  ? 545 PRO A CA    1 
ATOM   240  C C     . PRO A 1 31  ? 22.591  9.476   8.593   1.00 38.21  ? 545 PRO A C     1 
ATOM   241  O O     . PRO A 1 31  ? 21.626  10.165  8.279   1.00 36.85  ? 545 PRO A O     1 
ATOM   242  C CB    . PRO A 1 31  ? 24.676  10.628  9.339   1.00 34.91  ? 545 PRO A CB    1 
ATOM   243  C CG    . PRO A 1 31  ? 25.594  10.470  10.497  1.00 37.70  ? 545 PRO A CG    1 
ATOM   244  C CD    . PRO A 1 31  ? 25.397  9.057   10.969  1.00 36.40  ? 545 PRO A CD    1 
ATOM   245  N N     . ASP A 1 32  ? 22.991  8.414   7.895   1.00 40.72  ? 546 ASP A N     1 
ATOM   246  C CA    . ASP A 1 32  ? 22.233  7.899   6.754   1.00 42.56  ? 546 ASP A CA    1 
ATOM   247  C C     . ASP A 1 32  ? 20.844  7.458   7.211   1.00 39.65  ? 546 ASP A C     1 
ATOM   248  O O     . ASP A 1 32  ? 19.874  7.592   6.489   1.00 41.38  ? 546 ASP A O     1 
ATOM   249  C CB    . ASP A 1 32  ? 22.895  6.657   6.110   1.00 46.92  ? 546 ASP A CB    1 
ATOM   250  C CG    . ASP A 1 32  ? 24.278  6.924   5.523   1.00 49.76  ? 546 ASP A CG    1 
ATOM   251  O OD1   . ASP A 1 32  ? 24.539  8.036   5.015   1.00 52.61  ? 546 ASP A OD1   1 
ATOM   252  O OD2   . ASP A 1 32  ? 25.106  5.977   5.565   1.00 54.34  ? 546 ASP A OD2   1 
ATOM   253  N N     . THR A 1 33  ? 20.770  6.858   8.385   1.00 36.84  ? 547 THR A N     1 
ATOM   254  C CA    . THR A 1 33  ? 19.506  6.391   8.887   1.00 37.89  ? 547 THR A CA    1 
ATOM   255  C C     . THR A 1 33  ? 18.598  7.571   9.300   1.00 39.56  ? 547 THR A C     1 
ATOM   256  O O     . THR A 1 33  ? 17.379  7.555   9.043   1.00 38.02  ? 547 THR A O     1 
ATOM   257  C CB    . THR A 1 33  ? 19.744  5.428   10.040  1.00 40.51  ? 547 THR A CB    1 
ATOM   258  O OG1   . THR A 1 33  ? 20.569  4.361   9.567   1.00 42.46  ? 547 THR A OG1   1 
ATOM   259  C CG2   . THR A 1 33  ? 18.443  4.853   10.535  1.00 42.93  ? 547 THR A CG2   1 
ATOM   260  N N     . ARG A 1 34  ? 19.199  8.602   9.908   1.00 37.20  ? 548 ARG A N     1 
ATOM   261  C CA    . ARG A 1 34  ? 18.494  9.843   10.193  1.00 34.11  ? 548 ARG A CA    1 
ATOM   262  C C     . ARG A 1 34  ? 18.004  10.560  8.929   1.00 31.45  ? 548 ARG A C     1 
ATOM   263  O O     . ARG A 1 34  ? 16.883  10.989  8.874   1.00 32.04  ? 548 ARG A O     1 
ATOM   264  C CB    . ARG A 1 34  ? 19.353  10.770  11.036  1.00 36.25  ? 548 ARG A CB    1 
ATOM   265  C CG    . ARG A 1 34  ? 19.594  10.239  12.437  1.00 36.85  ? 548 ARG A CG    1 
ATOM   266  C CD    . ARG A 1 34  ? 20.129  11.314  13.370  1.00 38.51  ? 548 ARG A CD    1 
ATOM   267  N NE    . ARG A 1 34  ? 21.077  10.753  14.339  1.00 40.34  ? 548 ARG A NE    1 
ATOM   268  C CZ    . ARG A 1 34  ? 21.351  11.265  15.538  1.00 42.65  ? 548 ARG A CZ    1 
ATOM   269  N NH1   . ARG A 1 34  ? 20.742  12.359  15.989  1.00 44.43  ? 548 ARG A NH1   1 
ATOM   270  N NH2   . ARG A 1 34  ? 22.244  10.660  16.310  1.00 44.99  ? 548 ARG A NH2   1 
ATOM   271  N N     . GLN A 1 35  ? 18.821  10.668  7.912   1.00 30.35  ? 549 GLN A N     1 
ATOM   272  C CA    . GLN A 1 35  ? 18.387  11.234  6.643   1.00 32.71  ? 549 GLN A CA    1 
ATOM   273  C C     . GLN A 1 35  ? 17.246  10.399  5.997   1.00 34.36  ? 549 GLN A C     1 
ATOM   274  O O     . GLN A 1 35  ? 16.243  10.945  5.582   1.00 35.63  ? 549 GLN A O     1 
ATOM   275  C CB    . GLN A 1 35  ? 19.589  11.378  5.690   1.00 33.80  ? 549 GLN A CB    1 
ATOM   276  C CG    . GLN A 1 35  ? 19.361  12.239  4.454   1.00 36.46  ? 549 GLN A CG    1 
ATOM   277  C CD    . GLN A 1 35  ? 19.017  13.694  4.773   1.00 42.81  ? 549 GLN A CD    1 
ATOM   278  O OE1   . GLN A 1 35  ? 19.792  14.313  5.661   1.00 50.41  ? 549 GLN A OE1   1 
ATOM   279  N NE2   . GLN A 1 35  ? 18.040  14.249  4.236   1.00 42.03  ? 549 GLN A NE2   1 
ATOM   280  N N     . ARG A 1 36  ? 17.373  9.083   5.929   1.00 36.29  ? 550 ARG A N     1 
ATOM   281  C CA    . ARG A 1 36  ? 16.269  8.246   5.398   1.00 38.90  ? 550 ARG A CA    1 
ATOM   282  C C     . ARG A 1 36  ? 14.922  8.521   6.082   1.00 35.82  ? 550 ARG A C     1 
ATOM   283  O O     . ARG A 1 36  ? 13.896  8.592   5.422   1.00 30.95  ? 550 ARG A O     1 
ATOM   284  C CB    . ARG A 1 36  ? 16.576  6.743   5.524   1.00 41.44  ? 550 ARG A CB    1 
ATOM   285  C CG    . ARG A 1 36  ? 17.602  6.195   4.532   1.00 47.44  ? 550 ARG A CG    1 
ATOM   286  C CD    . ARG A 1 36  ? 17.615  4.662   4.536   1.00 50.74  ? 550 ARG A CD    1 
ATOM   287  N NE    . ARG A 1 36  ? 18.475  4.088   5.572   1.00 49.49  ? 550 ARG A NE    1 
ATOM   288  C CZ    . ARG A 1 36  ? 19.798  3.985   5.471   1.00 51.75  ? 550 ARG A CZ    1 
ATOM   289  N NH1   . ARG A 1 36  ? 20.437  4.438   4.397   1.00 51.29  ? 550 ARG A NH1   1 
ATOM   290  N NH2   . ARG A 1 36  ? 20.499  3.441   6.456   1.00 53.89  ? 550 ARG A NH2   1 
ATOM   291  N N     . ILE A 1 37  ? 14.948  8.653   7.403   1.00 33.57  ? 551 ILE A N     1 
ATOM   292  C CA    . ILE A 1 37  ? 13.747  8.932   8.189   1.00 33.01  ? 551 ILE A CA    1 
ATOM   293  C C     . ILE A 1 37  ? 13.157  10.334  7.934   1.00 33.79  ? 551 ILE A C     1 
ATOM   294  O O     . ILE A 1 37  ? 11.944  10.472  7.760   1.00 35.78  ? 551 ILE A O     1 
ATOM   295  C CB    . ILE A 1 37  ? 14.079  8.771   9.682   1.00 33.26  ? 551 ILE A CB    1 
ATOM   296  C CG1   . ILE A 1 37  ? 14.260  7.286   10.000  1.00 31.95  ? 551 ILE A CG1   1 
ATOM   297  C CG2   . ILE A 1 37  ? 12.991  9.385   10.574  1.00 34.50  ? 551 ILE A CG2   1 
ATOM   298  C CD1   . ILE A 1 37  ? 15.022  7.052   11.271  1.00 32.42  ? 551 ILE A CD1   1 
ATOM   299  N N     . HIS A 1 38  ? 14.024  11.348  7.906   1.00 32.14  ? 552 HIS A N     1 
ATOM   300  C CA    . HIS A 1 38  ? 13.651  12.718  7.577   1.00 33.64  ? 552 HIS A CA    1 
ATOM   301  C C     . HIS A 1 38  ? 12.912  12.708  6.269   1.00 31.45  ? 552 HIS A C     1 
ATOM   302  O O     . HIS A 1 38  ? 11.845  13.308  6.136   1.00 29.80  ? 552 HIS A O     1 
ATOM   303  C CB    . HIS A 1 38  ? 14.901  13.616  7.439   1.00 35.45  ? 552 HIS A CB    1 
ATOM   304  C CG    . HIS A 1 38  ? 14.619  15.002  6.914   1.00 40.55  ? 552 HIS A CG    1 
ATOM   305  N ND1   . HIS A 1 38  ? 14.629  15.311  5.561   1.00 41.29  ? 552 HIS A ND1   1 
ATOM   306  C CD2   . HIS A 1 38  ? 14.344  16.164  7.558   1.00 39.46  ? 552 HIS A CD2   1 
ATOM   307  C CE1   . HIS A 1 38  ? 14.364  16.594  5.400   1.00 38.16  ? 552 HIS A CE1   1 
ATOM   308  N NE2   . HIS A 1 38  ? 14.183  17.133  6.593   1.00 39.90  ? 552 HIS A NE2   1 
ATOM   309  N N     . ASP A 1 39  ? 13.501  12.013  5.306   1.00 31.92  ? 553 ASP A N     1 
ATOM   310  C CA    . ASP A 1 39  ? 13.002  12.007  3.947   1.00 32.16  ? 553 ASP A CA    1 
ATOM   311  C C     . ASP A 1 39  ? 11.689  11.251  3.847   1.00 33.84  ? 553 ASP A C     1 
ATOM   312  O O     . ASP A 1 39  ? 10.807  11.641  3.070   1.00 37.51  ? 553 ASP A O     1 
ATOM   313  C CB    . ASP A 1 39  ? 14.046  11.435  3.000   1.00 32.25  ? 553 ASP A CB    1 
ATOM   314  C CG    . ASP A 1 39  ? 15.209  12.376  2.783   1.00 35.71  ? 553 ASP A CG    1 
ATOM   315  O OD1   . ASP A 1 39  ? 15.041  13.562  3.069   1.00 43.41  ? 553 ASP A OD1   1 
ATOM   316  O OD2   . ASP A 1 39  ? 16.305  11.962  2.361   1.00 39.40  ? 553 ASP A OD2   1 
ATOM   317  N N     . TYR A 1 40  ? 11.564  10.177  4.628   1.00 32.50  ? 554 TYR A N     1 
ATOM   318  C CA    . TYR A 1 40  ? 10.344  9.408   4.692   1.00 31.86  ? 554 TYR A CA    1 
ATOM   319  C C     . TYR A 1 40  ? 9.251   10.311  5.211   1.00 32.24  ? 554 TYR A C     1 
ATOM   320  O O     . TYR A 1 40  ? 8.175   10.388  4.628   1.00 30.00  ? 554 TYR A O     1 
ATOM   321  C CB    . TYR A 1 40  ? 10.493  8.243   5.660   1.00 30.76  ? 554 TYR A CB    1 
ATOM   322  C CG    . TYR A 1 40  ? 9.179   7.580   6.050   1.00 30.80  ? 554 TYR A CG    1 
ATOM   323  C CD1   . TYR A 1 40  ? 8.600   6.595   5.226   1.00 31.41  ? 554 TYR A CD1   1 
ATOM   324  C CD2   . TYR A 1 40  ? 8.530   7.900   7.236   1.00 31.95  ? 554 TYR A CD2   1 
ATOM   325  C CE1   . TYR A 1 40  ? 7.429   5.960   5.564   1.00 28.53  ? 554 TYR A CE1   1 
ATOM   326  C CE2   . TYR A 1 40  ? 7.325   7.271   7.581   1.00 31.96  ? 554 TYR A CE2   1 
ATOM   327  C CZ    . TYR A 1 40  ? 6.791   6.301   6.729   1.00 31.54  ? 554 TYR A CZ    1 
ATOM   328  O OH    . TYR A 1 40  ? 5.621   5.632   7.023   1.00 34.00  ? 554 TYR A OH    1 
ATOM   329  N N     . TYR A 1 41  ? 9.565   10.991  6.308   1.00 30.28  ? 555 TYR A N     1 
ATOM   330  C CA    . TYR A 1 41  ? 8.603   11.831  7.015   1.00 32.30  ? 555 TYR A CA    1 
ATOM   331  C C     . TYR A 1 41  ? 8.006   12.945  6.115   1.00 31.99  ? 555 TYR A C     1 
ATOM   332  O O     . TYR A 1 41  ? 6.796   13.232  6.135   1.00 32.18  ? 555 TYR A O     1 
ATOM   333  C CB    . TYR A 1 41  ? 9.264   12.424  8.267   1.00 31.82  ? 555 TYR A CB    1 
ATOM   334  C CG    . TYR A 1 41  ? 8.465   12.177  9.492   1.00 32.06  ? 555 TYR A CG    1 
ATOM   335  C CD1   . TYR A 1 41  ? 8.481   10.941  10.099  1.00 34.15  ? 555 TYR A CD1   1 
ATOM   336  C CD2   . TYR A 1 41  ? 7.680   13.172  10.042  1.00 33.73  ? 555 TYR A CD2   1 
ATOM   337  C CE1   . TYR A 1 41  ? 7.726   10.689  11.226  1.00 35.15  ? 555 TYR A CE1   1 
ATOM   338  C CE2   . TYR A 1 41  ? 6.919   12.944  11.165  1.00 34.78  ? 555 TYR A CE2   1 
ATOM   339  C CZ    . TYR A 1 41  ? 6.940   11.686  11.747  1.00 37.40  ? 555 TYR A CZ    1 
ATOM   340  O OH    . TYR A 1 41  ? 6.207   11.434  12.892  1.00 44.82  ? 555 TYR A OH    1 
ATOM   341  N N     . GLU A 1 42  ? 8.858   13.549  5.307   1.00 32.82  ? 556 GLU A N     1 
ATOM   342  C CA    . GLU A 1 42  ? 8.397   14.493  4.303   1.00 34.03  ? 556 GLU A CA    1 
ATOM   343  C C     . GLU A 1 42  ? 7.537   13.876  3.175   1.00 32.81  ? 556 GLU A C     1 
ATOM   344  O O     . GLU A 1 42  ? 6.462   14.409  2.890   1.00 33.17  ? 556 GLU A O     1 
ATOM   345  C CB    . GLU A 1 42  ? 9.572   15.306  3.785   1.00 34.96  ? 556 GLU A CB    1 
ATOM   346  C CG    . GLU A 1 42  ? 10.131  16.203  4.911   1.00 38.95  ? 556 GLU A CG    1 
ATOM   347  C CD    . GLU A 1 42  ? 11.001  17.385  4.429   1.00 40.53  ? 556 GLU A CD    1 
ATOM   348  O OE1   . GLU A 1 42  ? 11.745  17.237  3.419   1.00 37.40  ? 556 GLU A OE1   1 
ATOM   349  O OE2   . GLU A 1 42  ? 10.941  18.470  5.074   1.00 40.17  ? 556 GLU A OE2   1 
ATOM   350  N N     . HIS A 1 43  ? 7.974   12.775  2.549   1.00 31.52  ? 557 HIS A N     1 
ATOM   351  C CA    A HIS A 1 43  ? 7.167   12.112  1.499   0.50 30.37  ? 557 HIS A CA    1 
ATOM   352  C CA    B HIS A 1 43  ? 7.166   12.149  1.502   0.50 31.86  ? 557 HIS A CA    1 
ATOM   353  C C     . HIS A 1 43  ? 5.866   11.597  2.094   1.00 30.41  ? 557 HIS A C     1 
ATOM   354  O O     . HIS A 1 43  ? 4.811   11.813  1.551   1.00 32.50  ? 557 HIS A O     1 
ATOM   355  C CB    A HIS A 1 43  ? 7.921   10.961  0.808   0.50 28.13  ? 557 HIS A CB    1 
ATOM   356  C CB    B HIS A 1 43  ? 7.973   11.104  0.704   0.50 31.27  ? 557 HIS A CB    1 
ATOM   357  C CG    A HIS A 1 43  ? 7.379   10.597  -0.546  0.50 26.08  ? 557 HIS A CG    1 
ATOM   358  C CG    B HIS A 1 43  ? 8.888   11.718  -0.319  0.50 31.02  ? 557 HIS A CG    1 
ATOM   359  N ND1   A HIS A 1 43  ? 7.603   11.362  -1.671  0.50 25.89  ? 557 HIS A ND1   1 
ATOM   360  N ND1   B HIS A 1 43  ? 10.025  12.421  0.022   0.50 32.10  ? 557 HIS A ND1   1 
ATOM   361  C CD2   A HIS A 1 43  ? 6.649   9.536   -0.961  0.50 24.64  ? 557 HIS A CD2   1 
ATOM   362  C CD2   B HIS A 1 43  ? 8.809   11.776  -1.668  0.50 30.81  ? 557 HIS A CD2   1 
ATOM   363  C CE1   A HIS A 1 43  ? 7.020   10.799  -2.712  0.50 24.18  ? 557 HIS A CE1   1 
ATOM   364  C CE1   B HIS A 1 43  ? 10.609  12.875  -1.073  0.50 31.28  ? 557 HIS A CE1   1 
ATOM   365  N NE2   A HIS A 1 43  ? 6.435   9.689   -2.308  0.50 23.92  ? 557 HIS A NE2   1 
ATOM   366  N NE2   B HIS A 1 43  ? 9.893   12.492  -2.111  0.50 30.92  ? 557 HIS A NE2   1 
ATOM   367  N N     . ARG A 1 44  ? 5.941   10.958  3.246   1.00 31.07  ? 558 ARG A N     1 
ATOM   368  C CA    . ARG A 1 44  ? 4.748   10.370  3.861   1.00 31.68  ? 558 ARG A CA    1 
ATOM   369  C C     . ARG A 1 44  ? 3.692   11.400  4.321   1.00 33.24  ? 558 ARG A C     1 
ATOM   370  O O     . ARG A 1 44  ? 2.503   11.206  4.124   1.00 32.34  ? 558 ARG A O     1 
ATOM   371  C CB    . ARG A 1 44  ? 5.128   9.465   5.039   1.00 31.43  ? 558 ARG A CB    1 
ATOM   372  C CG    . ARG A 1 44  ? 3.958   8.979   5.909   1.00 31.65  ? 558 ARG A CG    1 
ATOM   373  C CD    . ARG A 1 44  ? 3.021   8.067   5.131   1.00 30.89  ? 558 ARG A CD    1 
ATOM   374  N NE    . ARG A 1 44  ? 1.892   7.628   5.947   1.00 34.17  ? 558 ARG A NE    1 
ATOM   375  C CZ    . ARG A 1 44  ? 0.775   8.347   6.153   1.00 37.18  ? 558 ARG A CZ    1 
ATOM   376  N NH1   . ARG A 1 44  ? 0.609   9.561   5.599   1.00 36.31  ? 558 ARG A NH1   1 
ATOM   377  N NH2   . ARG A 1 44  ? -0.200  7.846   6.918   1.00 35.08  ? 558 ARG A NH2   1 
ATOM   378  N N     . TYR A 1 45  ? 4.114   12.457  4.989   1.00 35.00  ? 559 TYR A N     1 
ATOM   379  C CA    . TYR A 1 45  ? 3.156   13.307  5.674   1.00 33.64  ? 559 TYR A CA    1 
ATOM   380  C C     . TYR A 1 45  ? 2.984   14.667  5.021   1.00 34.07  ? 559 TYR A C     1 
ATOM   381  O O     . TYR A 1 45  ? 1.889   15.219  5.050   1.00 36.03  ? 559 TYR A O     1 
ATOM   382  C CB    . TYR A 1 45  ? 3.541   13.448  7.127   1.00 31.84  ? 559 TYR A CB    1 
ATOM   383  C CG    . TYR A 1 45  ? 3.358   12.169  7.891   1.00 30.07  ? 559 TYR A CG    1 
ATOM   384  C CD1   . TYR A 1 45  ? 2.100   11.711  8.210   1.00 31.50  ? 559 TYR A CD1   1 
ATOM   385  C CD2   . TYR A 1 45  ? 4.441   11.437  8.315   1.00 29.77  ? 559 TYR A CD2   1 
ATOM   386  C CE1   . TYR A 1 45  ? 1.931   10.531  8.908   1.00 31.97  ? 559 TYR A CE1   1 
ATOM   387  C CE2   . TYR A 1 45  ? 4.295   10.265  9.019   1.00 29.22  ? 559 TYR A CE2   1 
ATOM   388  C CZ    . TYR A 1 45  ? 3.046   9.805   9.312   1.00 32.00  ? 559 TYR A CZ    1 
ATOM   389  O OH    . TYR A 1 45  ? 2.903   8.616   10.017  1.00 34.99  ? 559 TYR A OH    1 
ATOM   390  N N     . GLN A 1 46  ? 4.060   15.172  4.432   1.00 36.16  ? 560 GLN A N     1 
ATOM   391  C CA    . GLN A 1 46  ? 4.070   16.405  3.625   1.00 38.63  ? 560 GLN A CA    1 
ATOM   392  C C     . GLN A 1 46  ? 3.816   17.663  4.443   1.00 39.75  ? 560 GLN A C     1 
ATOM   393  O O     . GLN A 1 46  ? 3.099   18.556  4.013   1.00 40.62  ? 560 GLN A O     1 
ATOM   394  C CB    . GLN A 1 46  ? 3.093   16.296  2.447   1.00 39.84  ? 560 GLN A CB    1 
ATOM   395  C CG    . GLN A 1 46  ? 3.338   15.085  1.559   1.00 41.12  ? 560 GLN A CG    1 
ATOM   396  C CD    . GLN A 1 46  ? 2.367   15.039  0.396   1.00 45.23  ? 560 GLN A CD    1 
ATOM   397  O OE1   . GLN A 1 46  ? 1.180   14.764  0.566   1.00 44.24  ? 560 GLN A OE1   1 
ATOM   398  N NE2   . GLN A 1 46  ? 2.863   15.328  -0.794  1.00 49.49  ? 560 GLN A NE2   1 
ATOM   399  N N     . GLY A 1 47  ? 4.425   17.719  5.627   1.00 42.88  ? 561 GLY A N     1 
ATOM   400  C CA    . GLY A 1 47  ? 4.300   18.862  6.521   1.00 43.75  ? 561 GLY A CA    1 
ATOM   401  C C     . GLY A 1 47  ? 3.043   18.893  7.391   1.00 42.54  ? 561 GLY A C     1 
ATOM   402  O O     . GLY A 1 47  ? 2.908   19.790  8.207   1.00 42.39  ? 561 GLY A O     1 
ATOM   403  N N     . LYS A 1 48  ? 2.118   17.944  7.223   1.00 39.50  ? 562 LYS A N     1 
ATOM   404  C CA    . LYS A 1 48  ? 0.849   17.966  7.964   1.00 39.97  ? 562 LYS A CA    1 
ATOM   405  C C     . LYS A 1 48  ? 0.521   16.595  8.525   1.00 40.40  ? 562 LYS A C     1 
ATOM   406  O O     . LYS A 1 48  ? 0.659   15.580  7.833   1.00 45.65  ? 562 LYS A O     1 
ATOM   407  C CB    . LYS A 1 48  ? -0.332  18.442  7.086   1.00 39.60  ? 562 LYS A CB    1 
ATOM   408  C CG    . LYS A 1 48  ? 0.056   19.174  5.799   1.00 41.02  ? 562 LYS A CG    1 
ATOM   409  C CD    . LYS A 1 48  ? -0.783  20.426  5.569   1.00 42.20  ? 562 LYS A CD    1 
ATOM   410  C CE    . LYS A 1 48  ? -0.049  21.504  4.784   1.00 40.80  ? 562 LYS A CE    1 
ATOM   411  N NZ    . LYS A 1 48  ? 0.252   21.069  3.399   1.00 41.77  ? 562 LYS A NZ    1 
ATOM   412  N N     . MET A 1 49  ? 0.081   16.564  9.774   1.00 41.43  ? 563 MET A N     1 
ATOM   413  C CA    . MET A 1 49  ? -0.431  15.342  10.353  1.00 45.29  ? 563 MET A CA    1 
ATOM   414  C C     . MET A 1 49  ? -1.866  15.496  10.809  1.00 50.43  ? 563 MET A C     1 
ATOM   415  O O     . MET A 1 49  ? -2.235  16.450  11.511  1.00 44.86  ? 563 MET A O     1 
ATOM   416  C CB    . MET A 1 49  ? 0.464   14.849  11.475  1.00 48.07  ? 563 MET A CB    1 
ATOM   417  C CG    . MET A 1 49  ? 1.775   14.346  10.913  1.00 54.00  ? 563 MET A CG    1 
ATOM   418  S SD    . MET A 1 49  ? 2.817   13.559  12.124  1.00 59.24  ? 563 MET A SD    1 
ATOM   419  C CE    . MET A 1 49  ? 1.793   12.134  12.492  1.00 62.52  ? 563 MET A CE    1 
ATOM   420  N N     . PHE A 1 50  ? -2.661  14.528  10.357  1.00 55.40  ? 564 PHE A N     1 
ATOM   421  C CA    . PHE A 1 50  ? -4.066  14.411  10.673  1.00 58.69  ? 564 PHE A CA    1 
ATOM   422  C C     . PHE A 1 50  ? -4.276  13.149  11.480  1.00 64.07  ? 564 PHE A C     1 
ATOM   423  O O     . PHE A 1 50  ? -3.499  12.203  11.354  1.00 71.68  ? 564 PHE A O     1 
ATOM   424  C CB    . PHE A 1 50  ? -4.845  14.317  9.366   1.00 54.69  ? 564 PHE A CB    1 
ATOM   425  C CG    . PHE A 1 50  ? -4.739  15.554  8.523   1.00 54.91  ? 564 PHE A CG    1 
ATOM   426  C CD1   . PHE A 1 50  ? -5.176  16.785  9.020   1.00 55.25  ? 564 PHE A CD1   1 
ATOM   427  C CD2   . PHE A 1 50  ? -4.199  15.509  7.248   1.00 55.55  ? 564 PHE A CD2   1 
ATOM   428  C CE1   . PHE A 1 50  ? -5.083  17.933  8.252   1.00 53.82  ? 564 PHE A CE1   1 
ATOM   429  C CE2   . PHE A 1 50  ? -4.107  16.657  6.474   1.00 54.47  ? 564 PHE A CE2   1 
ATOM   430  C CZ    . PHE A 1 50  ? -4.547  17.868  6.977   1.00 51.67  ? 564 PHE A CZ    1 
ATOM   431  N N     . ASP A 1 51  ? -5.318  13.124  12.307  1.00 69.17  ? 565 ASP A N     1 
ATOM   432  C CA    . ASP A 1 51  ? -5.750  11.864  12.920  1.00 72.49  ? 565 ASP A CA    1 
ATOM   433  C C     . ASP A 1 51  ? -6.735  11.159  11.982  1.00 71.28  ? 565 ASP A C     1 
ATOM   434  O O     . ASP A 1 51  ? -7.892  10.915  12.330  1.00 75.00  ? 565 ASP A O     1 
ATOM   435  C CB    . ASP A 1 51  ? -6.367  12.106  14.301  1.00 73.29  ? 565 ASP A CB    1 
ATOM   436  C CG    . ASP A 1 51  ? -6.332  10.860  15.177  1.00 74.68  ? 565 ASP A CG    1 
ATOM   437  O OD1   . ASP A 1 51  ? -6.330  9.719   14.622  1.00 66.46  ? 565 ASP A OD1   1 
ATOM   438  O OD2   . ASP A 1 51  ? -6.299  11.036  16.414  1.00 64.45  ? 565 ASP A OD2   1 
ATOM   439  N N     . GLU A 1 52  ? -6.254  10.821  10.791  1.00 70.49  ? 566 GLU A N     1 
ATOM   440  C CA    . GLU A 1 52  ? -7.127  10.467  9.678   1.00 67.83  ? 566 GLU A CA    1 
ATOM   441  C C     . GLU A 1 52  ? -8.368  9.689   10.122  1.00 68.88  ? 566 GLU A C     1 
ATOM   442  O O     . GLU A 1 52  ? -9.479  10.047  9.763   1.00 72.34  ? 566 GLU A O     1 
ATOM   443  C CB    . GLU A 1 52  ? -6.364  9.669   8.609   1.00 69.72  ? 566 GLU A CB    1 
ATOM   444  C CG    . GLU A 1 52  ? -6.442  10.276  7.207   1.00 74.56  ? 566 GLU A CG    1 
ATOM   445  C CD    . GLU A 1 52  ? -6.983  9.326   6.124   1.00 80.24  ? 566 GLU A CD    1 
ATOM   446  O OE1   . GLU A 1 52  ? -7.164  8.113   6.406   1.00 78.02  ? 566 GLU A OE1   1 
ATOM   447  O OE2   . GLU A 1 52  ? -7.238  9.795   4.978   1.00 71.29  ? 566 GLU A OE2   1 
ATOM   448  N N     . GLU A 1 53  ? -8.190  8.642   10.918  1.00 69.70  ? 567 GLU A N     1 
ATOM   449  C CA    . GLU A 1 53  ? -9.268  7.669   11.121  1.00 71.86  ? 567 GLU A CA    1 
ATOM   450  C C     . GLU A 1 53  ? -10.217 8.062   12.223  1.00 65.42  ? 567 GLU A C     1 
ATOM   451  O O     . GLU A 1 53  ? -11.323 7.505   12.332  1.00 56.94  ? 567 GLU A O     1 
ATOM   452  C CB    . GLU A 1 53  ? -8.700  6.289   11.422  1.00 80.40  ? 567 GLU A CB    1 
ATOM   453  C CG    . GLU A 1 53  ? -7.874  5.728   10.283  1.00 90.30  ? 567 GLU A CG    1 
ATOM   454  C CD    . GLU A 1 53  ? -7.435  4.301   10.538  1.00 102.03 ? 567 GLU A CD    1 
ATOM   455  O OE1   . GLU A 1 53  ? -7.443  3.872   11.713  1.00 102.58 ? 567 GLU A OE1   1 
ATOM   456  O OE2   . GLU A 1 53  ? -7.078  3.600   9.564   1.00 110.73 ? 567 GLU A OE2   1 
ATOM   457  N N     . SER A 1 54  ? -9.757  8.990   13.055  1.00 57.39  ? 568 SER A N     1 
ATOM   458  C CA    . SER A 1 54  ? -10.590 9.606   14.066  1.00 52.65  ? 568 SER A CA    1 
ATOM   459  C C     . SER A 1 54  ? -11.496 10.677  13.453  1.00 52.32  ? 568 SER A C     1 
ATOM   460  O O     . SER A 1 54  ? -12.639 10.845  13.887  1.00 49.60  ? 568 SER A O     1 
ATOM   461  C CB    . SER A 1 54  ? -9.726  10.244  15.128  1.00 52.27  ? 568 SER A CB    1 
ATOM   462  O OG    . SER A 1 54  ? -10.441 11.284  15.746  1.00 57.65  ? 568 SER A OG    1 
ATOM   463  N N     . ILE A 1 55  ? -10.981 11.412  12.461  1.00 47.59  ? 569 ILE A N     1 
ATOM   464  C CA    . ILE A 1 55  ? -11.786 12.398  11.752  1.00 43.16  ? 569 ILE A CA    1 
ATOM   465  C C     . ILE A 1 55  ? -12.800 11.665  10.907  1.00 42.44  ? 569 ILE A C     1 
ATOM   466  O O     . ILE A 1 55  ? -13.995 11.969  10.930  1.00 39.20  ? 569 ILE A O     1 
ATOM   467  C CB    . ILE A 1 55  ? -10.958 13.295  10.817  1.00 44.96  ? 569 ILE A CB    1 
ATOM   468  C CG1   . ILE A 1 55  ? -10.092 14.261  11.608  1.00 43.90  ? 569 ILE A CG1   1 
ATOM   469  C CG2   . ILE A 1 55  ? -11.870 14.106  9.912   1.00 45.99  ? 569 ILE A CG2   1 
ATOM   470  C CD1   . ILE A 1 55  ? -9.044  14.927  10.754  1.00 45.80  ? 569 ILE A CD1   1 
ATOM   471  N N     . LEU A 1 56  ? -12.314 10.701  10.139  1.00 44.41  ? 570 LEU A N     1 
ATOM   472  C CA    . LEU A 1 56  ? -13.198 9.850   9.358   1.00 42.57  ? 570 LEU A CA    1 
ATOM   473  C C     . LEU A 1 56  ? -14.167 9.137   10.296  1.00 40.16  ? 570 LEU A C     1 
ATOM   474  O O     . LEU A 1 56  ? -15.347 8.972   9.960   1.00 39.55  ? 570 LEU A O     1 
ATOM   475  C CB    . LEU A 1 56  ? -12.393 8.856   8.506   1.00 44.43  ? 570 LEU A CB    1 
ATOM   476  C CG    . LEU A 1 56  ? -11.551 9.474   7.356   1.00 45.16  ? 570 LEU A CG    1 
ATOM   477  C CD1   . LEU A 1 56  ? -10.412 8.577   6.895   1.00 45.79  ? 570 LEU A CD1   1 
ATOM   478  C CD2   . LEU A 1 56  ? -12.398 9.846   6.156   1.00 45.40  ? 570 LEU A CD2   1 
ATOM   479  N N     . GLY A 1 57  ? -13.680 8.754   11.478  1.00 40.01  ? 571 GLY A N     1 
ATOM   480  C CA    . GLY A 1 57  ? -14.478 7.998   12.448  1.00 38.66  ? 571 GLY A CA    1 
ATOM   481  C C     . GLY A 1 57  ? -15.628 8.816   12.990  1.00 40.18  ? 571 GLY A C     1 
ATOM   482  O O     . GLY A 1 57  ? -16.680 8.284   13.273  1.00 39.10  ? 571 GLY A O     1 
ATOM   483  N N     . GLU A 1 58  ? -15.429 10.123  13.109  1.00 44.52  ? 572 GLU A N     1 
ATOM   484  C CA    . GLU A 1 58  ? -16.491 11.038  13.572  1.00 46.51  ? 572 GLU A CA    1 
ATOM   485  C C     . GLU A 1 58  ? -17.638 11.281  12.583  1.00 43.85  ? 572 GLU A C     1 
ATOM   486  O O     . GLU A 1 58  ? -18.700 11.784  12.983  1.00 40.08  ? 572 GLU A O     1 
ATOM   487  C CB    . GLU A 1 58  ? -15.887 12.394  13.893  1.00 47.94  ? 572 GLU A CB    1 
ATOM   488  C CG    . GLU A 1 58  ? -15.099 12.423  15.184  1.00 48.27  ? 572 GLU A CG    1 
ATOM   489  C CD    . GLU A 1 58  ? -14.218 13.646  15.262  1.00 46.81  ? 572 GLU A CD    1 
ATOM   490  O OE1   . GLU A 1 58  ? -14.158 14.397  14.263  1.00 45.68  ? 572 GLU A OE1   1 
ATOM   491  O OE2   . GLU A 1 58  ? -13.592 13.837  16.317  1.00 49.55  ? 572 GLU A OE2   1 
ATOM   492  N N     . LEU A 1 59  ? -17.403 10.951  11.310  1.00 39.70  ? 573 LEU A N     1 
ATOM   493  C CA    . LEU A 1 59  ? -18.396 11.123  10.231  1.00 38.93  ? 573 LEU A CA    1 
ATOM   494  C C     . LEU A 1 59  ? -19.272 9.903   10.028  1.00 36.57  ? 573 LEU A C     1 
ATOM   495  O O     . LEU A 1 59  ? -19.022 8.854   10.586  1.00 36.21  ? 573 LEU A O     1 
ATOM   496  C CB    . LEU A 1 59  ? -17.710 11.436  8.883   1.00 38.18  ? 573 LEU A CB    1 
ATOM   497  C CG    . LEU A 1 59  ? -16.682 12.580  8.871   1.00 40.03  ? 573 LEU A CG    1 
ATOM   498  C CD1   . LEU A 1 59  ? -16.082 12.760  7.491   1.00 39.54  ? 573 LEU A CD1   1 
ATOM   499  C CD2   . LEU A 1 59  ? -17.244 13.893  9.399   1.00 39.73  ? 573 LEU A CD2   1 
ATOM   500  N N     . SER A 1 60  ? -20.304 10.065  9.210   1.00 38.06  ? 574 SER A N     1 
ATOM   501  C CA    . SER A 1 60  ? -21.156 8.956   8.801   1.00 39.77  ? 574 SER A CA    1 
ATOM   502  C C     . SER A 1 60  ? -20.441 8.110   7.756   1.00 39.48  ? 574 SER A C     1 
ATOM   503  O O     . SER A 1 60  ? -19.434 8.520   7.161   1.00 39.14  ? 574 SER A O     1 
ATOM   504  C CB    . SER A 1 60  ? -22.487 9.480   8.243   1.00 39.89  ? 574 SER A CB    1 
ATOM   505  O OG    . SER A 1 60  ? -22.289 10.301  7.102   1.00 40.16  ? 574 SER A OG    1 
ATOM   506  N N     . GLU A 1 61  ? -20.954 6.914   7.544   1.00 39.62  ? 575 GLU A N     1 
ATOM   507  C CA    . GLU A 1 61  ? -20.301 6.015   6.640   1.00 40.84  ? 575 GLU A CA    1 
ATOM   508  C C     . GLU A 1 61  ? -20.444 6.528   5.221   1.00 37.14  ? 575 GLU A C     1 
ATOM   509  O O     . GLU A 1 61  ? -19.509 6.433   4.459   1.00 38.09  ? 575 GLU A O     1 
ATOM   510  C CB    . GLU A 1 61  ? -20.804 4.577   6.771   1.00 45.06  ? 575 GLU A CB    1 
ATOM   511  C CG    . GLU A 1 61  ? -19.783 3.602   6.211   1.00 55.61  ? 575 GLU A CG    1 
ATOM   512  C CD    . GLU A 1 61  ? -20.262 2.179   6.171   1.00 69.95  ? 575 GLU A CD    1 
ATOM   513  O OE1   . GLU A 1 61  ? -21.474 1.941   6.392   1.00 81.73  ? 575 GLU A OE1   1 
ATOM   514  O OE2   . GLU A 1 61  ? -19.412 1.303   5.906   1.00 76.08  ? 575 GLU A OE2   1 
ATOM   515  N N     . PRO A 1 62  ? -21.606 7.071   4.849   1.00 35.27  ? 576 PRO A N     1 
ATOM   516  C CA    . PRO A 1 62  ? -21.687 7.575   3.459   1.00 34.77  ? 576 PRO A CA    1 
ATOM   517  C C     . PRO A 1 62  ? -20.656 8.672   3.116   1.00 32.27  ? 576 PRO A C     1 
ATOM   518  O O     . PRO A 1 62  ? -20.080 8.657   2.029   1.00 30.75  ? 576 PRO A O     1 
ATOM   519  C CB    . PRO A 1 62  ? -23.100 8.134   3.381   1.00 36.31  ? 576 PRO A CB    1 
ATOM   520  C CG    . PRO A 1 62  ? -23.878 7.309   4.374   1.00 37.98  ? 576 PRO A CG    1 
ATOM   521  C CD    . PRO A 1 62  ? -22.933 6.922   5.469   1.00 35.63  ? 576 PRO A CD    1 
ATOM   522  N N     . LEU A 1 63  ? -20.447 9.604   4.044   1.00 30.97  ? 577 LEU A N     1 
ATOM   523  C CA    . LEU A 1 63  ? -19.434 10.632  3.888   1.00 29.76  ? 577 LEU A CA    1 
ATOM   524  C C     . LEU A 1 63  ? -18.062 10.002  3.868   1.00 29.50  ? 577 LEU A C     1 
ATOM   525  O O     . LEU A 1 63  ? -17.255 10.348  3.003   1.00 28.84  ? 577 LEU A O     1 
ATOM   526  C CB    . LEU A 1 63  ? -19.506 11.677  5.003   1.00 28.12  ? 577 LEU A CB    1 
ATOM   527  C CG    . LEU A 1 63  ? -20.712 12.571  4.982   1.00 28.87  ? 577 LEU A CG    1 
ATOM   528  C CD1   . LEU A 1 63  ? -20.707 13.440  6.244   1.00 30.84  ? 577 LEU A CD1   1 
ATOM   529  C CD2   . LEU A 1 63  ? -20.747 13.437  3.743   1.00 29.62  ? 577 LEU A CD2   1 
ATOM   530  N N     . ARG A 1 64  ? -17.791 9.102   4.818   1.00 29.46  ? 578 ARG A N     1 
ATOM   531  C CA    . ARG A 1 64  ? -16.551 8.309   4.793   1.00 32.10  ? 578 ARG A CA    1 
ATOM   532  C C     . ARG A 1 64  ? -16.301 7.708   3.366   1.00 31.10  ? 578 ARG A C     1 
ATOM   533  O O     . ARG A 1 64  ? -15.211 7.842   2.774   1.00 28.92  ? 578 ARG A O     1 
ATOM   534  C CB    . ARG A 1 64  ? -16.609 7.215   5.859   1.00 34.96  ? 578 ARG A CB    1 
ATOM   535  C CG    . ARG A 1 64  ? -15.263 6.745   6.395   1.00 40.62  ? 578 ARG A CG    1 
ATOM   536  C CD    . ARG A 1 64  ? -15.378 5.595   7.414   1.00 41.72  ? 578 ARG A CD    1 
ATOM   537  N NE    . ARG A 1 64  ? -15.970 6.092   8.648   1.00 43.32  ? 578 ARG A NE    1 
ATOM   538  C CZ    . ARG A 1 64  ? -17.173 5.773   9.123   1.00 45.88  ? 578 ARG A CZ    1 
ATOM   539  N NH1   . ARG A 1 64  ? -17.957 4.891   8.522   1.00 49.03  ? 578 ARG A NH1   1 
ATOM   540  N NH2   . ARG A 1 64  ? -17.579 6.324   10.253  1.00 47.88  ? 578 ARG A NH2   1 
ATOM   541  N N     . GLU A 1 65  ? -17.346 7.117   2.797   1.00 31.17  ? 579 GLU A N     1 
ATOM   542  C CA    . GLU A 1 65  ? -17.276 6.453   1.491   1.00 30.86  ? 579 GLU A CA    1 
ATOM   543  C C     . GLU A 1 65  ? -17.073 7.450   0.374   1.00 30.11  ? 579 GLU A C     1 
ATOM   544  O O     . GLU A 1 65  ? -16.260 7.242   -0.511  1.00 29.66  ? 579 GLU A O     1 
ATOM   545  C CB    . GLU A 1 65  ? -18.533 5.584   1.268   1.00 29.51  ? 579 GLU A CB    1 
ATOM   546  C CG    . GLU A 1 65  ? -18.538 4.380   2.220   1.00 32.96  ? 579 GLU A CG    1 
ATOM   547  C CD    . GLU A 1 65  ? -19.741 3.430   2.074   1.00 35.26  ? 579 GLU A CD    1 
ATOM   548  O OE1   . GLU A 1 65  ? -20.698 3.739   1.337   1.00 36.37  ? 579 GLU A OE1   1 
ATOM   549  O OE2   . GLU A 1 65  ? -19.721 2.368   2.735   1.00 34.55  ? 579 GLU A OE2   1 
ATOM   550  N N     . GLU A 1 66  ? -17.812 8.544   0.440   1.00 31.63  ? 580 GLU A N     1 
ATOM   551  C CA    . GLU A 1 66  ? -17.765 9.541   -0.580  1.00 33.32  ? 580 GLU A CA    1 
ATOM   552  C C     . GLU A 1 66  ? -16.362 10.136  -0.615  1.00 31.21  ? 580 GLU A C     1 
ATOM   553  O O     . GLU A 1 66  ? -15.766 10.346  -1.672  1.00 31.73  ? 580 GLU A O     1 
ATOM   554  C CB    . GLU A 1 66  ? -18.808 10.608  -0.283  1.00 37.19  ? 580 GLU A CB    1 
ATOM   555  C CG    . GLU A 1 66  ? -18.804 11.748  -1.302  1.00 42.88  ? 580 GLU A CG    1 
ATOM   556  C CD    . GLU A 1 66  ? -19.586 12.965  -0.848  1.00 44.15  ? 580 GLU A CD    1 
ATOM   557  O OE1   . GLU A 1 66  ? -20.264 12.893  0.199   1.00 45.27  ? 580 GLU A OE1   1 
ATOM   558  O OE2   . GLU A 1 66  ? -19.510 14.000  -1.544  1.00 46.34  ? 580 GLU A OE2   1 
ATOM   559  N N     . ILE A 1 67  ? -15.821 10.380  0.558   1.00 29.25  ? 581 ILE A N     1 
ATOM   560  C CA    . ILE A 1 67  ? -14.529 11.029  0.652   1.00 30.53  ? 581 ILE A CA    1 
ATOM   561  C C     . ILE A 1 67  ? -13.477 10.167  0.036   1.00 30.68  ? 581 ILE A C     1 
ATOM   562  O O     . ILE A 1 67  ? -12.749 10.619  -0.845  1.00 32.51  ? 581 ILE A O     1 
ATOM   563  C CB    . ILE A 1 67  ? -14.147 11.322  2.105   1.00 31.31  ? 581 ILE A CB    1 
ATOM   564  C CG1   . ILE A 1 67  ? -14.889 12.586  2.543   1.00 30.99  ? 581 ILE A CG1   1 
ATOM   565  C CG2   . ILE A 1 67  ? -12.620 11.393  2.280   1.00 32.61  ? 581 ILE A CG2   1 
ATOM   566  C CD1   . ILE A 1 67  ? -14.991 12.751  4.035   1.00 32.17  ? 581 ILE A CD1   1 
ATOM   567  N N     . ILE A 1 68  ? -13.399 8.921   0.479   1.00 29.55  ? 582 ILE A N     1 
ATOM   568  C CA    . ILE A 1 68  ? -12.292 8.119   0.016   1.00 29.93  ? 582 ILE A CA    1 
ATOM   569  C C     . ILE A 1 68  ? -12.457 7.733   -1.442  1.00 26.11  ? 582 ILE A C     1 
ATOM   570  O O     . ILE A 1 68  ? -11.476 7.596   -2.144  1.00 24.95  ? 582 ILE A O     1 
ATOM   571  C CB    . ILE A 1 68  ? -11.933 6.927   0.927   1.00 34.33  ? 582 ILE A CB    1 
ATOM   572  C CG1   . ILE A 1 68  ? -12.134 5.632   0.214   1.00 38.31  ? 582 ILE A CG1   1 
ATOM   573  C CG2   . ILE A 1 68  ? -12.637 6.930   2.303   1.00 35.26  ? 582 ILE A CG2   1 
ATOM   574  C CD1   . ILE A 1 68  ? -11.106 4.681   0.732   1.00 46.41  ? 582 ILE A CD1   1 
ATOM   575  N N     . ASN A 1 69  ? -13.676 7.616   -1.940  1.00 24.27  ? 583 ASN A N     1 
ATOM   576  C CA    . ASN A 1 69  ? -13.817 7.471   -3.382  1.00 24.66  ? 583 ASN A CA    1 
ATOM   577  C C     . ASN A 1 69  ? -13.190 8.666   -4.112  1.00 25.83  ? 583 ASN A C     1 
ATOM   578  O O     . ASN A 1 69  ? -12.417 8.514   -5.055  1.00 23.57  ? 583 ASN A O     1 
ATOM   579  C CB    . ASN A 1 69  ? -15.274 7.270   -3.769  1.00 25.16  ? 583 ASN A CB    1 
ATOM   580  C CG    . ASN A 1 69  ? -15.651 5.808   -3.863  1.00 25.07  ? 583 ASN A CG    1 
ATOM   581  O OD1   . ASN A 1 69  ? -15.130 5.068   -4.704  1.00 25.00  ? 583 ASN A OD1   1 
ATOM   582  N ND2   . ASN A 1 69  ? -16.554 5.376   -3.003  1.00 26.94  ? 583 ASN A ND2   1 
ATOM   583  N N     . PHE A 1 70  ? -13.496 9.865   -3.642  1.00 28.29  ? 584 PHE A N     1 
ATOM   584  C CA    . PHE A 1 70  ? -12.919 11.044  -4.230  1.00 28.70  ? 584 PHE A CA    1 
ATOM   585  C C     . PHE A 1 70  ? -11.392 10.972  -4.233  1.00 31.31  ? 584 PHE A C     1 
ATOM   586  O O     . PHE A 1 70  ? -10.729 11.249  -5.267  1.00 32.42  ? 584 PHE A O     1 
ATOM   587  C CB    . PHE A 1 70  ? -13.371 12.291  -3.483  1.00 30.52  ? 584 PHE A CB    1 
ATOM   588  C CG    . PHE A 1 70  ? -12.935 13.570  -4.145  1.00 32.30  ? 584 PHE A CG    1 
ATOM   589  C CD1   . PHE A 1 70  ? -13.673 14.112  -5.192  1.00 32.81  ? 584 PHE A CD1   1 
ATOM   590  C CD2   . PHE A 1 70  ? -11.782 14.214  -3.742  1.00 33.41  ? 584 PHE A CD2   1 
ATOM   591  C CE1   . PHE A 1 70  ? -13.276 15.279  -5.810  1.00 32.95  ? 584 PHE A CE1   1 
ATOM   592  C CE2   . PHE A 1 70  ? -11.377 15.385  -4.356  1.00 34.36  ? 584 PHE A CE2   1 
ATOM   593  C CZ    . PHE A 1 70  ? -12.125 15.913  -5.401  1.00 33.93  ? 584 PHE A CZ    1 
ATOM   594  N N     . ASN A 1 71  ? -10.826 10.606  -3.085  1.00 27.67  ? 585 ASN A N     1 
ATOM   595  C CA    . ASN A 1 71  ? -9.376  10.507  -2.968  1.00 27.04  ? 585 ASN A CA    1 
ATOM   596  C C     . ASN A 1 71  ? -8.779  9.405   -3.837  1.00 25.58  ? 585 ASN A C     1 
ATOM   597  O O     . ASN A 1 71  ? -7.684  9.540   -4.337  1.00 22.19  ? 585 ASN A O     1 
ATOM   598  C CB    . ASN A 1 71  ? -8.949  10.286  -1.510  1.00 27.57  ? 585 ASN A CB    1 
ATOM   599  C CG    . ASN A 1 71  ? -9.288  11.460  -0.613  1.00 28.94  ? 585 ASN A CG    1 
ATOM   600  O OD1   . ASN A 1 71  ? -9.690  12.523  -1.081  1.00 32.75  ? 585 ASN A OD1   1 
ATOM   601  N ND2   . ASN A 1 71  ? -9.114  11.277  0.684   1.00 28.59  ? 585 ASN A ND2   1 
HETATM 602  N N     . CSO A 1 72  ? -9.469  8.295   -4.004  1.00 25.85  ? 586 CSO A N     1 
HETATM 603  C CA    . CSO A 1 72  ? -8.892  7.223   -4.822  1.00 27.97  ? 586 CSO A CA    1 
HETATM 604  C CB    . CSO A 1 72  ? -9.227  5.891   -4.177  1.00 29.97  ? 586 CSO A CB    1 
HETATM 605  S SG    . CSO A 1 72  ? -8.242  5.721   -2.710  1.00 32.92  ? 586 CSO A SG    1 
HETATM 606  C C     . CSO A 1 72  ? -9.352  7.244   -6.260  1.00 29.00  ? 586 CSO A C     1 
HETATM 607  O O     . CSO A 1 72  ? -9.354  6.203   -6.915  1.00 27.11  ? 586 CSO A O     1 
HETATM 608  O OD    . CSO A 1 72  ? -9.209  6.677   -1.631  1.00 38.61  ? 586 CSO A OD    1 
ATOM   609  N N     . ARG A 1 73  ? -9.737  8.407   -6.784  1.00 28.77  ? 587 ARG A N     1 
ATOM   610  C CA    . ARG A 1 73  ? -10.235 8.439   -8.160  1.00 32.19  ? 587 ARG A CA    1 
ATOM   611  C C     . ARG A 1 73  ? -9.234  7.977   -9.218  1.00 33.05  ? 587 ARG A C     1 
ATOM   612  O O     . ARG A 1 73  ? -9.602  7.172   -10.087 1.00 33.16  ? 587 ARG A O     1 
ATOM   613  C CB    . ARG A 1 73  ? -10.766 9.814   -8.524  1.00 32.74  ? 587 ARG A CB    1 
ATOM   614  C CG    . ARG A 1 73  ? -12.274 9.873   -8.464  1.00 34.32  ? 587 ARG A CG    1 
ATOM   615  C CD    . ARG A 1 73  ? -12.810 11.138  -7.848  1.00 32.06  ? 587 ARG A CD    1 
ATOM   616  N NE    . ARG A 1 73  ? -12.493 12.386  -8.518  1.00 31.15  ? 587 ARG A NE    1 
ATOM   617  C CZ    . ARG A 1 73  ? -11.466 13.168  -8.240  1.00 32.08  ? 587 ARG A CZ    1 
ATOM   618  N NH1   . ARG A 1 73  ? -10.588 12.822  -7.335  1.00 37.67  ? 587 ARG A NH1   1 
ATOM   619  N NH2   . ARG A 1 73  ? -11.314 14.314  -8.872  1.00 32.50  ? 587 ARG A NH2   1 
ATOM   620  N N     . LYS A 1 74  ? -8.004  8.485   -9.186  1.00 31.98  ? 588 LYS A N     1 
ATOM   621  C CA    . LYS A 1 74  ? -7.016  8.024   -10.170 1.00 37.99  ? 588 LYS A CA    1 
ATOM   622  C C     . LYS A 1 74  ? -6.678  6.546   -9.996  1.00 35.27  ? 588 LYS A C     1 
ATOM   623  O O     . LYS A 1 74  ? -6.610  5.815   -10.982 1.00 33.59  ? 588 LYS A O     1 
ATOM   624  C CB    . LYS A 1 74  ? -5.726  8.859   -10.156 1.00 44.42  ? 588 LYS A CB    1 
ATOM   625  C CG    . LYS A 1 74  ? -4.886  8.652   -11.417 1.00 47.74  ? 588 LYS A CG    1 
ATOM   626  C CD    . LYS A 1 74  ? -3.833  9.744   -11.566 1.00 54.18  ? 588 LYS A CD    1 
ATOM   627  C CE    . LYS A 1 74  ? -3.122  9.628   -12.908 1.00 61.09  ? 588 LYS A CE    1 
ATOM   628  N NZ    . LYS A 1 74  ? -2.211  10.780  -13.188 1.00 64.99  ? 588 LYS A NZ    1 
ATOM   629  N N     . LEU A 1 75  ? -6.503  6.108   -8.745  1.00 31.46  ? 589 LEU A N     1 
ATOM   630  C CA    . LEU A 1 75  ? -6.246  4.700   -8.471  1.00 31.36  ? 589 LEU A CA    1 
ATOM   631  C C     . LEU A 1 75  ? -7.339  3.782   -9.036  1.00 28.83  ? 589 LEU A C     1 
ATOM   632  O O     . LEU A 1 75  ? -7.055  2.798   -9.692  1.00 30.13  ? 589 LEU A O     1 
ATOM   633  C CB    . LEU A 1 75  ? -6.073  4.484   -6.962  1.00 33.85  ? 589 LEU A CB    1 
ATOM   634  C CG    . LEU A 1 75  ? -5.912  3.030   -6.475  1.00 36.41  ? 589 LEU A CG    1 
ATOM   635  C CD1   . LEU A 1 75  ? -4.524  2.503   -6.797  1.00 38.56  ? 589 LEU A CD1   1 
ATOM   636  C CD2   . LEU A 1 75  ? -6.181  2.858   -4.984  1.00 35.94  ? 589 LEU A CD2   1 
ATOM   637  N N     . VAL A 1 76  ? -8.594  4.093   -8.762  1.00 28.72  ? 590 VAL A N     1 
ATOM   638  C CA    . VAL A 1 76  ? -9.718  3.262   -9.250  1.00 27.95  ? 590 VAL A CA    1 
ATOM   639  C C     . VAL A 1 76  ? -9.784  3.254   -10.769 1.00 28.82  ? 590 VAL A C     1 
ATOM   640  O O     . VAL A 1 76  ? -9.918  2.198   -11.383 1.00 30.41  ? 590 VAL A O     1 
ATOM   641  C CB    . VAL A 1 76  ? -11.072 3.736   -8.682  1.00 26.40  ? 590 VAL A CB    1 
ATOM   642  C CG1   . VAL A 1 76  ? -12.243 3.070   -9.391  1.00 25.90  ? 590 VAL A CG1   1 
ATOM   643  C CG2   . VAL A 1 76  ? -11.124 3.459   -7.186  1.00 25.37  ? 590 VAL A CG2   1 
ATOM   644  N N     . ALA A 1 77  ? -9.649  4.419   -11.388 1.00 29.81  ? 591 ALA A N     1 
ATOM   645  C CA    . ALA A 1 77  ? -9.784  4.490   -12.839 1.00 31.75  ? 591 ALA A CA    1 
ATOM   646  C C     . ALA A 1 77  ? -8.553  3.943   -13.598 1.00 34.59  ? 591 ALA A C     1 
ATOM   647  O O     . ALA A 1 77  ? -8.654  3.618   -14.778 1.00 35.23  ? 591 ALA A O     1 
ATOM   648  C CB    . ALA A 1 77  ? -10.103 5.910   -13.269 1.00 29.88  ? 591 ALA A CB    1 
ATOM   649  N N     . SER A 1 78  ? -7.406  3.840   -12.930 1.00 34.76  ? 592 SER A N     1 
ATOM   650  C CA    . SER A 1 78  ? -6.191  3.301   -13.561 1.00 37.00  ? 592 SER A CA    1 
ATOM   651  C C     . SER A 1 78  ? -6.129  1.789   -13.480 1.00 36.86  ? 592 SER A C     1 
ATOM   652  O O     . SER A 1 78  ? -5.233  1.150   -14.067 1.00 37.90  ? 592 SER A O     1 
ATOM   653  C CB    . SER A 1 78  ? -4.933  3.856   -12.871 1.00 38.94  ? 592 SER A CB    1 
ATOM   654  O OG    . SER A 1 78  ? -4.922  5.273   -12.882 1.00 43.63  ? 592 SER A OG    1 
ATOM   655  N N     . MET A 1 79  ? -7.032  1.203   -12.708 1.00 36.42  ? 593 MET A N     1 
ATOM   656  C CA    . MET A 1 79  ? -6.885  -0.188  -12.382 1.00 38.61  ? 593 MET A CA    1 
ATOM   657  C C     . MET A 1 79  ? -8.100  -0.932  -12.864 1.00 38.33  ? 593 MET A C     1 
ATOM   658  O O     . MET A 1 79  ? -9.175  -0.805  -12.264 1.00 36.58  ? 593 MET A O     1 
ATOM   659  C CB    . MET A 1 79  ? -6.681  -0.351  -10.892 1.00 39.09  ? 593 MET A CB    1 
ATOM   660  C CG    . MET A 1 79  ? -6.581  -1.800  -10.457 1.00 41.08  ? 593 MET A CG    1 
ATOM   661  S SD    . MET A 1 79  ? -6.399  -1.847  -8.675  1.00 44.60  ? 593 MET A SD    1 
ATOM   662  C CE    . MET A 1 79  ? -4.757  -1.120  -8.593  1.00 51.56  ? 593 MET A CE    1 
ATOM   663  N N     . PRO A 1 80  ? -7.929  -1.700  -13.963 1.00 40.75  ? 594 PRO A N     1 
ATOM   664  C CA    . PRO A 1 80  ? -9.054  -2.405  -14.591 1.00 39.03  ? 594 PRO A CA    1 
ATOM   665  C C     . PRO A 1 80  ? -9.895  -3.170  -13.606 1.00 37.68  ? 594 PRO A C     1 
ATOM   666  O O     . PRO A 1 80  ? -11.117 -3.078  -13.640 1.00 44.06  ? 594 PRO A O     1 
ATOM   667  C CB    . PRO A 1 80  ? -8.370  -3.348  -15.598 1.00 39.16  ? 594 PRO A CB    1 
ATOM   668  C CG    . PRO A 1 80  ? -7.138  -2.604  -16.014 1.00 40.48  ? 594 PRO A CG    1 
ATOM   669  C CD    . PRO A 1 80  ? -6.709  -1.771  -14.811 1.00 40.93  ? 594 PRO A CD    1 
ATOM   670  N N     . LEU A 1 81  ? -9.254  -3.918  -12.729 1.00 35.52  ? 595 LEU A N     1 
ATOM   671  C CA    . LEU A 1 81  ? -9.969  -4.686  -11.742 1.00 34.30  ? 595 LEU A CA    1 
ATOM   672  C C     . LEU A 1 81  ? -10.968 -3.795  -11.005 1.00 32.40  ? 595 LEU A C     1 
ATOM   673  O O     . LEU A 1 81  ? -12.105 -4.191  -10.808 1.00 31.79  ? 595 LEU A O     1 
ATOM   674  C CB    . LEU A 1 81  ? -8.997  -5.280  -10.725 1.00 36.37  ? 595 LEU A CB    1 
ATOM   675  C CG    . LEU A 1 81  ? -9.687  -6.169  -9.685  1.00 38.81  ? 595 LEU A CG    1 
ATOM   676  C CD1   . LEU A 1 81  ? -9.720  -7.594  -10.179 1.00 40.51  ? 595 LEU A CD1   1 
ATOM   677  C CD2   . LEU A 1 81  ? -8.960  -6.098  -8.367  1.00 42.95  ? 595 LEU A CD2   1 
ATOM   678  N N     . PHE A 1 82  ? -10.528 -2.612  -10.594 1.00 29.25  ? 596 PHE A N     1 
ATOM   679  C CA    . PHE A 1 82  ? -11.394 -1.662  -9.906  1.00 29.98  ? 596 PHE A CA    1 
ATOM   680  C C     . PHE A 1 82  ? -12.294 -0.928  -10.890 1.00 28.51  ? 596 PHE A C     1 
ATOM   681  O O     . PHE A 1 82  ? -13.513 -0.928  -10.722 1.00 29.97  ? 596 PHE A O     1 
ATOM   682  C CB    . PHE A 1 82  ? -10.555 -0.640  -9.092  1.00 31.13  ? 596 PHE A CB    1 
ATOM   683  C CG    . PHE A 1 82  ? -10.126 -1.134  -7.718  1.00 31.86  ? 596 PHE A CG    1 
ATOM   684  C CD1   . PHE A 1 82  ? -10.376 -2.448  -7.289  1.00 31.66  ? 596 PHE A CD1   1 
ATOM   685  C CD2   . PHE A 1 82  ? -9.466  -0.282  -6.848  1.00 33.35  ? 596 PHE A CD2   1 
ATOM   686  C CE1   . PHE A 1 82  ? -9.982  -2.890  -6.030  1.00 31.00  ? 596 PHE A CE1   1 
ATOM   687  C CE2   . PHE A 1 82  ? -9.066  -0.719  -5.585  1.00 35.20  ? 596 PHE A CE2   1 
ATOM   688  C CZ    . PHE A 1 82  ? -9.323  -2.035  -5.176  1.00 32.76  ? 596 PHE A CZ    1 
ATOM   689  N N     . ALA A 1 83  ? -11.703 -0.320  -11.908 1.00 25.98  ? 597 ALA A N     1 
ATOM   690  C CA    . ALA A 1 83  ? -12.448 0.524   -12.832 1.00 28.05  ? 597 ALA A CA    1 
ATOM   691  C C     . ALA A 1 83  ? -13.711 -0.154  -13.380 1.00 30.61  ? 597 ALA A C     1 
ATOM   692  O O     . ALA A 1 83  ? -14.765 0.470   -13.471 1.00 31.55  ? 597 ALA A O     1 
ATOM   693  C CB    . ALA A 1 83  ? -11.546 0.968   -13.973 1.00 26.88  ? 597 ALA A CB    1 
ATOM   694  N N     . ASN A 1 84  ? -13.599 -1.442  -13.707 1.00 34.50  ? 598 ASN A N     1 
ATOM   695  C CA    . ASN A 1 84  ? -14.682 -2.225  -14.335 1.00 36.93  ? 598 ASN A CA    1 
ATOM   696  C C     . ASN A 1 84  ? -15.514 -3.013  -13.383 1.00 35.94  ? 598 ASN A C     1 
ATOM   697  O O     . ASN A 1 84  ? -16.295 -3.828  -13.833 1.00 46.13  ? 598 ASN A O     1 
ATOM   698  C CB    . ASN A 1 84  ? -14.117 -3.246  -15.357 1.00 36.95  ? 598 ASN A CB    1 
ATOM   699  C CG    . ASN A 1 84  ? -13.190 -2.600  -16.356 1.00 36.09  ? 598 ASN A CG    1 
ATOM   700  O OD1   . ASN A 1 84  ? -13.415 -1.452  -16.746 1.00 37.21  ? 598 ASN A OD1   1 
ATOM   701  N ND2   . ASN A 1 84  ? -12.116 -3.301  -16.737 1.00 35.07  ? 598 ASN A ND2   1 
ATOM   702  N N     . ALA A 1 85  ? -15.362 -2.822  -12.080 1.00 33.75  ? 599 ALA A N     1 
ATOM   703  C CA    . ALA A 1 85  ? -16.147 -3.609  -11.155 1.00 30.72  ? 599 ALA A CA    1 
ATOM   704  C C     . ALA A 1 85  ? -17.358 -2.838  -10.662 1.00 31.43  ? 599 ALA A C     1 
ATOM   705  O O     . ALA A 1 85  ? -17.552 -1.664  -10.977 1.00 31.59  ? 599 ALA A O     1 
ATOM   706  C CB    . ALA A 1 85  ? -15.276 -4.093  -9.997  1.00 30.17  ? 599 ALA A CB    1 
ATOM   707  N N     . ASP A 1 86  ? -18.187 -3.554  -9.923  1.00 35.05  ? 600 ASP A N     1 
ATOM   708  C CA    . ASP A 1 86  ? -19.247 -2.999  -9.093  1.00 38.40  ? 600 ASP A CA    1 
ATOM   709  C C     . ASP A 1 86  ? -18.681 -2.022  -8.026  1.00 40.75  ? 600 ASP A C     1 
ATOM   710  O O     . ASP A 1 86  ? -17.827 -2.396  -7.203  1.00 43.81  ? 600 ASP A O     1 
ATOM   711  C CB    . ASP A 1 86  ? -19.995 -4.174  -8.421  1.00 37.20  ? 600 ASP A CB    1 
ATOM   712  C CG    . ASP A 1 86  ? -21.143 -3.731  -7.534  1.00 37.84  ? 600 ASP A CG    1 
ATOM   713  O OD1   . ASP A 1 86  ? -21.648 -2.617  -7.703  1.00 37.31  ? 600 ASP A OD1   1 
ATOM   714  O OD2   . ASP A 1 86  ? -21.532 -4.514  -6.654  1.00 40.34  ? 600 ASP A OD2   1 
ATOM   715  N N     . PRO A 1 87  ? -19.172 -0.784  -8.020  1.00 39.07  ? 601 PRO A N     1 
ATOM   716  C CA    . PRO A 1 87  ? -18.640 0.212   -7.115  1.00 40.31  ? 601 PRO A CA    1 
ATOM   717  C C     . PRO A 1 87  ? -18.762 -0.158  -5.658  1.00 41.24  ? 601 PRO A C     1 
ATOM   718  O O     . PRO A 1 87  ? -18.118 0.445   -4.790  1.00 40.39  ? 601 PRO A O     1 
ATOM   719  C CB    . PRO A 1 87  ? -19.526 1.433   -7.397  1.00 42.49  ? 601 PRO A CB    1 
ATOM   720  C CG    . PRO A 1 87  ? -19.879 1.309   -8.828  1.00 44.97  ? 601 PRO A CG    1 
ATOM   721  C CD    . PRO A 1 87  ? -20.056 -0.183  -9.031  1.00 44.20  ? 601 PRO A CD    1 
ATOM   722  N N     . ASN A 1 88  ? -19.644 -1.088  -5.359  1.00 38.80  ? 602 ASN A N     1 
ATOM   723  C CA    . ASN A 1 88  ? -19.927 -1.316  -3.973  1.00 40.28  ? 602 ASN A CA    1 
ATOM   724  C C     . ASN A 1 88  ? -18.812 -2.193  -3.448  1.00 36.13  ? 602 ASN A C     1 
ATOM   725  O O     . ASN A 1 88  ? -18.338 -2.018  -2.321  1.00 34.46  ? 602 ASN A O     1 
ATOM   726  C CB    . ASN A 1 88  ? -21.350 -1.870  -3.809  1.00 43.77  ? 602 ASN A CB    1 
ATOM   727  C CG    . ASN A 1 88  ? -22.416 -0.914  -4.402  1.00 49.02  ? 602 ASN A CG    1 
ATOM   728  O OD1   . ASN A 1 88  ? -22.462 0.329   -3.905  1.00 56.02  ? 602 ASN A OD1   1 
ATOM   729  N ND2   . ASN A 1 88  ? -23.156 -1.285  -5.329  1.00 43.93  ? 602 ASN A ND2   1 
ATOM   730  N N     . PHE A 1 89  ? -18.360 -3.088  -4.315  1.00 32.06  ? 603 PHE A N     1 
ATOM   731  C CA    . PHE A 1 89  ? -17.165 -3.874  -4.070  1.00 32.37  ? 603 PHE A CA    1 
ATOM   732  C C     . PHE A 1 89  ? -15.934 -2.959  -3.967  1.00 31.68  ? 603 PHE A C     1 
ATOM   733  O O     . PHE A 1 89  ? -15.129 -3.064  -3.034  1.00 30.25  ? 603 PHE A O     1 
ATOM   734  C CB    . PHE A 1 89  ? -16.962 -4.884  -5.210  1.00 34.06  ? 603 PHE A CB    1 
ATOM   735  C CG    . PHE A 1 89  ? -15.535 -5.308  -5.376  1.00 32.41  ? 603 PHE A CG    1 
ATOM   736  C CD1   . PHE A 1 89  ? -15.006 -6.291  -4.567  1.00 31.43  ? 603 PHE A CD1   1 
ATOM   737  C CD2   . PHE A 1 89  ? -14.727 -4.690  -6.314  1.00 30.86  ? 603 PHE A CD2   1 
ATOM   738  C CE1   . PHE A 1 89  ? -13.694 -6.648  -4.694  1.00 31.70  ? 603 PHE A CE1   1 
ATOM   739  C CE2   . PHE A 1 89  ? -13.418 -5.039  -6.449  1.00 28.62  ? 603 PHE A CE2   1 
ATOM   740  C CZ    . PHE A 1 89  ? -12.900 -6.009  -5.631  1.00 31.71  ? 603 PHE A CZ    1 
ATOM   741  N N     . VAL A 1 90  ? -15.804 -2.066  -4.944  1.00 29.47  ? 604 VAL A N     1 
ATOM   742  C CA    . VAL A 1 90  ? -14.735 -1.077  -4.943  1.00 29.13  ? 604 VAL A CA    1 
ATOM   743  C C     . VAL A 1 90  ? -14.730 -0.279  -3.647  1.00 27.26  ? 604 VAL A C     1 
ATOM   744  O O     . VAL A 1 90  ? -13.697 -0.192  -2.984  1.00 25.15  ? 604 VAL A O     1 
ATOM   745  C CB    . VAL A 1 90  ? -14.838 -0.108  -6.144  1.00 29.28  ? 604 VAL A CB    1 
ATOM   746  C CG1   . VAL A 1 90  ? -13.841 1.041   -5.994  1.00 29.27  ? 604 VAL A CG1   1 
ATOM   747  C CG2   . VAL A 1 90  ? -14.556 -0.863  -7.443  1.00 30.29  ? 604 VAL A CG2   1 
ATOM   748  N N     . THR A 1 91  ? -15.881 0.290   -3.292  1.00 28.25  ? 605 THR A N     1 
ATOM   749  C CA    . THR A 1 91  ? -16.013 1.057   -2.047  1.00 27.90  ? 605 THR A CA    1 
ATOM   750  C C     . THR A 1 91  ? -15.600 0.219   -0.837  1.00 29.17  ? 605 THR A C     1 
ATOM   751  O O     . THR A 1 91  ? -14.751 0.651   -0.034  1.00 24.90  ? 605 THR A O     1 
ATOM   752  C CB    . THR A 1 91  ? -17.429 1.604   -1.853  1.00 27.08  ? 605 THR A CB    1 
ATOM   753  O OG1   . THR A 1 91  ? -17.685 2.573   -2.869  1.00 25.02  ? 605 THR A OG1   1 
ATOM   754  C CG2   . THR A 1 91  ? -17.555 2.308   -0.490  1.00 28.09  ? 605 THR A CG2   1 
ATOM   755  N N     . SER A 1 92  ? -16.165 -0.998  -0.764  1.00 29.59  ? 606 SER A N     1 
ATOM   756  C CA    . SER A 1 92  ? -15.849 -1.958  0.283   1.00 27.20  ? 606 SER A CA    1 
ATOM   757  C C     . SER A 1 92  ? -14.360 -2.210  0.399   1.00 28.30  ? 606 SER A C     1 
ATOM   758  O O     . SER A 1 92  ? -13.837 -2.298  1.488   1.00 29.32  ? 606 SER A O     1 
ATOM   759  C CB    . SER A 1 92  ? -16.535 -3.261  -0.014  1.00 27.83  ? 606 SER A CB    1 
ATOM   760  O OG    . SER A 1 92  ? -16.345 -4.110  1.073   1.00 27.82  ? 606 SER A OG    1 
ATOM   761  N N     . MET A 1 93  ? -13.651 -2.293  -0.719  1.00 29.16  ? 607 MET A N     1 
ATOM   762  C CA    . MET A 1 93  ? -12.187 -2.458  -0.652  1.00 28.75  ? 607 MET A CA    1 
ATOM   763  C C     . MET A 1 93  ? -11.532 -1.197  -0.147  1.00 27.44  ? 607 MET A C     1 
ATOM   764  O O     . MET A 1 93  ? -10.668 -1.201  0.749   1.00 26.05  ? 607 MET A O     1 
ATOM   765  C CB    . MET A 1 93  ? -11.617 -2.762  -2.027  1.00 29.47  ? 607 MET A CB    1 
ATOM   766  C CG    . MET A 1 93  ? -12.084 -4.093  -2.598  1.00 30.87  ? 607 MET A CG    1 
ATOM   767  S SD    . MET A 1 93  ? -11.049 -5.477  -2.081  1.00 31.34  ? 607 MET A SD    1 
ATOM   768  C CE    . MET A 1 93  ? -9.533  -5.157  -2.989  1.00 30.36  ? 607 MET A CE    1 
ATOM   769  N N     . LEU A 1 94  ? -11.941 -0.115  -0.776  1.00 25.82  ? 608 LEU A N     1 
ATOM   770  C CA    . LEU A 1 94  ? -11.322 1.177   -0.595  1.00 24.88  ? 608 LEU A CA    1 
ATOM   771  C C     . LEU A 1 94  ? -11.336 1.560   0.885   1.00 24.57  ? 608 LEU A C     1 
ATOM   772  O O     . LEU A 1 94  ? -10.336 2.054   1.417   1.00 24.28  ? 608 LEU A O     1 
ATOM   773  C CB    . LEU A 1 94  ? -12.072 2.212   -1.461  1.00 26.22  ? 608 LEU A CB    1 
ATOM   774  C CG    . LEU A 1 94  ? -11.498 2.913   -2.701  1.00 27.65  ? 608 LEU A CG    1 
ATOM   775  C CD1   . LEU A 1 94  ? -10.520 2.120   -3.518  1.00 27.28  ? 608 LEU A CD1   1 
ATOM   776  C CD2   . LEU A 1 94  ? -12.613 3.455   -3.595  1.00 27.53  ? 608 LEU A CD2   1 
ATOM   777  N N     . THR A 1 95  ? -12.450 1.304   1.561   1.00 24.87  ? 609 THR A N     1 
ATOM   778  C CA    . THR A 1 95  ? -12.607 1.693   2.959   1.00 25.17  ? 609 THR A CA    1 
ATOM   779  C C     . THR A 1 95  ? -11.796 0.837   3.895   1.00 26.77  ? 609 THR A C     1 
ATOM   780  O O     . THR A 1 95  ? -11.701 1.147   5.069   1.00 27.10  ? 609 THR A O     1 
ATOM   781  C CB    . THR A 1 95  ? -14.098 1.667   3.428   1.00 26.32  ? 609 THR A CB    1 
ATOM   782  O OG1   . THR A 1 95  ? -14.678 0.370   3.246   1.00 26.62  ? 609 THR A OG1   1 
ATOM   783  C CG2   . THR A 1 95  ? -14.915 2.663   2.659   1.00 27.38  ? 609 THR A CG2   1 
ATOM   784  N N     . LYS A 1 96  ? -11.220 -0.249  3.403   1.00 29.70  ? 610 LYS A N     1 
ATOM   785  C CA    . LYS A 1 96  ? -10.358 -1.094  4.239   1.00 31.44  ? 610 LYS A CA    1 
ATOM   786  C C     . LYS A 1 96  ? -8.852  -0.873  4.006   1.00 30.90  ? 610 LYS A C     1 
ATOM   787  O O     . LYS A 1 96  ? -8.025  -1.461  4.684   1.00 33.18  ? 610 LYS A O     1 
ATOM   788  C CB    . LYS A 1 96  ? -10.752 -2.552  4.031   1.00 33.89  ? 610 LYS A CB    1 
ATOM   789  C CG    . LYS A 1 96  ? -12.135 -2.858  4.624   1.00 36.47  ? 610 LYS A CG    1 
ATOM   790  C CD    . LYS A 1 96  ? -12.825 -4.048  3.973   1.00 38.71  ? 610 LYS A CD    1 
ATOM   791  C CE    . LYS A 1 96  ? -14.297 -3.765  3.742   1.00 42.37  ? 610 LYS A CE    1 
ATOM   792  N NZ    . LYS A 1 96  ? -15.035 -3.780  5.009   1.00 49.18  ? 610 LYS A NZ    1 
ATOM   793  N N     . LEU A 1 97  ? -8.498  0.007   3.083   1.00 28.60  ? 611 LEU A N     1 
ATOM   794  C CA    . LEU A 1 97  ? -7.113  0.230   2.734   1.00 28.12  ? 611 LEU A CA    1 
ATOM   795  C C     . LEU A 1 97  ? -6.378  1.112   3.719   1.00 32.03  ? 611 LEU A C     1 
ATOM   796  O O     . LEU A 1 97  ? -7.003  1.982   4.373   1.00 30.76  ? 611 LEU A O     1 
ATOM   797  C CB    . LEU A 1 97  ? -7.024  0.910   1.376   1.00 27.99  ? 611 LEU A CB    1 
ATOM   798  C CG    . LEU A 1 97  ? -7.495  0.073   0.200   1.00 27.26  ? 611 LEU A CG    1 
ATOM   799  C CD1   . LEU A 1 97  ? -7.552  0.945   -1.037  1.00 26.69  ? 611 LEU A CD1   1 
ATOM   800  C CD2   . LEU A 1 97  ? -6.577  -1.117  0.003   1.00 27.06  ? 611 LEU A CD2   1 
ATOM   801  N N     . ARG A 1 98  ? -5.051  0.912   3.789   1.00 32.09  ? 612 ARG A N     1 
ATOM   802  C CA    . ARG A 1 98  ? -4.170  1.722   4.640   1.00 34.50  ? 612 ARG A CA    1 
ATOM   803  C C     . ARG A 1 98  ? -3.019  2.251   3.833   1.00 31.84  ? 612 ARG A C     1 
ATOM   804  O O     . ARG A 1 98  ? -2.273  1.486   3.240   1.00 36.42  ? 612 ARG A O     1 
ATOM   805  C CB    . ARG A 1 98  ? -3.603  0.904   5.802   1.00 41.03  ? 612 ARG A CB    1 
ATOM   806  C CG    . ARG A 1 98  ? -4.643  0.087   6.565   1.00 48.97  ? 612 ARG A CG    1 
ATOM   807  C CD    . ARG A 1 98  ? -4.267  -0.079  8.034   1.00 58.84  ? 612 ARG A CD    1 
ATOM   808  N NE    . ARG A 1 98  ? -5.162  0.649   8.943   1.00 73.40  ? 612 ARG A NE    1 
ATOM   809  C CZ    . ARG A 1 98  ? -5.161  0.512   10.276  1.00 87.47  ? 612 ARG A CZ    1 
ATOM   810  N NH1   . ARG A 1 98  ? -4.307  -0.328  10.879  1.00 92.12  ? 612 ARG A NH1   1 
ATOM   811  N NH2   . ARG A 1 98  ? -6.017  1.218   11.019  1.00 86.27  ? 612 ARG A NH2   1 
ATOM   812  N N     . PHE A 1 99  ? -2.871  3.561   3.822   1.00 28.76  ? 613 PHE A N     1 
ATOM   813  C CA    . PHE A 1 99  ? -1.844  4.226   3.063   1.00 27.75  ? 613 PHE A CA    1 
ATOM   814  C C     . PHE A 1 99  ? -0.467  3.958   3.661   1.00 28.83  ? 613 PHE A C     1 
ATOM   815  O O     . PHE A 1 99  ? -0.295  4.037   4.867   1.00 30.09  ? 613 PHE A O     1 
ATOM   816  C CB    . PHE A 1 99  ? -2.114  5.716   3.063   1.00 26.18  ? 613 PHE A CB    1 
ATOM   817  C CG    . PHE A 1 99  ? -1.152  6.521   2.245   1.00 25.48  ? 613 PHE A CG    1 
ATOM   818  C CD1   . PHE A 1 99  ? -1.057  6.341   0.900   1.00 26.37  ? 613 PHE A CD1   1 
ATOM   819  C CD2   . PHE A 1 99  ? -0.380  7.526   2.830   1.00 27.66  ? 613 PHE A CD2   1 
ATOM   820  C CE1   . PHE A 1 99  ? -0.204  7.125   0.130   1.00 27.12  ? 613 PHE A CE1   1 
ATOM   821  C CE2   . PHE A 1 99  ? 0.465   8.324   2.064   1.00 25.98  ? 613 PHE A CE2   1 
ATOM   822  C CZ    . PHE A 1 99  ? 0.561   8.106   0.715   1.00 26.48  ? 613 PHE A CZ    1 
ATOM   823  N N     . GLU A 1 100 ? 0.501   3.659   2.800   1.00 26.60  ? 614 GLU A N     1 
ATOM   824  C CA    . GLU A 1 100 ? 1.854   3.329   3.220   1.00 28.07  ? 614 GLU A CA    1 
ATOM   825  C C     . GLU A 1 100 ? 2.876   3.901   2.234   1.00 28.78  ? 614 GLU A C     1 
ATOM   826  O O     . GLU A 1 100 ? 2.682   3.877   1.022   1.00 27.42  ? 614 GLU A O     1 
ATOM   827  C CB    . GLU A 1 100 ? 1.997   1.793   3.284   1.00 29.73  ? 614 GLU A CB    1 
ATOM   828  C CG    . GLU A 1 100 ? 1.123   1.131   4.347   1.00 28.63  ? 614 GLU A CG    1 
ATOM   829  C CD    . GLU A 1 100 ? 1.437   -0.347  4.557   1.00 31.84  ? 614 GLU A CD    1 
ATOM   830  O OE1   . GLU A 1 100 ? 2.536   -0.821  4.160   1.00 33.95  ? 614 GLU A OE1   1 
ATOM   831  O OE2   . GLU A 1 100 ? 0.574   -1.049  5.141   1.00 31.05  ? 614 GLU A OE2   1 
ATOM   832  N N     . VAL A 1 101 ? 3.967   4.446   2.735   1.00 31.39  ? 615 VAL A N     1 
ATOM   833  C CA    . VAL A 1 101 ? 5.017   4.959   1.833   1.00 30.12  ? 615 VAL A CA    1 
ATOM   834  C C     . VAL A 1 101 ? 6.261   4.105   2.006   1.00 29.41  ? 615 VAL A C     1 
ATOM   835  O O     . VAL A 1 101 ? 6.527   3.627   3.110   1.00 30.18  ? 615 VAL A O     1 
ATOM   836  C CB    . VAL A 1 101 ? 5.310   6.432   2.117   1.00 29.86  ? 615 VAL A CB    1 
ATOM   837  C CG1   . VAL A 1 101 ? 6.673   6.850   1.594   1.00 31.59  ? 615 VAL A CG1   1 
ATOM   838  C CG2   . VAL A 1 101 ? 4.216   7.299   1.501   1.00 32.99  ? 615 VAL A CG2   1 
ATOM   839  N N     . PHE A 1 102 ? 7.009   3.925   0.917   1.00 28.91  ? 616 PHE A N     1 
ATOM   840  C CA    . PHE A 1 102 ? 8.283   3.190   0.915   1.00 28.13  ? 616 PHE A CA    1 
ATOM   841  C C     . PHE A 1 102 ? 9.338   3.971   0.135   1.00 29.98  ? 616 PHE A C     1 
ATOM   842  O O     . PHE A 1 102 ? 9.017   4.859   -0.667  1.00 31.02  ? 616 PHE A O     1 
ATOM   843  C CB    . PHE A 1 102 ? 8.105   1.798   0.287   1.00 28.42  ? 616 PHE A CB    1 
ATOM   844  C CG    . PHE A 1 102 ? 7.324   0.829   1.151   1.00 28.09  ? 616 PHE A CG    1 
ATOM   845  C CD1   . PHE A 1 102 ? 5.952   0.744   1.054   1.00 29.60  ? 616 PHE A CD1   1 
ATOM   846  C CD2   . PHE A 1 102 ? 7.971   -0.016  2.047   1.00 30.55  ? 616 PHE A CD2   1 
ATOM   847  C CE1   . PHE A 1 102 ? 5.221   -0.135  1.861   1.00 30.76  ? 616 PHE A CE1   1 
ATOM   848  C CE2   . PHE A 1 102 ? 7.258   -0.916  2.834   1.00 30.44  ? 616 PHE A CE2   1 
ATOM   849  C CZ    . PHE A 1 102 ? 5.872   -0.963  2.752   1.00 29.98  ? 616 PHE A CZ    1 
ATOM   850  N N     . GLN A 1 103 ? 10.604  3.647   0.383   1.00 30.05  ? 617 GLN A N     1 
ATOM   851  C CA    . GLN A 1 103 ? 11.716  4.380   -0.212  1.00 31.08  ? 617 GLN A CA    1 
ATOM   852  C C     . GLN A 1 103 ? 12.467  3.487   -1.166  1.00 31.06  ? 617 GLN A C     1 
ATOM   853  O O     . GLN A 1 103 ? 12.343  2.258   -1.074  1.00 31.48  ? 617 GLN A O     1 
ATOM   854  C CB    . GLN A 1 103 ? 12.631  4.908   0.886   1.00 31.53  ? 617 GLN A CB    1 
ATOM   855  C CG    . GLN A 1 103 ? 11.827  5.673   1.926   1.00 31.71  ? 617 GLN A CG    1 
ATOM   856  C CD    . GLN A 1 103 ? 12.660  6.085   3.100   1.00 32.61  ? 617 GLN A CD    1 
ATOM   857  O OE1   . GLN A 1 103 ? 12.799  5.334   4.046   1.00 40.00  ? 617 GLN A OE1   1 
ATOM   858  N NE2   . GLN A 1 103 ? 13.200  7.295   3.065   1.00 33.34  ? 617 GLN A NE2   1 
ATOM   859  N N     . PRO A 1 104 ? 13.222  4.085   -2.100  1.00 32.18  ? 618 PRO A N     1 
ATOM   860  C CA    . PRO A 1 104 ? 13.988  3.297   -3.066  1.00 34.02  ? 618 PRO A CA    1 
ATOM   861  C C     . PRO A 1 104 ? 14.889  2.306   -2.371  1.00 35.52  ? 618 PRO A C     1 
ATOM   862  O O     . PRO A 1 104 ? 15.572  2.650   -1.424  1.00 37.83  ? 618 PRO A O     1 
ATOM   863  C CB    . PRO A 1 104 ? 14.819  4.355   -3.809  1.00 35.77  ? 618 PRO A CB    1 
ATOM   864  C CG    . PRO A 1 104 ? 14.026  5.622   -3.681  1.00 34.81  ? 618 PRO A CG    1 
ATOM   865  C CD    . PRO A 1 104 ? 13.407  5.539   -2.311  1.00 34.97  ? 618 PRO A CD    1 
ATOM   866  N N     . GLY A 1 105 ? 14.866  1.059   -2.799  1.00 40.04  ? 619 GLY A N     1 
ATOM   867  C CA    . GLY A 1 105 ? 15.713  0.057   -2.164  1.00 39.18  ? 619 GLY A CA    1 
ATOM   868  C C     . GLY A 1 105 ? 14.955  -0.830  -1.207  1.00 37.38  ? 619 GLY A C     1 
ATOM   869  O O     . GLY A 1 105 ? 15.391  -1.940  -0.952  1.00 40.64  ? 619 GLY A O     1 
ATOM   870  N N     . ASP A 1 106 ? 13.829  -0.360  -0.670  1.00 35.56  ? 620 ASP A N     1 
ATOM   871  C CA    . ASP A 1 106 ? 13.106  -1.113  0.356   1.00 33.34  ? 620 ASP A CA    1 
ATOM   872  C C     . ASP A 1 106 ? 12.550  -2.419  -0.236  1.00 33.72  ? 620 ASP A C     1 
ATOM   873  O O     . ASP A 1 106 ? 12.073  -2.458  -1.385  1.00 29.74  ? 620 ASP A O     1 
ATOM   874  C CB    . ASP A 1 106 ? 11.927  -0.318  0.937   1.00 37.59  ? 620 ASP A CB    1 
ATOM   875  C CG    . ASP A 1 106 ? 12.340  0.861   1.807   1.00 40.19  ? 620 ASP A CG    1 
ATOM   876  O OD1   . ASP A 1 106 ? 13.429  0.855   2.410   1.00 46.90  ? 620 ASP A OD1   1 
ATOM   877  O OD2   . ASP A 1 106 ? 11.539  1.813   1.912   1.00 40.98  ? 620 ASP A OD2   1 
ATOM   878  N N     . TYR A 1 107 ? 12.604  -3.475  0.573   1.00 35.03  ? 621 TYR A N     1 
ATOM   879  C CA    . TYR A 1 107 ? 11.968  -4.737  0.238   1.00 36.46  ? 621 TYR A CA    1 
ATOM   880  C C     . TYR A 1 107 ? 10.576  -4.652  0.782   1.00 35.16  ? 621 TYR A C     1 
ATOM   881  O O     . TYR A 1 107 ? 10.348  -4.820  1.979   1.00 33.89  ? 621 TYR A O     1 
ATOM   882  C CB    . TYR A 1 107 ? 12.757  -5.936  0.787   1.00 39.62  ? 621 TYR A CB    1 
ATOM   883  C CG    . TYR A 1 107 ? 13.967  -6.202  -0.103  1.00 46.35  ? 621 TYR A CG    1 
ATOM   884  C CD1   . TYR A 1 107 ? 13.857  -7.016  -1.219  1.00 48.69  ? 621 TYR A CD1   1 
ATOM   885  C CD2   . TYR A 1 107 ? 15.195  -5.564  0.126   1.00 47.19  ? 621 TYR A CD2   1 
ATOM   886  C CE1   . TYR A 1 107 ? 14.937  -7.217  -2.069  1.00 54.93  ? 621 TYR A CE1   1 
ATOM   887  C CE2   . TYR A 1 107 ? 16.282  -5.760  -0.720  1.00 50.63  ? 621 TYR A CE2   1 
ATOM   888  C CZ    . TYR A 1 107 ? 16.148  -6.587  -1.815  1.00 56.99  ? 621 TYR A CZ    1 
ATOM   889  O OH    . TYR A 1 107 ? 17.213  -6.794  -2.668  1.00 62.04  ? 621 TYR A OH    1 
ATOM   890  N N     . ILE A 1 108 ? 9.623   -4.354  -0.088  1.00 31.64  ? 622 ILE A N     1 
ATOM   891  C CA    . ILE A 1 108 ? 8.252   -4.321  0.376   1.00 30.56  ? 622 ILE A CA    1 
ATOM   892  C C     . ILE A 1 108 ? 7.838   -5.734  0.791   1.00 30.42  ? 622 ILE A C     1 
ATOM   893  O O     . ILE A 1 108 ? 7.240   -5.919  1.833   1.00 27.85  ? 622 ILE A O     1 
ATOM   894  C CB    . ILE A 1 108 ? 7.322   -3.724  -0.678  1.00 31.44  ? 622 ILE A CB    1 
ATOM   895  C CG1   . ILE A 1 108 ? 7.716   -2.276  -0.965  1.00 31.05  ? 622 ILE A CG1   1 
ATOM   896  C CG2   . ILE A 1 108 ? 5.905   -3.690  -0.178  1.00 31.80  ? 622 ILE A CG2   1 
ATOM   897  C CD1   . ILE A 1 108 ? 7.343   -1.853  -2.358  1.00 32.96  ? 622 ILE A CD1   1 
ATOM   898  N N     . ILE A 1 109 ? 8.231   -6.726  -0.005  1.00 32.56  ? 623 ILE A N     1 
ATOM   899  C CA    . ILE A 1 109 ? 7.962   -8.140  0.255   1.00 34.78  ? 623 ILE A CA    1 
ATOM   900  C C     . ILE A 1 109 ? 9.240   -8.967  0.084   1.00 34.72  ? 623 ILE A C     1 
ATOM   901  O O     . ILE A 1 109 ? 9.971   -8.756  -0.863  1.00 34.77  ? 623 ILE A O     1 
ATOM   902  C CB    . ILE A 1 109 ? 6.918   -8.695  -0.756  1.00 35.26  ? 623 ILE A CB    1 
ATOM   903  C CG1   . ILE A 1 109 ? 5.531   -8.185  -0.400  1.00 34.90  ? 623 ILE A CG1   1 
ATOM   904  C CG2   . ILE A 1 109 ? 6.907   -10.225 -0.759  1.00 35.64  ? 623 ILE A CG2   1 
ATOM   905  C CD1   . ILE A 1 109 ? 4.471   -8.449  -1.456  1.00 35.12  ? 623 ILE A CD1   1 
ATOM   906  N N     . ARG A 1 110 ? 9.486   -9.919  0.979   1.00 37.49  ? 624 ARG A N     1 
ATOM   907  C CA    . ARG A 1 110 ? 10.578  -10.887 0.780   1.00 41.82  ? 624 ARG A CA    1 
ATOM   908  C C     . ARG A 1 110 ? 10.006  -12.254 0.411   1.00 41.14  ? 624 ARG A C     1 
ATOM   909  O O     . ARG A 1 110 ? 9.121   -12.770 1.102   1.00 38.50  ? 624 ARG A O     1 
ATOM   910  C CB    . ARG A 1 110 ? 11.420  -11.069 2.037   1.00 41.76  ? 624 ARG A CB    1 
ATOM   911  C CG    . ARG A 1 110 ? 12.231  -9.877  2.440   1.00 44.47  ? 624 ARG A CG    1 
ATOM   912  C CD    . ARG A 1 110 ? 12.708  -9.982  3.898   1.00 48.33  ? 624 ARG A CD    1 
ATOM   913  N NE    . ARG A 1 110 ? 13.992  -9.297  3.974   1.00 54.63  ? 624 ARG A NE    1 
ATOM   914  C CZ    . ARG A 1 110 ? 14.147  -7.976  3.916   1.00 54.05  ? 624 ARG A CZ    1 
ATOM   915  N NH1   . ARG A 1 110 ? 13.087  -7.170  3.859   1.00 62.24  ? 624 ARG A NH1   1 
ATOM   916  N NH2   . ARG A 1 110 ? 15.361  -7.451  3.935   1.00 46.66  ? 624 ARG A NH2   1 
ATOM   917  N N     . GLU A 1 111 ? 10.540  -12.832 -0.655  1.00 40.28  ? 625 GLU A N     1 
ATOM   918  C CA    . GLU A 1 111 ? 10.155  -14.161 -1.081  1.00 43.91  ? 625 GLU A CA    1 
ATOM   919  C C     . GLU A 1 111 ? 10.329  -15.115 0.078   1.00 41.90  ? 625 GLU A C     1 
ATOM   920  O O     . GLU A 1 111 ? 11.238  -14.957 0.866   1.00 43.67  ? 625 GLU A O     1 
ATOM   921  C CB    . GLU A 1 111 ? 11.043  -14.600 -2.237  1.00 45.87  ? 625 GLU A CB    1 
ATOM   922  C CG    . GLU A 1 111 ? 10.823  -16.033 -2.689  1.00 48.60  ? 625 GLU A CG    1 
ATOM   923  C CD    . GLU A 1 111 ? 11.341  -16.297 -4.095  1.00 53.47  ? 625 GLU A CD    1 
ATOM   924  O OE1   . GLU A 1 111 ? 11.044  -17.379 -4.637  1.00 51.41  ? 625 GLU A OE1   1 
ATOM   925  O OE2   . GLU A 1 111 ? 12.030  -15.425 -4.677  1.00 59.94  ? 625 GLU A OE2   1 
ATOM   926  N N     . GLY A 1 112 ? 9.439   -16.088 0.208   1.00 40.48  ? 626 GLY A N     1 
ATOM   927  C CA    . GLY A 1 112 ? 9.643   -17.144 1.181   1.00 37.42  ? 626 GLY A CA    1 
ATOM   928  C C     . GLY A 1 112 ? 9.054   -16.837 2.541   1.00 37.65  ? 626 GLY A C     1 
ATOM   929  O O     . GLY A 1 112 ? 8.904   -17.738 3.353   1.00 34.66  ? 626 GLY A O     1 
ATOM   930  N N     . THR A 1 113 ? 8.707   -15.579 2.799   1.00 36.30  ? 627 THR A N     1 
ATOM   931  C CA    . THR A 1 113 ? 8.112   -15.193 4.076   1.00 36.37  ? 627 THR A CA    1 
ATOM   932  C C     . THR A 1 113 ? 6.607   -15.405 4.038   1.00 36.66  ? 627 THR A C     1 
ATOM   933  O O     . THR A 1 113 ? 6.038   -15.689 2.983   1.00 37.09  ? 627 THR A O     1 
ATOM   934  C CB    . THR A 1 113 ? 8.409   -13.723 4.388   1.00 37.32  ? 627 THR A CB    1 
ATOM   935  O OG1   . THR A 1 113 ? 7.972   -12.912 3.292   1.00 34.54  ? 627 THR A OG1   1 
ATOM   936  C CG2   . THR A 1 113 ? 9.922   -13.537 4.583   1.00 39.20  ? 627 THR A CG2   1 
ATOM   937  N N     . ILE A 1 114 ? 5.978   -15.301 5.198   1.00 35.91  ? 628 ILE A N     1 
ATOM   938  C CA    . ILE A 1 114 ? 4.535   -15.419 5.297   1.00 39.28  ? 628 ILE A CA    1 
ATOM   939  C C     . ILE A 1 114 ? 3.962   -14.024 5.083   1.00 40.55  ? 628 ILE A C     1 
ATOM   940  O O     . ILE A 1 114 ? 4.469   -13.047 5.653   1.00 39.54  ? 628 ILE A O     1 
ATOM   941  C CB    . ILE A 1 114 ? 4.077   -15.937 6.684   1.00 40.67  ? 628 ILE A CB    1 
ATOM   942  C CG1   . ILE A 1 114 ? 4.341   -17.438 6.811   1.00 42.20  ? 628 ILE A CG1   1 
ATOM   943  C CG2   . ILE A 1 114 ? 2.590   -15.675 6.894   1.00 39.64  ? 628 ILE A CG2   1 
ATOM   944  C CD1   . ILE A 1 114 ? 3.953   -18.023 8.167   1.00 42.43  ? 628 ILE A CD1   1 
ATOM   945  N N     . GLY A 1 115 ? 2.886   -13.941 4.304   1.00 38.22  ? 629 GLY A N     1 
ATOM   946  C CA    . GLY A 1 115 ? 2.317   -12.650 3.925   1.00 37.88  ? 629 GLY A CA    1 
ATOM   947  C C     . GLY A 1 115 ? 0.925   -12.439 4.467   1.00 37.71  ? 629 GLY A C     1 
ATOM   948  O O     . GLY A 1 115 ? 0.084   -13.338 4.409   1.00 36.18  ? 629 GLY A O     1 
ATOM   949  N N     . LYS A 1 116 ? 0.682   -11.247 4.992   1.00 40.04  ? 630 LYS A N     1 
ATOM   950  C CA    . LYS A 1 116 ? -0.606  -10.924 5.589   1.00 44.37  ? 630 LYS A CA    1 
ATOM   951  C C     . LYS A 1 116 ? -1.247  -9.632  5.031   1.00 40.57  ? 630 LYS A C     1 
ATOM   952  O O     . LYS A 1 116 ? -2.242  -9.145  5.567   1.00 37.43  ? 630 LYS A O     1 
ATOM   953  C CB    . LYS A 1 116 ? -0.416  -10.802 7.099   1.00 50.60  ? 630 LYS A CB    1 
ATOM   954  C CG    . LYS A 1 116 ? 0.179   -12.033 7.764   1.00 55.13  ? 630 LYS A CG    1 
ATOM   955  C CD    . LYS A 1 116 ? 1.166   -11.606 8.840   1.00 62.77  ? 630 LYS A CD    1 
ATOM   956  C CE    . LYS A 1 116 ? 1.352   -12.670 9.914   1.00 65.23  ? 630 LYS A CE    1 
ATOM   957  N NZ    . LYS A 1 116 ? 1.651   -12.031 11.231  1.00 63.32  ? 630 LYS A NZ    1 
ATOM   958  N N     . LYS A 1 117 ? -0.674  -9.074  3.969   1.00 39.66  ? 631 LYS A N     1 
ATOM   959  C CA    . LYS A 1 117 ? -1.278  -7.933  3.258   1.00 39.87  ? 631 LYS A CA    1 
ATOM   960  C C     . LYS A 1 117 ? -0.918  -7.982  1.786   1.00 35.61  ? 631 LYS A C     1 
ATOM   961  O O     . LYS A 1 117 ? 0.129   -8.518  1.426   1.00 35.28  ? 631 LYS A O     1 
ATOM   962  C CB    . LYS A 1 117 ? -0.866  -6.566  3.867   1.00 40.28  ? 631 LYS A CB    1 
ATOM   963  C CG    . LYS A 1 117 ? 0.331   -6.622  4.820   1.00 40.63  ? 631 LYS A CG    1 
ATOM   964  C CD    . LYS A 1 117 ? 1.013   -5.274  4.966   1.00 42.73  ? 631 LYS A CD    1 
ATOM   965  C CE    . LYS A 1 117 ? 0.806   -4.627  6.333   1.00 43.36  ? 631 LYS A CE    1 
ATOM   966  N NZ    . LYS A 1 117 ? 1.474   -3.290  6.357   1.00 41.70  ? 631 LYS A NZ    1 
ATOM   967  N N     . MET A 1 118 ? -1.786  -7.431  0.944   1.00 31.93  ? 632 MET A N     1 
ATOM   968  C CA    . MET A 1 118 ? -1.433  -7.161  -0.458  1.00 29.90  ? 632 MET A CA    1 
ATOM   969  C C     . MET A 1 118 ? -1.342  -5.672  -0.584  1.00 28.46  ? 632 MET A C     1 
ATOM   970  O O     . MET A 1 118 ? -1.659  -4.983  0.394   1.00 29.52  ? 632 MET A O     1 
ATOM   971  C CB    . MET A 1 118 ? -2.473  -7.703  -1.442  1.00 30.27  ? 632 MET A CB    1 
ATOM   972  C CG    . MET A 1 118 ? -3.840  -7.030  -1.430  1.00 30.88  ? 632 MET A CG    1 
ATOM   973  S SD    . MET A 1 118 ? -4.845  -7.622  -2.805  1.00 32.05  ? 632 MET A SD    1 
ATOM   974  C CE    . MET A 1 118 ? -4.045  -6.753  -4.157  1.00 33.78  ? 632 MET A CE    1 
ATOM   975  N N     . TYR A 1 119 ? -0.972  -5.189  -1.779  1.00 25.70  ? 633 TYR A N     1 
ATOM   976  C CA    . TYR A 1 119 ? -0.668  -3.767  -2.012  1.00 25.00  ? 633 TYR A CA    1 
ATOM   977  C C     . TYR A 1 119 ? -1.165  -3.254  -3.374  1.00 26.70  ? 633 TYR A C     1 
ATOM   978  O O     . TYR A 1 119 ? -1.017  -3.926  -4.400  1.00 26.21  ? 633 TYR A O     1 
ATOM   979  C CB    . TYR A 1 119 ? 0.857   -3.560  -1.986  1.00 24.93  ? 633 TYR A CB    1 
ATOM   980  C CG    . TYR A 1 119 ? 1.507   -3.960  -0.696  1.00 24.34  ? 633 TYR A CG    1 
ATOM   981  C CD1   . TYR A 1 119 ? 1.889   -5.270  -0.463  1.00 25.16  ? 633 TYR A CD1   1 
ATOM   982  C CD2   . TYR A 1 119 ? 1.750   -3.023  0.287   1.00 25.80  ? 633 TYR A CD2   1 
ATOM   983  C CE1   . TYR A 1 119 ? 2.475   -5.643  0.734   1.00 26.41  ? 633 TYR A CE1   1 
ATOM   984  C CE2   . TYR A 1 119 ? 2.339   -3.374  1.490   1.00 25.82  ? 633 TYR A CE2   1 
ATOM   985  C CZ    . TYR A 1 119 ? 2.691   -4.684  1.715   1.00 27.05  ? 633 TYR A CZ    1 
ATOM   986  O OH    . TYR A 1 119 ? 3.283   -5.018  2.913   1.00 31.91  ? 633 TYR A OH    1 
ATOM   987  N N     . PHE A 1 120 ? -1.694  -2.035  -3.380  1.00 26.85  ? 634 PHE A N     1 
ATOM   988  C CA    . PHE A 1 120 ? -2.045  -1.317  -4.607  1.00 25.62  ? 634 PHE A CA    1 
ATOM   989  C C     . PHE A 1 120 ? -1.132  -0.132  -4.818  1.00 24.70  ? 634 PHE A C     1 
ATOM   990  O O     . PHE A 1 120 ? -0.851  0.603   -3.902  1.00 22.96  ? 634 PHE A O     1 
ATOM   991  C CB    . PHE A 1 120 ? -3.492  -0.859  -4.501  1.00 26.43  ? 634 PHE A CB    1 
ATOM   992  C CG    . PHE A 1 120 ? -4.421  -1.997  -4.293  1.00 26.22  ? 634 PHE A CG    1 
ATOM   993  C CD1   . PHE A 1 120 ? -4.711  -2.440  -3.017  1.00 25.20  ? 634 PHE A CD1   1 
ATOM   994  C CD2   . PHE A 1 120 ? -4.933  -2.698  -5.385  1.00 27.12  ? 634 PHE A CD2   1 
ATOM   995  C CE1   . PHE A 1 120 ? -5.551  -3.525  -2.829  1.00 25.74  ? 634 PHE A CE1   1 
ATOM   996  C CE2   . PHE A 1 120 ? -5.768  -3.797  -5.203  1.00 26.31  ? 634 PHE A CE2   1 
ATOM   997  C CZ    . PHE A 1 120 ? -6.070  -4.214  -3.922  1.00 26.12  ? 634 PHE A CZ    1 
ATOM   998  N N     . ILE A 1 121 ? -0.645  0.034   -6.041  1.00 26.67  ? 635 ILE A N     1 
ATOM   999  C CA    . ILE A 1 121 ? 0.302   1.099   -6.323  1.00 27.40  ? 635 ILE A CA    1 
ATOM   1000 C C     . ILE A 1 121 ? -0.412  2.328   -6.794  1.00 28.01  ? 635 ILE A C     1 
ATOM   1001 O O     . ILE A 1 121 ? -0.864  2.393   -7.894  1.00 27.83  ? 635 ILE A O     1 
ATOM   1002 C CB    . ILE A 1 121 ? 1.366   0.684   -7.356  1.00 27.30  ? 635 ILE A CB    1 
ATOM   1003 C CG1   . ILE A 1 121 ? 2.022   -0.635  -6.943  1.00 26.76  ? 635 ILE A CG1   1 
ATOM   1004 C CG2   . ILE A 1 121 ? 2.442   1.751   -7.452  1.00 27.31  ? 635 ILE A CG2   1 
ATOM   1005 C CD1   . ILE A 1 121 ? 3.106   -1.088  -7.908  1.00 27.17  ? 635 ILE A CD1   1 
ATOM   1006 N N     . GLN A 1 122 ? -0.507  3.324   -5.944  1.00 34.47  ? 636 GLN A N     1 
ATOM   1007 C CA    . GLN A 1 122 ? -0.987  4.596   -6.413  1.00 37.07  ? 636 GLN A CA    1 
ATOM   1008 C C     . GLN A 1 122 ? 0.082   5.368   -7.202  1.00 34.92  ? 636 GLN A C     1 
ATOM   1009 O O     . GLN A 1 122 ? -0.184  5.872   -8.278  1.00 38.49  ? 636 GLN A O     1 
ATOM   1010 C CB    . GLN A 1 122 ? -1.461  5.418   -5.250  1.00 40.53  ? 636 GLN A CB    1 
ATOM   1011 C CG    . GLN A 1 122 ? -2.090  6.722   -5.693  1.00 44.37  ? 636 GLN A CG    1 
ATOM   1012 C CD    . GLN A 1 122 ? -2.197  7.653   -4.541  1.00 48.57  ? 636 GLN A CD    1 
ATOM   1013 O OE1   . GLN A 1 122 ? -1.186  7.942   -3.865  1.00 50.91  ? 636 GLN A OE1   1 
ATOM   1014 N NE2   . GLN A 1 122 ? -3.419  8.094   -4.257  1.00 50.45  ? 636 GLN A NE2   1 
ATOM   1015 N N     . HIS A 1 123 ? 1.267   5.499   -6.645  1.00 34.52  ? 637 HIS A N     1 
ATOM   1016 C CA    A HIS A 1 123 ? 2.367   6.183   -7.334  0.50 36.17  ? 637 HIS A CA    1 
ATOM   1017 C CA    B HIS A 1 123 ? 2.362   6.189   -7.321  0.50 33.21  ? 637 HIS A CA    1 
ATOM   1018 C C     . HIS A 1 123 ? 3.683   5.499   -6.986  1.00 35.00  ? 637 HIS A C     1 
ATOM   1019 O O     . HIS A 1 123 ? 3.946   5.146   -5.821  1.00 32.00  ? 637 HIS A O     1 
ATOM   1020 C CB    A HIS A 1 123 ? 2.422   7.682   -6.970  0.50 38.21  ? 637 HIS A CB    1 
ATOM   1021 C CB    B HIS A 1 123 ? 2.426   7.668   -6.907  0.50 31.59  ? 637 HIS A CB    1 
ATOM   1022 C CG    A HIS A 1 123 ? 3.307   8.502   -7.867  0.50 43.68  ? 637 HIS A CG    1 
ATOM   1023 C CG    B HIS A 1 123 ? 1.300   8.509   -7.434  0.50 31.66  ? 637 HIS A CG    1 
ATOM   1024 N ND1   A HIS A 1 123 ? 4.654   8.690   -7.625  0.50 45.96  ? 637 HIS A ND1   1 
ATOM   1025 N ND1   B HIS A 1 123 ? 0.400   9.148   -6.607  0.50 31.59  ? 637 HIS A ND1   1 
ATOM   1026 C CD2   A HIS A 1 123 ? 3.032   9.193   -9.003  0.50 45.56  ? 637 HIS A CD2   1 
ATOM   1027 C CD2   B HIS A 1 123 ? 0.946   8.838   -8.701  0.50 30.87  ? 637 HIS A CD2   1 
ATOM   1028 C CE1   A HIS A 1 123 ? 5.171   9.449   -8.575  0.50 46.41  ? 637 HIS A CE1   1 
ATOM   1029 C CE1   B HIS A 1 123 ? -0.464  9.828   -7.344  0.50 31.97  ? 637 HIS A CE1   1 
ATOM   1030 N NE2   A HIS A 1 123 ? 4.207   9.771   -9.421  0.50 46.55  ? 637 HIS A NE2   1 
ATOM   1031 N NE2   B HIS A 1 123 ? -0.156  9.653   -8.617  0.50 30.53  ? 637 HIS A NE2   1 
ATOM   1032 N N     . GLY A 1 124 ? 4.510   5.307   -8.003  1.00 35.34  ? 638 GLY A N     1 
ATOM   1033 C CA    . GLY A 1 124 ? 5.829   4.774   -7.798  1.00 34.61  ? 638 GLY A CA    1 
ATOM   1034 C C     . GLY A 1 124 ? 5.927   3.593   -8.716  1.00 36.14  ? 638 GLY A C     1 
ATOM   1035 O O     . GLY A 1 124 ? 4.931   3.246   -9.358  1.00 40.51  ? 638 GLY A O     1 
ATOM   1036 N N     . VAL A 1 125 ? 7.127   3.008   -8.763  1.00 34.05  ? 639 VAL A N     1 
ATOM   1037 C CA    . VAL A 1 125 ? 7.504   1.882   -9.603  1.00 30.81  ? 639 VAL A CA    1 
ATOM   1038 C C     . VAL A 1 125 ? 8.194   0.848   -8.747  1.00 30.36  ? 639 VAL A C     1 
ATOM   1039 O O     . VAL A 1 125 ? 9.036   1.182   -7.927  1.00 30.39  ? 639 VAL A O     1 
ATOM   1040 C CB    . VAL A 1 125 ? 8.554   2.328   -10.610 1.00 31.36  ? 639 VAL A CB    1 
ATOM   1041 C CG1   . VAL A 1 125 ? 9.234   1.126   -11.254 1.00 31.24  ? 639 VAL A CG1   1 
ATOM   1042 C CG2   . VAL A 1 125 ? 7.923   3.257   -11.648 1.00 30.66  ? 639 VAL A CG2   1 
ATOM   1043 N N     . VAL A 1 126 ? 7.875   -0.412  -8.951  1.00 30.44  ? 640 VAL A N     1 
ATOM   1044 C CA    . VAL A 1 126 ? 8.432   -1.470  -8.109  1.00 30.79  ? 640 VAL A CA    1 
ATOM   1045 C C     . VAL A 1 126 ? 8.997   -2.593  -8.966  1.00 30.89  ? 640 VAL A C     1 
ATOM   1046 O O     . VAL A 1 126 ? 8.626   -2.748  -10.138 1.00 31.55  ? 640 VAL A O     1 
ATOM   1047 C CB    . VAL A 1 126 ? 7.328   -1.986  -7.164  1.00 30.51  ? 640 VAL A CB    1 
ATOM   1048 C CG1   . VAL A 1 126 ? 6.864   -3.398  -7.503  1.00 29.39  ? 640 VAL A CG1   1 
ATOM   1049 C CG2   . VAL A 1 126 ? 7.766   -1.881  -5.735  1.00 32.10  ? 640 VAL A CG2   1 
ATOM   1050 N N     . SER A 1 127 ? 9.842   -3.409  -8.345  1.00 34.12  ? 641 SER A N     1 
ATOM   1051 C CA    . SER A 1 127 ? 10.536  -4.520  -9.004  1.00 34.05  ? 641 SER A CA    1 
ATOM   1052 C C     . SER A 1 127 ? 10.192  -5.879  -8.433  1.00 31.90  ? 641 SER A C     1 
ATOM   1053 O O     . SER A 1 127 ? 10.391  -6.131  -7.240  1.00 33.39  ? 641 SER A O     1 
ATOM   1054 C CB    . SER A 1 127 ? 12.054  -4.310  -8.877  1.00 36.26  ? 641 SER A CB    1 
ATOM   1055 O OG    . SER A 1 127 ? 12.437  -3.081  -9.484  1.00 37.57  ? 641 SER A OG    1 
ATOM   1056 N N     . VAL A 1 128 ? 9.748   -6.791  -9.291  1.00 34.22  ? 642 VAL A N     1 
ATOM   1057 C CA    . VAL A 1 128 ? 9.460   -8.181  -8.848  1.00 36.59  ? 642 VAL A CA    1 
ATOM   1058 C C     . VAL A 1 128 ? 10.575  -9.170  -9.219  1.00 37.75  ? 642 VAL A C     1 
ATOM   1059 O O     . VAL A 1 128 ? 10.874  -9.415  -10.408 1.00 34.42  ? 642 VAL A O     1 
ATOM   1060 C CB    . VAL A 1 128 ? 8.089   -8.708  -9.360  1.00 36.31  ? 642 VAL A CB    1 
ATOM   1061 C CG1   . VAL A 1 128 ? 7.780   -10.082 -8.733  1.00 36.62  ? 642 VAL A CG1   1 
ATOM   1062 C CG2   . VAL A 1 128 ? 6.984   -7.696  -9.051  1.00 33.34  ? 642 VAL A CG2   1 
ATOM   1063 N N     . LEU A 1 129 ? 11.118  -9.782  -8.173  1.00 42.56  ? 643 LEU A N     1 
ATOM   1064 C CA    . LEU A 1 129 ? 12.394  -10.458 -8.214  1.00 43.36  ? 643 LEU A CA    1 
ATOM   1065 C C     . LEU A 1 129 ? 12.210  -11.889 -7.762  1.00 47.32  ? 643 LEU A C     1 
ATOM   1066 O O     . LEU A 1 129 ? 11.962  -12.159 -6.585  1.00 44.70  ? 643 LEU A O     1 
ATOM   1067 C CB    . LEU A 1 129 ? 13.373  -9.763  -7.264  1.00 42.75  ? 643 LEU A CB    1 
ATOM   1068 C CG    . LEU A 1 129 ? 13.493  -8.245  -7.410  1.00 46.84  ? 643 LEU A CG    1 
ATOM   1069 C CD1   . LEU A 1 129 ? 14.100  -7.637  -6.148  1.00 45.99  ? 643 LEU A CD1   1 
ATOM   1070 C CD2   . LEU A 1 129 ? 14.280  -7.869  -8.661  1.00 46.69  ? 643 LEU A CD2   1 
ATOM   1071 N N     . THR A 1 130 ? 12.320  -12.799 -8.718  1.00 53.82  ? 644 THR A N     1 
ATOM   1072 C CA    . THR A 1 130 ? 12.431  -14.211 -8.433  1.00 61.49  ? 644 THR A CA    1 
ATOM   1073 C C     . THR A 1 130 ? 13.860  -14.696 -8.704  1.00 68.92  ? 644 THR A C     1 
ATOM   1074 O O     . THR A 1 130 ? 14.465  -14.364 -9.731  1.00 59.86  ? 644 THR A O     1 
ATOM   1075 C CB    . THR A 1 130 ? 11.446  -15.038 -9.276  1.00 61.80  ? 644 THR A CB    1 
ATOM   1076 O OG1   . THR A 1 130 ? 11.180  -14.368 -10.522 1.00 65.11  ? 644 THR A OG1   1 
ATOM   1077 C CG2   . THR A 1 130 ? 10.158  -15.231 -8.526  1.00 62.61  ? 644 THR A CG2   1 
ATOM   1078 N N     . LYS A 1 131 ? 14.389  -15.472 -7.760  1.00 78.74  ? 645 LYS A N     1 
ATOM   1079 C CA    . LYS A 1 131 ? 15.598  -16.262 -7.975  1.00 82.76  ? 645 LYS A CA    1 
ATOM   1080 C C     . LYS A 1 131 ? 15.503  -16.938 -9.360  1.00 81.66  ? 645 LYS A C     1 
ATOM   1081 O O     . LYS A 1 131 ? 14.624  -17.772 -9.590  1.00 81.59  ? 645 LYS A O     1 
ATOM   1082 C CB    . LYS A 1 131 ? 15.713  -17.303 -6.846  1.00 85.69  ? 645 LYS A CB    1 
ATOM   1083 C CG    . LYS A 1 131 ? 17.077  -17.944 -6.666  1.00 90.71  ? 645 LYS A CG    1 
ATOM   1084 C CD    . LYS A 1 131 ? 17.389  -18.962 -7.756  1.00 93.88  ? 645 LYS A CD    1 
ATOM   1085 C CE    . LYS A 1 131 ? 18.149  -20.168 -7.214  1.00 98.32  ? 645 LYS A CE    1 
ATOM   1086 N NZ    . LYS A 1 131 ? 19.374  -19.795 -6.450  1.00 99.98  ? 645 LYS A NZ    1 
ATOM   1087 N N     . GLY A 1 132 ? 16.360  -16.538 -10.293 1.00 77.29  ? 646 GLY A N     1 
ATOM   1088 C CA    . GLY A 1 132 ? 16.413  -17.185 -11.596 1.00 76.91  ? 646 GLY A CA    1 
ATOM   1089 C C     . GLY A 1 132 ? 15.223  -16.950 -12.509 1.00 80.06  ? 646 GLY A C     1 
ATOM   1090 O O     . GLY A 1 132 ? 14.665  -17.894 -13.078 1.00 85.34  ? 646 GLY A O     1 
ATOM   1091 N N     . ASN A 1 133 ? 14.823  -15.691 -12.639 1.00 78.36  ? 647 ASN A N     1 
ATOM   1092 C CA    . ASN A 1 133 ? 14.000  -15.241 -13.762 1.00 72.43  ? 647 ASN A CA    1 
ATOM   1093 C C     . ASN A 1 133 ? 14.469  -13.832 -14.049 1.00 73.13  ? 647 ASN A C     1 
ATOM   1094 O O     . ASN A 1 133 ? 15.290  -13.302 -13.302 1.00 66.07  ? 647 ASN A O     1 
ATOM   1095 C CB    . ASN A 1 133 ? 12.510  -15.270 -13.409 1.00 70.88  ? 647 ASN A CB    1 
ATOM   1096 C CG    . ASN A 1 133 ? 11.693  -16.094 -14.394 1.00 72.30  ? 647 ASN A CG    1 
ATOM   1097 O OD1   . ASN A 1 133 ? 11.309  -17.298 -13.986 1.00 71.21  ? 647 ASN A OD1   1 
ATOM   1098 N ND2   . ASN A 1 133 ? 11.421  -15.661 -15.513 1.00 70.76  ? 647 ASN A ND2   1 
ATOM   1099 N N     . LYS A 1 134 ? 13.974  -13.210 -15.109 1.00 76.49  ? 648 LYS A N     1 
ATOM   1100 C CA    . LYS A 1 134 ? 14.292  -11.803 -15.328 1.00 80.11  ? 648 LYS A CA    1 
ATOM   1101 C C     . LYS A 1 134 ? 13.403  -11.075 -14.304 1.00 80.27  ? 648 LYS A C     1 
ATOM   1102 O O     . LYS A 1 134 ? 12.837  -11.706 -13.404 1.00 80.33  ? 648 LYS A O     1 
ATOM   1103 C CB    . LYS A 1 134 ? 13.777  -11.317 -16.696 1.00 85.09  ? 648 LYS A CB    1 
ATOM   1104 C CG    . LYS A 1 134 ? 14.197  -9.890  -17.067 1.00 84.81  ? 648 LYS A CG    1 
ATOM   1105 C CD    . LYS A 1 134 ? 14.648  -9.757  -18.507 1.00 84.55  ? 648 LYS A CD    1 
ATOM   1106 C CE    . LYS A 1 134 ? 16.117  -10.114 -18.664 1.00 82.46  ? 648 LYS A CE    1 
ATOM   1107 N NZ    . LYS A 1 134 ? 16.621  -9.699  -20.000 1.00 81.71  ? 648 LYS A NZ    1 
ATOM   1108 N N     . GLU A 1 135 ? 13.375  -9.743  -14.379 1.00 78.11  ? 649 GLU A N     1 
ATOM   1109 C CA    . GLU A 1 135 ? 12.707  -8.903  -13.404 1.00 68.36  ? 649 GLU A CA    1 
ATOM   1110 C C     . GLU A 1 135 ? 11.541  -8.183  -14.035 1.00 62.28  ? 649 GLU A C     1 
ATOM   1111 O O     . GLU A 1 135 ? 11.697  -7.536  -15.068 1.00 62.62  ? 649 GLU A O     1 
ATOM   1112 C CB    . GLU A 1 135 ? 13.790  -7.896  -13.036 1.00 67.64  ? 649 GLU A CB    1 
ATOM   1113 C CG    . GLU A 1 135 ? 13.292  -6.766  -12.152 1.00 67.98  ? 649 GLU A CG    1 
ATOM   1114 C CD    . GLU A 1 135 ? 14.208  -5.564  -12.153 1.00 64.54  ? 649 GLU A CD    1 
ATOM   1115 O OE1   . GLU A 1 135 ? 13.704  -4.447  -11.951 1.00 67.72  ? 649 GLU A OE1   1 
ATOM   1116 O OE2   . GLU A 1 135 ? 15.420  -5.731  -12.351 1.00 59.42  ? 649 GLU A OE2   1 
ATOM   1117 N N     . THR A 1 136 ? 10.373  -8.315  -13.424 1.00 54.46  ? 650 THR A N     1 
ATOM   1118 C CA    . THR A 1 136 ? 9.187   -7.666  -13.921 1.00 49.55  ? 650 THR A CA    1 
ATOM   1119 C C     . THR A 1 136 ? 8.940   -6.402  -13.124 1.00 47.59  ? 650 THR A C     1 
ATOM   1120 O O     . THR A 1 136 ? 9.175   -6.352  -11.917 1.00 49.80  ? 650 THR A O     1 
ATOM   1121 C CB    . THR A 1 136 ? 7.981   -8.595  -13.836 1.00 49.76  ? 650 THR A CB    1 
ATOM   1122 O OG1   . THR A 1 136 ? 8.294   -9.791  -14.540 1.00 46.17  ? 650 THR A OG1   1 
ATOM   1123 C CG2   . THR A 1 136 ? 6.724   -7.948  -14.459 1.00 53.05  ? 650 THR A CG2   1 
ATOM   1124 N N     . LYS A 1 137 ? 8.474   -5.374  -13.809 1.00 43.56  ? 651 LYS A N     1 
ATOM   1125 C CA    . LYS A 1 137 ? 8.209   -4.122  -13.164 1.00 44.30  ? 651 LYS A CA    1 
ATOM   1126 C C     . LYS A 1 137 ? 6.707   -3.846  -13.134 1.00 41.66  ? 651 LYS A C     1 
ATOM   1127 O O     . LYS A 1 137 ? 5.950   -4.262  -14.029 1.00 39.12  ? 651 LYS A O     1 
ATOM   1128 C CB    . LYS A 1 137 ? 8.998   -2.993  -13.841 1.00 46.62  ? 651 LYS A CB    1 
ATOM   1129 C CG    . LYS A 1 137 ? 10.481  -3.053  -13.481 1.00 49.15  ? 651 LYS A CG    1 
ATOM   1130 C CD    . LYS A 1 137 ? 11.157  -1.697  -13.538 1.00 52.66  ? 651 LYS A CD    1 
ATOM   1131 C CE    . LYS A 1 137 ? 12.510  -1.705  -12.825 1.00 52.23  ? 651 LYS A CE    1 
ATOM   1132 N NZ    . LYS A 1 137 ? 13.563  -2.409  -13.592 1.00 51.65  ? 651 LYS A NZ    1 
ATOM   1133 N N     . LEU A 1 138 ? 6.306   -3.175  -12.059 1.00 36.00  ? 652 LEU A N     1 
ATOM   1134 C CA    . LEU A 1 138 ? 4.929   -2.740  -11.840 1.00 31.22  ? 652 LEU A CA    1 
ATOM   1135 C C     . LEU A 1 138 ? 4.946   -1.304  -11.345 1.00 27.39  ? 652 LEU A C     1 
ATOM   1136 O O     . LEU A 1 138 ? 5.795   -0.937  -10.558 1.00 30.56  ? 652 LEU A O     1 
ATOM   1137 C CB    . LEU A 1 138 ? 4.258   -3.622  -10.775 1.00 29.87  ? 652 LEU A CB    1 
ATOM   1138 C CG    . LEU A 1 138 ? 4.243   -5.119  -11.045 1.00 28.67  ? 652 LEU A CG    1 
ATOM   1139 C CD1   . LEU A 1 138 ? 3.628   -5.823  -9.844  1.00 28.94  ? 652 LEU A CD1   1 
ATOM   1140 C CD2   . LEU A 1 138 ? 3.468   -5.435  -12.331 1.00 29.68  ? 652 LEU A CD2   1 
ATOM   1141 N N     . ALA A 1 139 ? 3.971   -0.531  -11.785 1.00 27.67  ? 653 ALA A N     1 
ATOM   1142 C CA    . ALA A 1 139 ? 3.865   0.887   -11.537 1.00 28.69  ? 653 ALA A CA    1 
ATOM   1143 C C     . ALA A 1 139 ? 2.400   1.247   -11.251 1.00 29.93  ? 653 ALA A C     1 
ATOM   1144 O O     . ALA A 1 139 ? 1.571   0.355   -11.057 1.00 27.45  ? 653 ALA A O     1 
ATOM   1145 C CB    . ALA A 1 139 ? 4.366   1.665   -12.752 1.00 28.52  ? 653 ALA A CB    1 
ATOM   1146 N N     . ASP A 1 140 ? 2.133   2.561   -11.212 1.00 30.17  ? 654 ASP A N     1 
ATOM   1147 C CA    . ASP A 1 140 ? 0.823   3.148   -10.983 1.00 30.05  ? 654 ASP A CA    1 
ATOM   1148 C C     . ASP A 1 140 ? -0.233  2.263   -11.597 1.00 30.19  ? 654 ASP A C     1 
ATOM   1149 O O     . ASP A 1 140 ? -0.119  1.903   -12.752 1.00 27.12  ? 654 ASP A O     1 
ATOM   1150 C CB    . ASP A 1 140 ? 0.751   4.552   -11.623 1.00 33.19  ? 654 ASP A CB    1 
ATOM   1151 C CG    . ASP A 1 140 ? 1.841   5.531   -11.099 1.00 39.22  ? 654 ASP A CG    1 
ATOM   1152 O OD1   . ASP A 1 140 ? 3.046   5.179   -10.941 1.00 39.70  ? 654 ASP A OD1   1 
ATOM   1153 O OD2   . ASP A 1 140 ? 1.481   6.697   -10.846 1.00 45.56  ? 654 ASP A OD2   1 
ATOM   1154 N N     . GLY A 1 141 ? -1.230  1.862   -10.817 1.00 32.43  ? 655 GLY A N     1 
ATOM   1155 C CA    . GLY A 1 141 ? -2.385  1.156   -11.368 1.00 35.23  ? 655 GLY A CA    1 
ATOM   1156 C C     . GLY A 1 141 ? -2.347  -0.365  -11.356 1.00 35.16  ? 655 GLY A C     1 
ATOM   1157 O O     . GLY A 1 141 ? -3.281  -0.994  -11.867 1.00 39.06  ? 655 GLY A O     1 
ATOM   1158 N N     . SER A 1 142 ? -1.266  -0.951  -10.834 1.00 33.92  ? 656 SER A N     1 
ATOM   1159 C CA    . SER A 1 142 ? -1.181  -2.399  -10.553 1.00 32.15  ? 656 SER A CA    1 
ATOM   1160 C C     . SER A 1 142 ? -1.209  -2.701  -9.045  1.00 30.45  ? 656 SER A C     1 
ATOM   1161 O O     . SER A 1 142 ? -1.155  -1.821  -8.174  1.00 27.60  ? 656 SER A O     1 
ATOM   1162 C CB    . SER A 1 142 ? 0.102   -2.974  -11.092 1.00 33.59  ? 656 SER A CB    1 
ATOM   1163 O OG    . SER A 1 142 ? 0.546   -2.231  -12.191 1.00 37.05  ? 656 SER A OG    1 
ATOM   1164 N N     . TYR A 1 143 ? -1.267  -3.982  -8.756  1.00 29.66  ? 657 TYR A N     1 
ATOM   1165 C CA    . TYR A 1 143 ? -1.221  -4.465  -7.403  1.00 28.47  ? 657 TYR A CA    1 
ATOM   1166 C C     . TYR A 1 143 ? -0.309  -5.674  -7.341  1.00 29.27  ? 657 TYR A C     1 
ATOM   1167 O O     . TYR A 1 143 ? -0.003  -6.278  -8.369  1.00 27.05  ? 657 TYR A O     1 
ATOM   1168 C CB    . TYR A 1 143 ? -2.632  -4.834  -6.909  1.00 26.84  ? 657 TYR A CB    1 
ATOM   1169 C CG    . TYR A 1 143 ? -3.303  -5.898  -7.715  1.00 26.74  ? 657 TYR A CG    1 
ATOM   1170 C CD1   . TYR A 1 143 ? -3.001  -7.230  -7.523  1.00 25.36  ? 657 TYR A CD1   1 
ATOM   1171 C CD2   . TYR A 1 143 ? -4.279  -5.570  -8.687  1.00 27.30  ? 657 TYR A CD2   1 
ATOM   1172 C CE1   . TYR A 1 143 ? -3.630  -8.216  -8.262  1.00 25.78  ? 657 TYR A CE1   1 
ATOM   1173 C CE2   . TYR A 1 143 ? -4.905  -6.554  -9.430  1.00 27.03  ? 657 TYR A CE2   1 
ATOM   1174 C CZ    . TYR A 1 143 ? -4.574  -7.883  -9.213  1.00 26.98  ? 657 TYR A CZ    1 
ATOM   1175 O OH    . TYR A 1 143 ? -5.171  -8.895  -9.961  1.00 31.07  ? 657 TYR A OH    1 
ATOM   1176 N N     . PHE A 1 144 ? 0.103   -6.037  -6.122  1.00 30.42  ? 658 PHE A N     1 
ATOM   1177 C CA    . PHE A 1 144 ? 0.910   -7.223  -5.911  1.00 30.56  ? 658 PHE A CA    1 
ATOM   1178 C C     . PHE A 1 144 ? 0.716   -7.746  -4.498  1.00 33.52  ? 658 PHE A C     1 
ATOM   1179 O O     . PHE A 1 144 ? 0.120   -7.089  -3.650  1.00 36.54  ? 658 PHE A O     1 
ATOM   1180 C CB    . PHE A 1 144 ? 2.390   -6.932  -6.186  1.00 30.36  ? 658 PHE A CB    1 
ATOM   1181 C CG    . PHE A 1 144 ? 2.959   -5.819  -5.361  1.00 30.77  ? 658 PHE A CG    1 
ATOM   1182 C CD1   . PHE A 1 144 ? 2.914   -4.504  -5.812  1.00 30.66  ? 658 PHE A CD1   1 
ATOM   1183 C CD2   . PHE A 1 144 ? 3.583   -6.088  -4.121  1.00 31.46  ? 658 PHE A CD2   1 
ATOM   1184 C CE1   . PHE A 1 144 ? 3.449   -3.474  -5.027  1.00 31.26  ? 658 PHE A CE1   1 
ATOM   1185 C CE2   . PHE A 1 144 ? 4.111   -5.062  -3.341  1.00 28.88  ? 658 PHE A CE2   1 
ATOM   1186 C CZ    . PHE A 1 144 ? 4.045   -3.752  -3.796  1.00 29.64  ? 658 PHE A CZ    1 
ATOM   1187 N N     . GLY A 1 145 ? 1.221   -8.943  -4.260  1.00 33.42  ? 659 GLY A N     1 
ATOM   1188 C CA    . GLY A 1 145 ? 1.166   -9.542  -2.954  1.00 33.38  ? 659 GLY A CA    1 
ATOM   1189 C C     . GLY A 1 145 ? -0.133  -10.245 -2.697  1.00 33.33  ? 659 GLY A C     1 
ATOM   1190 O O     . GLY A 1 145 ? -0.484  -10.520 -1.549  1.00 37.79  ? 659 GLY A O     1 
ATOM   1191 N N     . GLU A 1 146 ? -0.859  -10.533 -3.763  1.00 33.63  ? 660 GLU A N     1 
ATOM   1192 C CA    . GLU A 1 146 ? -2.183  -11.126 -3.652  1.00 31.40  ? 660 GLU A CA    1 
ATOM   1193 C C     . GLU A 1 146 ? -2.094  -12.611 -3.656  1.00 32.02  ? 660 GLU A C     1 
ATOM   1194 O O     . GLU A 1 146 ? -3.011  -13.262 -3.182  1.00 34.08  ? 660 GLU A O     1 
ATOM   1195 C CB    . GLU A 1 146 ? -3.111  -10.637 -4.782  1.00 33.61  ? 660 GLU A CB    1 
ATOM   1196 C CG    . GLU A 1 146 ? -2.949  -11.273 -6.165  1.00 32.61  ? 660 GLU A CG    1 
ATOM   1197 C CD    . GLU A 1 146 ? -1.720  -10.854 -6.951  1.00 33.39  ? 660 GLU A CD    1 
ATOM   1198 O OE1   . GLU A 1 146 ? -0.826  -10.117 -6.458  1.00 29.83  ? 660 GLU A OE1   1 
ATOM   1199 O OE2   . GLU A 1 146 ? -1.656  -11.301 -8.111  1.00 33.19  ? 660 GLU A OE2   1 
ATOM   1200 N N     . ILE A 1 147 ? -0.977  -13.161 -4.130  1.00 33.46  ? 661 ILE A N     1 
ATOM   1201 C CA    . ILE A 1 147 ? -0.886  -14.593 -4.365  1.00 33.12  ? 661 ILE A CA    1 
ATOM   1202 C C     . ILE A 1 147 ? -0.900  -15.353 -3.038  1.00 36.52  ? 661 ILE A C     1 
ATOM   1203 O O     . ILE A 1 147 ? -1.739  -16.244 -2.819  1.00 38.10  ? 661 ILE A O     1 
ATOM   1204 C CB    . ILE A 1 147 ? 0.333   -14.950 -5.217  1.00 32.96  ? 661 ILE A CB    1 
ATOM   1205 C CG1   . ILE A 1 147 ? 0.297   -14.169 -6.525  1.00 33.46  ? 661 ILE A CG1   1 
ATOM   1206 C CG2   . ILE A 1 147 ? 0.314   -16.429 -5.561  1.00 34.75  ? 661 ILE A CG2   1 
ATOM   1207 C CD1   . ILE A 1 147 ? 1.192   -14.707 -7.624  1.00 33.40  ? 661 ILE A CD1   1 
ATOM   1208 N N     . CYS A 1 148 ? -0.013  -14.966 -2.136  1.00 37.93  ? 662 CYS A N     1 
ATOM   1209 C CA    . CYS A 1 148 ? -0.020  -15.466 -0.751  1.00 39.69  ? 662 CYS A CA    1 
ATOM   1210 C C     . CYS A 1 148 ? -1.390  -15.441 -0.062  1.00 35.86  ? 662 CYS A C     1 
ATOM   1211 O O     . CYS A 1 148 ? -1.678  -16.239 0.805   1.00 37.43  ? 662 CYS A O     1 
ATOM   1212 C CB    . CYS A 1 148 ? 0.937   -14.624 0.096   1.00 44.90  ? 662 CYS A CB    1 
ATOM   1213 S SG    . CYS A 1 148 ? 1.838   -15.587 1.309   1.00 66.04  ? 662 CYS A SG    1 
ATOM   1214 N N     . LEU A 1 149 ? -2.218  -14.481 -0.402  1.00 35.62  ? 663 LEU A N     1 
ATOM   1215 C CA    . LEU A 1 149 ? -3.516  -14.348 0.238   1.00 36.29  ? 663 LEU A CA    1 
ATOM   1216 C C     . LEU A 1 149 ? -4.493  -15.374 -0.280  1.00 35.47  ? 663 LEU A C     1 
ATOM   1217 O O     . LEU A 1 149 ? -5.330  -15.871 0.464   1.00 39.40  ? 663 LEU A O     1 
ATOM   1218 C CB    . LEU A 1 149 ? -4.065  -12.932 -0.010  1.00 36.67  ? 663 LEU A CB    1 
ATOM   1219 C CG    . LEU A 1 149 ? -3.645  -11.865 1.015   1.00 33.66  ? 663 LEU A CG    1 
ATOM   1220 C CD1   . LEU A 1 149 ? -2.239  -12.069 1.567   1.00 32.03  ? 663 LEU A CD1   1 
ATOM   1221 C CD2   . LEU A 1 149 ? -3.803  -10.502 0.389   1.00 31.03  ? 663 LEU A CD2   1 
ATOM   1222 N N     . LEU A 1 150 ? -4.400  -15.639 -1.573  1.00 35.61  ? 664 LEU A N     1 
ATOM   1223 C CA    . LEU A 1 150 ? -5.202  -16.638 -2.230  1.00 36.22  ? 664 LEU A CA    1 
ATOM   1224 C C     . LEU A 1 150 ? -4.792  -18.058 -1.842  1.00 37.80  ? 664 LEU A C     1 
ATOM   1225 O O     . LEU A 1 150 ? -5.653  -18.886 -1.583  1.00 38.00  ? 664 LEU A O     1 
ATOM   1226 C CB    . LEU A 1 150 ? -5.069  -16.495 -3.739  1.00 37.39  ? 664 LEU A CB    1 
ATOM   1227 C CG    . LEU A 1 150 ? -5.532  -15.198 -4.407  1.00 38.10  ? 664 LEU A CG    1 
ATOM   1228 C CD1   . LEU A 1 150 ? -5.043  -15.128 -5.853  1.00 36.41  ? 664 LEU A CD1   1 
ATOM   1229 C CD2   . LEU A 1 150 ? -7.043  -15.031 -4.334  1.00 38.56  ? 664 LEU A CD2   1 
ATOM   1230 N N     . THR A 1 151 ? -3.488  -18.333 -1.827  1.00 39.39  ? 665 THR A N     1 
ATOM   1231 C CA    . THR A 1 151 ? -2.952  -19.670 -1.526  1.00 40.79  ? 665 THR A CA    1 
ATOM   1232 C C     . THR A 1 151 ? -2.764  -19.978 -0.047  1.00 42.58  ? 665 THR A C     1 
ATOM   1233 O O     . THR A 1 151 ? -2.850  -21.120 0.349   1.00 38.61  ? 665 THR A O     1 
ATOM   1234 C CB    . THR A 1 151 ? -1.548  -19.878 -2.153  1.00 42.75  ? 665 THR A CB    1 
ATOM   1235 O OG1   . THR A 1 151 ? -0.611  -18.895 -1.667  1.00 41.22  ? 665 THR A OG1   1 
ATOM   1236 C CG2   . THR A 1 151 ? -1.614  -19.800 -3.651  1.00 45.72  ? 665 THR A CG2   1 
ATOM   1237 N N     . ARG A 1 152 ? -2.442  -18.967 0.747   1.00 46.40  ? 666 ARG A N     1 
ATOM   1238 C CA    . ARG A 1 152 ? -2.023  -19.144 2.142   1.00 49.49  ? 666 ARG A CA    1 
ATOM   1239 C C     . ARG A 1 152 ? -0.670  -19.813 2.324   1.00 49.97  ? 666 ARG A C     1 
ATOM   1240 O O     . ARG A 1 152 ? -0.349  -20.259 3.433   1.00 54.12  ? 666 ARG A O     1 
ATOM   1241 C CB    . ARG A 1 152 ? -3.078  -19.880 2.944   1.00 54.70  ? 666 ARG A CB    1 
ATOM   1242 C CG    . ARG A 1 152 ? -4.217  -18.965 3.291   1.00 64.20  ? 666 ARG A CG    1 
ATOM   1243 C CD    . ARG A 1 152 ? -5.492  -19.742 3.469   1.00 75.24  ? 666 ARG A CD    1 
ATOM   1244 N NE    . ARG A 1 152 ? -6.439  -18.990 4.280   1.00 88.95  ? 666 ARG A NE    1 
ATOM   1245 C CZ    . ARG A 1 152 ? -7.108  -17.909 3.874   1.00 97.58  ? 666 ARG A CZ    1 
ATOM   1246 N NH1   . ARG A 1 152 ? -6.946  -17.406 2.640   1.00 95.58  ? 666 ARG A NH1   1 
ATOM   1247 N NH2   . ARG A 1 152 ? -7.947  -17.324 4.723   1.00 100.25 ? 666 ARG A NH2   1 
ATOM   1248 N N     . GLY A 1 153 ? 0.127   -19.848 1.256   1.00 44.76  ? 667 GLY A N     1 
ATOM   1249 C CA    . GLY A 1 153 ? 1.499   -20.308 1.329   1.00 42.76  ? 667 GLY A CA    1 
ATOM   1250 C C     . GLY A 1 153 ? 2.431   -19.146 1.629   1.00 43.67  ? 667 GLY A C     1 
ATOM   1251 O O     . GLY A 1 153 ? 2.100   -18.282 2.439   1.00 43.29  ? 667 GLY A O     1 
ATOM   1252 N N     . ARG A 1 154 ? 3.596   -19.132 0.984   1.00 40.36  ? 668 ARG A N     1 
ATOM   1253 C CA    . ARG A 1 154 ? 4.629   -18.144 1.261   1.00 43.80  ? 668 ARG A CA    1 
ATOM   1254 C C     . ARG A 1 154 ? 4.724   -17.182 0.081   1.00 43.62  ? 668 ARG A C     1 
ATOM   1255 O O     . ARG A 1 154 ? 4.121   -17.416 -0.961  1.00 46.10  ? 668 ARG A O     1 
ATOM   1256 C CB    . ARG A 1 154 ? 5.999   -18.811 1.511   1.00 44.71  ? 668 ARG A CB    1 
ATOM   1257 C CG    . ARG A 1 154 ? 6.056   -19.849 2.650   1.00 46.42  ? 668 ARG A CG    1 
ATOM   1258 C CD    . ARG A 1 154 ? 5.665   -19.279 3.998   1.00 47.13  ? 668 ARG A CD    1 
ATOM   1259 N NE    . ARG A 1 154 ? 5.988   -20.182 5.103   1.00 51.10  ? 668 ARG A NE    1 
ATOM   1260 C CZ    . ARG A 1 154 ? 7.119   -20.164 5.815   1.00 50.74  ? 668 ARG A CZ    1 
ATOM   1261 N NH1   . ARG A 1 154 ? 8.075   -19.287 5.550   1.00 45.28  ? 668 ARG A NH1   1 
ATOM   1262 N NH2   . ARG A 1 154 ? 7.296   -21.036 6.815   1.00 49.16  ? 668 ARG A NH2   1 
ATOM   1263 N N     . ARG A 1 155 ? 5.478   -16.097 0.250   1.00 40.14  ? 669 ARG A N     1 
ATOM   1264 C CA    . ARG A 1 155 ? 5.698   -15.144 -0.837  1.00 36.32  ? 669 ARG A CA    1 
ATOM   1265 C C     . ARG A 1 155 ? 6.443   -15.772 -2.003  1.00 36.34  ? 669 ARG A C     1 
ATOM   1266 O O     . ARG A 1 155 ? 7.491   -16.417 -1.816  1.00 36.33  ? 669 ARG A O     1 
ATOM   1267 C CB    . ARG A 1 155 ? 6.497   -13.956 -0.340  1.00 34.20  ? 669 ARG A CB    1 
ATOM   1268 C CG    . ARG A 1 155 ? 5.803   -13.220 0.778   1.00 32.16  ? 669 ARG A CG    1 
ATOM   1269 C CD    . ARG A 1 155 ? 4.524   -12.582 0.273   1.00 30.38  ? 669 ARG A CD    1 
ATOM   1270 N NE    . ARG A 1 155 ? 4.156   -11.427 1.066   1.00 28.65  ? 669 ARG A NE    1 
ATOM   1271 C CZ    . ARG A 1 155 ? 3.010   -10.757 0.948   1.00 29.77  ? 669 ARG A CZ    1 
ATOM   1272 N NH1   . ARG A 1 155 ? 2.079   -11.120 0.044   1.00 29.21  ? 669 ARG A NH1   1 
ATOM   1273 N NH2   . ARG A 1 155 ? 2.791   -9.706  1.737   1.00 26.91  ? 669 ARG A NH2   1 
ATOM   1274 N N     . THR A 1 156 ? 5.919   -15.538 -3.207  1.00 35.00  ? 670 THR A N     1 
ATOM   1275 C CA    . THR A 1 156 ? 6.459   -16.134 -4.418  1.00 35.68  ? 670 THR A CA    1 
ATOM   1276 C C     . THR A 1 156 ? 7.481   -15.256 -5.140  1.00 36.61  ? 670 THR A C     1 
ATOM   1277 O O     . THR A 1 156 ? 7.869   -15.545 -6.275  1.00 37.98  ? 670 THR A O     1 
ATOM   1278 C CB    . THR A 1 156 ? 5.329   -16.477 -5.407  1.00 36.28  ? 670 THR A CB    1 
ATOM   1279 O OG1   . THR A 1 156 ? 4.723   -15.270 -5.886  1.00 35.02  ? 670 THR A OG1   1 
ATOM   1280 C CG2   . THR A 1 156 ? 4.277   -17.394 -4.738  1.00 35.03  ? 670 THR A CG2   1 
ATOM   1281 N N     . ALA A 1 157 ? 7.908   -14.184 -4.486  1.00 35.56  ? 671 ALA A N     1 
ATOM   1282 C CA    . ALA A 1 157 ? 8.836   -13.248 -5.075  1.00 32.65  ? 671 ALA A CA    1 
ATOM   1283 C C     . ALA A 1 157 ? 9.184   -12.244 -4.016  1.00 32.78  ? 671 ALA A C     1 
ATOM   1284 O O     . ALA A 1 157 ? 8.469   -12.101 -3.042  1.00 36.10  ? 671 ALA A O     1 
ATOM   1285 C CB    . ALA A 1 157 ? 8.210   -12.561 -6.248  1.00 32.78  ? 671 ALA A CB    1 
ATOM   1286 N N     . SER A 1 158 ? 10.306  -11.576 -4.184  1.00 32.24  ? 672 SER A N     1 
ATOM   1287 C CA    . SER A 1 158 ? 10.563  -10.368 -3.428  1.00 30.73  ? 672 SER A CA    1 
ATOM   1288 C C     . SER A 1 158 ? 10.046  -9.238  -4.233  1.00 28.04  ? 672 SER A C     1 
ATOM   1289 O O     . SER A 1 158 ? 10.040  -9.323  -5.446  1.00 30.63  ? 672 SER A O     1 
ATOM   1290 C CB    . SER A 1 158 ? 12.040  -10.182 -3.213  1.00 30.12  ? 672 SER A CB    1 
ATOM   1291 O OG    . SER A 1 158 ? 12.476  -11.241 -2.419  1.00 30.34  ? 672 SER A OG    1 
ATOM   1292 N N     . VAL A 1 159 ? 9.615   -8.180  -3.574  1.00 27.21  ? 673 VAL A N     1 
ATOM   1293 C CA    . VAL A 1 159 ? 9.219   -6.983  -4.289  1.00 28.44  ? 673 VAL A CA    1 
ATOM   1294 C C     . VAL A 1 159 ? 9.945   -5.814  -3.682  1.00 28.13  ? 673 VAL A C     1 
ATOM   1295 O O     . VAL A 1 159 ? 9.864   -5.570  -2.468  1.00 26.19  ? 673 VAL A O     1 
ATOM   1296 C CB    . VAL A 1 159 ? 7.705   -6.757  -4.257  1.00 29.25  ? 673 VAL A CB    1 
ATOM   1297 C CG1   . VAL A 1 159 ? 7.337   -5.501  -5.020  1.00 30.24  ? 673 VAL A CG1   1 
ATOM   1298 C CG2   . VAL A 1 159 ? 6.978   -7.957  -4.831  1.00 29.17  ? 673 VAL A CG2   1 
ATOM   1299 N N     . ARG A 1 160 ? 10.665  -5.115  -4.545  1.00 30.34  ? 674 ARG A N     1 
ATOM   1300 C CA    . ARG A 1 160 ? 11.573  -4.065  -4.122  1.00 35.47  ? 674 ARG A CA    1 
ATOM   1301 C C     . ARG A 1 160 ? 11.206  -2.740  -4.781  1.00 33.34  ? 674 ARG A C     1 
ATOM   1302 O O     . ARG A 1 160 ? 11.024  -2.672  -6.002  1.00 29.81  ? 674 ARG A O     1 
ATOM   1303 C CB    . ARG A 1 160 ? 13.008  -4.434  -4.478  1.00 40.68  ? 674 ARG A CB    1 
ATOM   1304 C CG    . ARG A 1 160 ? 14.036  -3.507  -3.837  1.00 51.76  ? 674 ARG A CG    1 
ATOM   1305 C CD    . ARG A 1 160 ? 15.470  -3.845  -4.247  1.00 58.26  ? 674 ARG A CD    1 
ATOM   1306 N NE    . ARG A 1 160 ? 15.631  -3.813  -5.707  1.00 62.45  ? 674 ARG A NE    1 
ATOM   1307 C CZ    . ARG A 1 160 ? 16.520  -4.533  -6.406  1.00 65.00  ? 674 ARG A CZ    1 
ATOM   1308 N NH1   . ARG A 1 160 ? 17.366  -5.368  -5.794  1.00 61.36  ? 674 ARG A NH1   1 
ATOM   1309 N NH2   . ARG A 1 160 ? 16.554  -4.431  -7.740  1.00 64.39  ? 674 ARG A NH2   1 
ATOM   1310 N N     . ALA A 1 161 ? 11.098  -1.696  -3.963  1.00 30.62  ? 675 ALA A N     1 
ATOM   1311 C CA    . ALA A 1 161 ? 10.814  -0.351  -4.456  1.00 30.03  ? 675 ALA A CA    1 
ATOM   1312 C C     . ALA A 1 161 ? 11.962  0.247   -5.275  1.00 32.72  ? 675 ALA A C     1 
ATOM   1313 O O     . ALA A 1 161 ? 13.101  0.337   -4.784  1.00 34.13  ? 675 ALA A O     1 
ATOM   1314 C CB    . ALA A 1 161 ? 10.519  0.562   -3.280  1.00 29.06  ? 675 ALA A CB    1 
ATOM   1315 N N     . ASP A 1 162 ? 11.659  0.700   -6.491  1.00 32.20  ? 676 ASP A N     1 
ATOM   1316 C CA    . ASP A 1 162 ? 12.626  1.447   -7.296  1.00 35.01  ? 676 ASP A CA    1 
ATOM   1317 C C     . ASP A 1 162 ? 12.612  2.927   -6.988  1.00 37.05  ? 676 ASP A C     1 
ATOM   1318 O O     . ASP A 1 162 ? 13.672  3.571   -6.935  1.00 40.75  ? 676 ASP A O     1 
ATOM   1319 C CB    . ASP A 1 162 ? 12.374  1.254   -8.792  1.00 35.02  ? 676 ASP A CB    1 
ATOM   1320 C CG    . ASP A 1 162 ? 12.613  -0.165  -9.237  1.00 37.22  ? 676 ASP A CG    1 
ATOM   1321 O OD1   . ASP A 1 162 ? 12.976  -1.017  -8.367  1.00 43.52  ? 676 ASP A OD1   1 
ATOM   1322 O OD2   . ASP A 1 162 ? 12.433  -0.424  -10.445 1.00 35.97  ? 676 ASP A OD2   1 
ATOM   1323 N N     . THR A 1 163 ? 11.409  3.467   -6.829  1.00 38.74  ? 677 THR A N     1 
ATOM   1324 C CA    . THR A 1 163 ? 11.216  4.866   -6.512  1.00 36.51  ? 677 THR A CA    1 
ATOM   1325 C C     . THR A 1 163 ? 10.556  4.953   -5.150  1.00 39.91  ? 677 THR A C     1 
ATOM   1326 O O     . THR A 1 163 ? 10.198  3.914   -4.539  1.00 39.77  ? 677 THR A O     1 
ATOM   1327 C CB    . THR A 1 163 ? 10.306  5.532   -7.544  1.00 39.66  ? 677 THR A CB    1 
ATOM   1328 O OG1   . THR A 1 163 ? 8.980   4.991   -7.454  1.00 37.85  ? 677 THR A OG1   1 
ATOM   1329 C CG2   . THR A 1 163 ? 10.843  5.301   -8.958  1.00 40.41  ? 677 THR A CG2   1 
ATOM   1330 N N     . TYR A 1 164 ? 10.408  6.183   -4.657  1.00 36.91  ? 678 TYR A N     1 
ATOM   1331 C CA    . TYR A 1 164 ? 9.483   6.422   -3.569  1.00 36.19  ? 678 TYR A CA    1 
ATOM   1332 C C     . TYR A 1 164 ? 8.119   5.905   -4.018  1.00 33.60  ? 678 TYR A C     1 
ATOM   1333 O O     . TYR A 1 164 ? 7.737   6.040   -5.171  1.00 32.04  ? 678 TYR A O     1 
ATOM   1334 C CB    . TYR A 1 164 ? 9.405   7.899   -3.227  1.00 38.32  ? 678 TYR A CB    1 
ATOM   1335 C CG    . TYR A 1 164 ? 10.445  8.333   -2.224  1.00 40.62  ? 678 TYR A CG    1 
ATOM   1336 C CD1   . TYR A 1 164 ? 11.708  8.780   -2.640  1.00 42.19  ? 678 TYR A CD1   1 
ATOM   1337 C CD2   . TYR A 1 164 ? 10.173  8.301   -0.854  1.00 42.24  ? 678 TYR A CD2   1 
ATOM   1338 C CE1   . TYR A 1 164 ? 12.665  9.185   -1.725  1.00 40.05  ? 678 TYR A CE1   1 
ATOM   1339 C CE2   . TYR A 1 164 ? 11.115  8.713   0.076   1.00 43.54  ? 678 TYR A CE2   1 
ATOM   1340 C CZ    . TYR A 1 164 ? 12.362  9.160   -0.370  1.00 43.94  ? 678 TYR A CZ    1 
ATOM   1341 O OH    . TYR A 1 164 ? 13.294  9.564   0.549   1.00 41.62  ? 678 TYR A OH    1 
ATOM   1342 N N     . CYS A 1 165 ? 7.404   5.270   -3.113  1.00 31.88  ? 679 CYS A N     1 
ATOM   1343 C CA    . CYS A 1 165 ? 6.182   4.585   -3.483  1.00 30.33  ? 679 CYS A CA    1 
ATOM   1344 C C     . CYS A 1 165 ? 5.080   5.072   -2.614  1.00 28.12  ? 679 CYS A C     1 
ATOM   1345 O O     . CYS A 1 165 ? 5.260   5.193   -1.428  1.00 25.39  ? 679 CYS A O     1 
ATOM   1346 C CB    . CYS A 1 165 ? 6.348   3.087   -3.300  1.00 31.00  ? 679 CYS A CB    1 
ATOM   1347 S SG    . CYS A 1 165 ? 7.167   2.294   -4.679  1.00 31.07  ? 679 CYS A SG    1 
ATOM   1348 N N     . ARG A 1 166 ? 3.944   5.390   -3.204  1.00 29.87  ? 680 ARG A N     1 
ATOM   1349 C CA    . ARG A 1 166 ? 2.774   5.677   -2.412  1.00 32.18  ? 680 ARG A CA    1 
ATOM   1350 C C     . ARG A 1 166 ? 1.859   4.512   -2.696  1.00 28.36  ? 680 ARG A C     1 
ATOM   1351 O O     . ARG A 1 166 ? 1.444   4.298   -3.837  1.00 28.22  ? 680 ARG A O     1 
ATOM   1352 C CB    . ARG A 1 166 ? 2.136   7.013   -2.790  1.00 39.63  ? 680 ARG A CB    1 
ATOM   1353 C CG    . ARG A 1 166 ? 3.012   8.236   -2.518  1.00 45.65  ? 680 ARG A CG    1 
ATOM   1354 C CD    . ARG A 1 166 ? 2.217   9.518   -2.260  1.00 51.56  ? 680 ARG A CD    1 
ATOM   1355 N NE    . ARG A 1 166 ? 3.036   10.464  -1.490  1.00 58.29  ? 680 ARG A NE    1 
ATOM   1356 C CZ    . ARG A 1 166 ? 3.739   11.485  -2.000  1.00 67.12  ? 680 ARG A CZ    1 
ATOM   1357 N NH1   . ARG A 1 166 ? 3.715   11.783  -3.306  1.00 66.59  ? 680 ARG A NH1   1 
ATOM   1358 N NH2   . ARG A 1 166 ? 4.465   12.248  -1.186  1.00 71.82  ? 680 ARG A NH2   1 
ATOM   1359 N N     . LEU A 1 167 ? 1.583   3.748   -1.655  1.00 26.60  ? 681 LEU A N     1 
ATOM   1360 C CA    . LEU A 1 167 ? 0.837   2.496   -1.749  1.00 26.37  ? 681 LEU A CA    1 
ATOM   1361 C C     . LEU A 1 167 ? -0.309  2.430   -0.791  1.00 25.35  ? 681 LEU A C     1 
ATOM   1362 O O     . LEU A 1 167 ? -0.300  3.067   0.245   1.00 25.45  ? 681 LEU A O     1 
ATOM   1363 C CB    . LEU A 1 167 ? 1.736   1.332   -1.365  1.00 27.27  ? 681 LEU A CB    1 
ATOM   1364 C CG    . LEU A 1 167 ? 3.014   1.121   -2.158  1.00 28.13  ? 681 LEU A CG    1 
ATOM   1365 C CD1   . LEU A 1 167 ? 3.681   -0.144  -1.648  1.00 29.55  ? 681 LEU A CD1   1 
ATOM   1366 C CD2   . LEU A 1 167 ? 2.733   1.022   -3.649  1.00 28.15  ? 681 LEU A CD2   1 
ATOM   1367 N N     . TYR A 1 168 ? -1.273  1.588   -1.122  1.00 26.46  ? 682 TYR A N     1 
ATOM   1368 C CA    . TYR A 1 168 ? -2.343  1.255   -0.210  1.00 26.88  ? 682 TYR A CA    1 
ATOM   1369 C C     . TYR A 1 168 ? -2.261  -0.222  0.071   1.00 24.85  ? 682 TYR A C     1 
ATOM   1370 O O     . TYR A 1 168 ? -2.193  -1.002  -0.848  1.00 23.91  ? 682 TYR A O     1 
ATOM   1371 C CB    . TYR A 1 168 ? -3.696  1.587   -0.838  1.00 29.59  ? 682 TYR A CB    1 
ATOM   1372 C CG    . TYR A 1 168 ? -4.048  3.050   -0.840  1.00 31.48  ? 682 TYR A CG    1 
ATOM   1373 C CD1   . TYR A 1 168 ? -4.614  3.635   0.279   1.00 34.36  ? 682 TYR A CD1   1 
ATOM   1374 C CD2   . TYR A 1 168 ? -3.839  3.840   -1.957  1.00 33.92  ? 682 TYR A CD2   1 
ATOM   1375 C CE1   . TYR A 1 168 ? -4.968  4.977   0.304   1.00 36.61  ? 682 TYR A CE1   1 
ATOM   1376 C CE2   . TYR A 1 168 ? -4.177  5.190   -1.952  1.00 37.37  ? 682 TYR A CE2   1 
ATOM   1377 C CZ    . TYR A 1 168 ? -4.760  5.760   -0.812  1.00 38.70  ? 682 TYR A CZ    1 
ATOM   1378 O OH    . TYR A 1 168 ? -5.135  7.100   -0.763  1.00 37.96  ? 682 TYR A OH    1 
ATOM   1379 N N     . SER A 1 169 ? -2.293  -0.597  1.350   1.00 25.07  ? 683 SER A N     1 
ATOM   1380 C CA    . SER A 1 169 ? -2.207  -1.984  1.762   1.00 23.70  ? 683 SER A CA    1 
ATOM   1381 C C     . SER A 1 169 ? -3.566  -2.485  2.200   1.00 25.93  ? 683 SER A C     1 
ATOM   1382 O O     . SER A 1 169 ? -4.409  -1.727  2.711   1.00 24.55  ? 683 SER A O     1 
ATOM   1383 C CB    . SER A 1 169 ? -1.204  -2.146  2.915   1.00 25.37  ? 683 SER A CB    1 
ATOM   1384 O OG    . SER A 1 169 ? -1.619  -1.474  4.094   1.00 22.95  ? 683 SER A OG    1 
ATOM   1385 N N     . LEU A 1 170 ? -3.767  -3.780  1.998   1.00 28.03  ? 684 LEU A N     1 
ATOM   1386 C CA    . LEU A 1 170 ? -4.999  -4.449  2.381   1.00 29.12  ? 684 LEU A CA    1 
ATOM   1387 C C     . LEU A 1 170 ? -4.627  -5.718  3.134   1.00 29.81  ? 684 LEU A C     1 
ATOM   1388 O O     . LEU A 1 170 ? -3.902  -6.556  2.606   1.00 34.63  ? 684 LEU A O     1 
ATOM   1389 C CB    . LEU A 1 170 ? -5.807  -4.816  1.126   1.00 28.11  ? 684 LEU A CB    1 
ATOM   1390 C CG    . LEU A 1 170 ? -7.205  -5.426  1.327   1.00 27.17  ? 684 LEU A CG    1 
ATOM   1391 C CD1   . LEU A 1 170 ? -8.169  -4.452  2.020   1.00 25.88  ? 684 LEU A CD1   1 
ATOM   1392 C CD2   . LEU A 1 170 ? -7.759  -5.869  -0.018  1.00 27.17  ? 684 LEU A CD2   1 
ATOM   1393 N N     . SER A 1 171 ? -5.133  -5.859  4.351   1.00 31.13  ? 685 SER A N     1 
ATOM   1394 C CA    . SER A 1 171 ? -4.849  -7.026  5.192   1.00 29.92  ? 685 SER A CA    1 
ATOM   1395 C C     . SER A 1 171 ? -5.560  -8.231  4.636   1.00 31.00  ? 685 SER A C     1 
ATOM   1396 O O     . SER A 1 171 ? -6.586  -8.104  3.958   1.00 31.52  ? 685 SER A O     1 
ATOM   1397 C CB    . SER A 1 171 ? -5.334  -6.787  6.615   1.00 28.63  ? 685 SER A CB    1 
ATOM   1398 O OG    . SER A 1 171 ? -6.742  -6.935  6.700   1.00 29.91  ? 685 SER A OG    1 
ATOM   1399 N N     . VAL A 1 172 ? -5.013  -9.404  4.927   1.00 33.67  ? 686 VAL A N     1 
ATOM   1400 C CA    . VAL A 1 172 ? -5.600  -10.671 4.480   1.00 33.99  ? 686 VAL A CA    1 
ATOM   1401 C C     . VAL A 1 172 ? -7.019  -10.855 4.996   1.00 34.50  ? 686 VAL A C     1 
ATOM   1402 O O     . VAL A 1 172 ? -7.899  -11.312 4.244   1.00 39.70  ? 686 VAL A O     1 
ATOM   1403 C CB    . VAL A 1 172 ? -4.719  -11.885 4.881   1.00 36.44  ? 686 VAL A CB    1 
ATOM   1404 C CG1   . VAL A 1 172 ? -4.516  -11.967 6.403   1.00 36.95  ? 686 VAL A CG1   1 
ATOM   1405 C CG2   . VAL A 1 172 ? -5.308  -13.185 4.338   1.00 35.34  ? 686 VAL A CG2   1 
ATOM   1406 N N     . ASP A 1 173 ? -7.272  -10.489 6.255   1.00 32.52  ? 687 ASP A N     1 
ATOM   1407 C CA    . ASP A 1 173 ? -8.625  -10.648 6.795   1.00 32.37  ? 687 ASP A CA    1 
ATOM   1408 C C     . ASP A 1 173 ? -9.604  -9.749  6.075   1.00 29.25  ? 687 ASP A C     1 
ATOM   1409 O O     . ASP A 1 173 ? -10.697 -10.170 5.763   1.00 31.35  ? 687 ASP A O     1 
ATOM   1410 C CB    . ASP A 1 173 ? -8.670  -10.432 8.320   1.00 34.67  ? 687 ASP A CB    1 
ATOM   1411 C CG    . ASP A 1 173 ? -7.890  -11.499 9.077   1.00 35.68  ? 687 ASP A CG    1 
ATOM   1412 O OD1   . ASP A 1 173 ? -7.609  -12.576 8.492   1.00 37.15  ? 687 ASP A OD1   1 
ATOM   1413 O OD2   . ASP A 1 173 ? -7.547  -11.257 10.251  1.00 35.01  ? 687 ASP A OD2   1 
ATOM   1414 N N     . ASN A 1 174 ? -9.229  -8.513  5.776   1.00 30.35  ? 688 ASN A N     1 
ATOM   1415 C CA    . ASN A 1 174 ? -10.137 -7.650  4.991   1.00 29.90  ? 688 ASN A CA    1 
ATOM   1416 C C     . ASN A 1 174 ? -10.316 -8.141  3.562   1.00 30.12  ? 688 ASN A C     1 
ATOM   1417 O O     . ASN A 1 174 ? -11.428 -8.173  3.027   1.00 28.89  ? 688 ASN A O     1 
ATOM   1418 C CB    . ASN A 1 174 ? -9.639  -6.227  4.952   1.00 30.73  ? 688 ASN A CB    1 
ATOM   1419 C CG    . ASN A 1 174 ? -9.755  -5.510  6.309   1.00 30.60  ? 688 ASN A CG    1 
ATOM   1420 O OD1   . ASN A 1 174 ? -8.752  -4.713  6.615   1.00 28.75  ? 688 ASN A OD1   1 
ATOM   1421 N ND2   . ASN A 1 174 ? -10.741 -5.641  7.042   1.00 30.29  ? 688 ASN A ND2   1 
ATOM   1422 N N     . PHE A 1 175 ? -9.219  -8.562  2.955   1.00 29.88  ? 689 PHE A N     1 
ATOM   1423 C CA    . PHE A 1 175 ? -9.265  -9.123  1.623   1.00 33.18  ? 689 PHE A CA    1 
ATOM   1424 C C     . PHE A 1 175 ? -10.323 -10.218 1.575   1.00 33.22  ? 689 PHE A C     1 
ATOM   1425 O O     . PHE A 1 175 ? -11.229 -10.149 0.771   1.00 33.89  ? 689 PHE A O     1 
ATOM   1426 C CB    . PHE A 1 175 ? -7.871  -9.652  1.273   1.00 37.30  ? 689 PHE A CB    1 
ATOM   1427 C CG    . PHE A 1 175 ? -7.759  -10.315 -0.078  1.00 39.04  ? 689 PHE A CG    1 
ATOM   1428 C CD1   . PHE A 1 175 ? -7.446  -9.583  -1.198  1.00 39.19  ? 689 PHE A CD1   1 
ATOM   1429 C CD2   . PHE A 1 175 ? -7.879  -11.689 -0.198  1.00 43.41  ? 689 PHE A CD2   1 
ATOM   1430 C CE1   . PHE A 1 175 ? -7.295  -10.193 -2.430  1.00 41.39  ? 689 PHE A CE1   1 
ATOM   1431 C CE2   . PHE A 1 175 ? -7.730  -12.306 -1.423  1.00 43.93  ? 689 PHE A CE2   1 
ATOM   1432 C CZ    . PHE A 1 175 ? -7.426  -11.551 -2.546  1.00 42.85  ? 689 PHE A CZ    1 
ATOM   1433 N N     . ASN A 1 176 ? -10.245 -11.184 2.485   1.00 36.56  ? 690 ASN A N     1 
ATOM   1434 C CA    . ASN A 1 176 ? -11.242 -12.284 2.543   1.00 38.70  ? 690 ASN A CA    1 
ATOM   1435 C C     . ASN A 1 176 ? -12.641 -11.838 2.854   1.00 38.14  ? 690 ASN A C     1 
ATOM   1436 O O     . ASN A 1 176 ? -13.602 -12.296 2.239   1.00 40.41  ? 690 ASN A O     1 
ATOM   1437 C CB    . ASN A 1 176 ? -10.794 -13.364 3.541   1.00 39.70  ? 690 ASN A CB    1 
ATOM   1438 C CG    . ASN A 1 176 ? -9.647  -14.201 2.977   1.00 37.54  ? 690 ASN A CG    1 
ATOM   1439 O OD1   . ASN A 1 176 ? -9.738  -14.691 1.858   1.00 35.21  ? 690 ASN A OD1   1 
ATOM   1440 N ND2   . ASN A 1 176 ? -8.563  -14.306 3.708   1.00 35.03  ? 690 ASN A ND2   1 
ATOM   1441 N N     . GLU A 1 177 ? -12.763 -10.900 3.778   1.00 39.10  ? 691 GLU A N     1 
ATOM   1442 C CA    . GLU A 1 177 ? -14.071 -10.392 4.119   1.00 40.56  ? 691 GLU A CA    1 
ATOM   1443 C C     . GLU A 1 177 ? -14.738 -9.802  2.877   1.00 39.16  ? 691 GLU A C     1 
ATOM   1444 O O     . GLU A 1 177 ? -15.890 -10.113 2.564   1.00 40.65  ? 691 GLU A O     1 
ATOM   1445 C CB    . GLU A 1 177 ? -13.964 -9.371  5.254   1.00 44.06  ? 691 GLU A CB    1 
ATOM   1446 C CG    . GLU A 1 177 ? -15.295 -8.725  5.624   1.00 45.34  ? 691 GLU A CG    1 
ATOM   1447 C CD    . GLU A 1 177 ? -15.163 -7.681  6.721   1.00 47.60  ? 691 GLU A CD    1 
ATOM   1448 O OE1   . GLU A 1 177 ? -14.342 -7.858  7.644   1.00 47.29  ? 691 GLU A OE1   1 
ATOM   1449 O OE2   . GLU A 1 177 ? -15.887 -6.665  6.653   1.00 47.88  ? 691 GLU A OE2   1 
ATOM   1450 N N     . VAL A 1 178 ? -14.014 -8.965  2.144   1.00 38.05  ? 692 VAL A N     1 
ATOM   1451 C CA    . VAL A 1 178 ? -14.600 -8.378  0.939   1.00 36.58  ? 692 VAL A CA    1 
ATOM   1452 C C     . VAL A 1 178 ? -14.897 -9.462  -0.117  1.00 36.46  ? 692 VAL A C     1 
ATOM   1453 O O     . VAL A 1 178 ? -15.856 -9.335  -0.851  1.00 36.50  ? 692 VAL A O     1 
ATOM   1454 C CB    . VAL A 1 178 ? -13.697 -7.314  0.303   1.00 34.72  ? 692 VAL A CB    1 
ATOM   1455 C CG1   . VAL A 1 178 ? -14.358 -6.761  -0.956  1.00 36.33  ? 692 VAL A CG1   1 
ATOM   1456 C CG2   . VAL A 1 178 ? -13.396 -6.198  1.274   1.00 33.41  ? 692 VAL A CG2   1 
ATOM   1457 N N     . LEU A 1 179 ? -14.075 -10.506 -0.193  1.00 38.59  ? 693 LEU A N     1 
ATOM   1458 C CA    . LEU A 1 179 ? -14.284 -11.578 -1.184  1.00 44.63  ? 693 LEU A CA    1 
ATOM   1459 C C     . LEU A 1 179 ? -15.350 -12.607 -0.826  1.00 46.19  ? 693 LEU A C     1 
ATOM   1460 O O     . LEU A 1 179 ? -15.943 -13.183 -1.731  1.00 48.94  ? 693 LEU A O     1 
ATOM   1461 C CB    . LEU A 1 179 ? -12.968 -12.290 -1.556  1.00 43.05  ? 693 LEU A CB    1 
ATOM   1462 C CG    . LEU A 1 179 ? -12.024 -11.422 -2.403  1.00 47.11  ? 693 LEU A CG    1 
ATOM   1463 C CD1   . LEU A 1 179 ? -10.840 -12.252 -2.864  1.00 46.01  ? 693 LEU A CD1   1 
ATOM   1464 C CD2   . LEU A 1 179 ? -12.738 -10.797 -3.601  1.00 48.57  ? 693 LEU A CD2   1 
ATOM   1465 N N     . GLU A 1 180 ? -15.601 -12.844 0.460   1.00 51.61  ? 694 GLU A N     1 
ATOM   1466 C CA    . GLU A 1 180 ? -16.777 -13.658 0.856   1.00 62.42  ? 694 GLU A CA    1 
ATOM   1467 C C     . GLU A 1 180 ? -18.127 -12.970 0.517   1.00 58.15  ? 694 GLU A C     1 
ATOM   1468 O O     . GLU A 1 180 ? -19.149 -13.640 0.330   1.00 60.64  ? 694 GLU A O     1 
ATOM   1469 C CB    . GLU A 1 180 ? -16.733 -14.064 2.349   1.00 67.77  ? 694 GLU A CB    1 
ATOM   1470 C CG    . GLU A 1 180 ? -17.560 -15.325 2.651   1.00 77.34  ? 694 GLU A CG    1 
ATOM   1471 C CD    . GLU A 1 180 ? -17.221 -16.012 3.979   1.00 82.87  ? 694 GLU A CD    1 
ATOM   1472 O OE1   . GLU A 1 180 ? -17.742 -15.572 5.033   1.00 83.51  ? 694 GLU A OE1   1 
ATOM   1473 O OE2   . GLU A 1 180 ? -16.464 -17.019 3.964   1.00 78.22  ? 694 GLU A OE2   1 
ATOM   1474 N N     . GLU A 1 181 ? -18.117 -11.641 0.437   1.00 52.77  ? 695 GLU A N     1 
ATOM   1475 C CA    . GLU A 1 181 ? -19.291 -10.877 0.078   1.00 47.05  ? 695 GLU A CA    1 
ATOM   1476 C C     . GLU A 1 181 ? -19.357 -10.633 -1.410  1.00 46.79  ? 695 GLU A C     1 
ATOM   1477 O O     . GLU A 1 181 ? -20.446 -10.402 -1.944  1.00 45.47  ? 695 GLU A O     1 
ATOM   1478 C CB    . GLU A 1 181 ? -19.277 -9.536  0.798   1.00 48.56  ? 695 GLU A CB    1 
ATOM   1479 C CG    . GLU A 1 181 ? -20.407 -8.603  0.359   1.00 49.76  ? 695 GLU A CG    1 
ATOM   1480 C CD    . GLU A 1 181 ? -20.614 -7.440  1.311   1.00 49.34  ? 695 GLU A CD    1 
ATOM   1481 O OE1   . GLU A 1 181 ? -21.702 -6.810  1.210   1.00 43.74  ? 695 GLU A OE1   1 
ATOM   1482 O OE2   . GLU A 1 181 ? -19.685 -7.185  2.128   1.00 42.96  ? 695 GLU A OE2   1 
ATOM   1483 N N     . TYR A 1 182 ? -18.195 -10.631 -2.075  1.00 43.46  ? 696 TYR A N     1 
ATOM   1484 C CA    . TYR A 1 182 ? -18.133 -10.413 -3.524  1.00 44.77  ? 696 TYR A CA    1 
ATOM   1485 C C     . TYR A 1 182 ? -17.324 -11.504 -4.247  1.00 49.49  ? 696 TYR A C     1 
ATOM   1486 O O     . TYR A 1 182 ? -16.251 -11.230 -4.802  1.00 52.89  ? 696 TYR A O     1 
ATOM   1487 C CB    . TYR A 1 182 ? -17.553 -9.037  -3.834  1.00 41.27  ? 696 TYR A CB    1 
ATOM   1488 C CG    . TYR A 1 182 ? -18.421 -7.860  -3.427  1.00 39.97  ? 696 TYR A CG    1 
ATOM   1489 C CD1   . TYR A 1 182 ? -19.442 -7.413  -4.248  1.00 38.85  ? 696 TYR A CD1   1 
ATOM   1490 C CD2   . TYR A 1 182 ? -18.203 -7.180  -2.235  1.00 37.89  ? 696 TYR A CD2   1 
ATOM   1491 C CE1   . TYR A 1 182 ? -20.227 -6.325  -3.897  1.00 38.28  ? 696 TYR A CE1   1 
ATOM   1492 C CE2   . TYR A 1 182 ? -18.994 -6.097  -1.876  1.00 38.10  ? 696 TYR A CE2   1 
ATOM   1493 C CZ    . TYR A 1 182 ? -20.003 -5.679  -2.715  1.00 36.53  ? 696 TYR A CZ    1 
ATOM   1494 O OH    . TYR A 1 182 ? -20.786 -4.608  -2.388  1.00 37.88  ? 696 TYR A OH    1 
ATOM   1495 N N     . PRO A 1 183 ? -17.874 -12.726 -4.313  1.00 50.38  ? 697 PRO A N     1 
ATOM   1496 C CA    . PRO A 1 183 ? -17.145 -13.922 -4.765  1.00 50.47  ? 697 PRO A CA    1 
ATOM   1497 C C     . PRO A 1 183 ? -16.729 -13.970 -6.232  1.00 46.41  ? 697 PRO A C     1 
ATOM   1498 O O     . PRO A 1 183 ? -15.721 -14.595 -6.517  1.00 47.16  ? 697 PRO A O     1 
ATOM   1499 C CB    . PRO A 1 183 ? -18.105 -15.063 -4.432  1.00 53.60  ? 697 PRO A CB    1 
ATOM   1500 C CG    . PRO A 1 183 ? -19.465 -14.441 -4.508  1.00 55.29  ? 697 PRO A CG    1 
ATOM   1501 C CD    . PRO A 1 183 ? -19.299 -13.010 -4.064  1.00 54.47  ? 697 PRO A CD    1 
ATOM   1502 N N     . MET A 1 184 ? -17.458 -13.332 -7.152  1.00 49.48  ? 698 MET A N     1 
ATOM   1503 C CA    . MET A 1 184 ? -17.017 -13.252 -8.562  1.00 50.91  ? 698 MET A CA    1 
ATOM   1504 C C     . MET A 1 184 ? -15.731 -12.435 -8.767  1.00 49.71  ? 698 MET A C     1 
ATOM   1505 O O     . MET A 1 184 ? -15.097 -12.467 -9.855  1.00 47.57  ? 698 MET A O     1 
ATOM   1506 C CB    . MET A 1 184 ? -18.131 -12.709 -9.465  1.00 62.83  ? 698 MET A CB    1 
ATOM   1507 C CG    . MET A 1 184 ? -18.357 -11.202 -9.413  1.00 74.35  ? 698 MET A CG    1 
ATOM   1508 S SD    . MET A 1 184 ? -19.715 -10.693 -8.330  1.00 95.10  ? 698 MET A SD    1 
ATOM   1509 C CE    . MET A 1 184 ? -18.916 -10.377 -6.761  1.00 88.49  ? 698 MET A CE    1 
ATOM   1510 N N     . MET A 1 185 ? -15.351 -11.694 -7.726  1.00 47.14  ? 699 MET A N     1 
ATOM   1511 C CA    . MET A 1 185 ? -14.127 -10.892 -7.758  1.00 44.83  ? 699 MET A CA    1 
ATOM   1512 C C     . MET A 1 185 ? -12.958 -11.729 -7.331  1.00 40.32  ? 699 MET A C     1 
ATOM   1513 O O     . MET A 1 185 ? -11.835 -11.443 -7.710  1.00 37.39  ? 699 MET A O     1 
ATOM   1514 C CB    . MET A 1 185 ? -14.231 -9.628  -6.876  1.00 46.40  ? 699 MET A CB    1 
ATOM   1515 C CG    . MET A 1 185 ? -15.094 -8.540  -7.486  1.00 47.48  ? 699 MET A CG    1 
ATOM   1516 S SD    . MET A 1 185 ? -14.485 -8.064  -9.115  1.00 50.96  ? 699 MET A SD    1 
ATOM   1517 C CE    . MET A 1 185 ? -16.055 -7.989  -9.943  1.00 52.53  ? 699 MET A CE    1 
ATOM   1518 N N     . ARG A 1 186 ? -13.217 -12.766 -6.542  1.00 40.75  ? 700 ARG A N     1 
ATOM   1519 C CA    . ARG A 1 186 ? -12.174 -13.751 -6.256  1.00 42.77  ? 700 ARG A CA    1 
ATOM   1520 C C     . ARG A 1 186 ? -11.535 -14.259 -7.558  1.00 43.78  ? 700 ARG A C     1 
ATOM   1521 O O     . ARG A 1 186 ? -10.315 -14.270 -7.695  1.00 44.89  ? 700 ARG A O     1 
ATOM   1522 C CB    . ARG A 1 186 ? -12.727 -14.906 -5.441  1.00 40.72  ? 700 ARG A CB    1 
ATOM   1523 C CG    . ARG A 1 186 ? -11.645 -15.719 -4.774  1.00 41.20  ? 700 ARG A CG    1 
ATOM   1524 C CD    . ARG A 1 186 ? -12.204 -16.589 -3.649  1.00 43.39  ? 700 ARG A CD    1 
ATOM   1525 N NE    . ARG A 1 186 ? -12.125 -15.953 -2.324  1.00 43.01  ? 700 ARG A NE    1 
ATOM   1526 C CZ    . ARG A 1 186 ? -11.007 -15.787 -1.605  1.00 44.11  ? 700 ARG A CZ    1 
ATOM   1527 N NH1   . ARG A 1 186 ? -9.823  -16.201 -2.051  1.00 47.40  ? 700 ARG A NH1   1 
ATOM   1528 N NH2   . ARG A 1 186 ? -11.061 -15.203 -0.409  1.00 44.75  ? 700 ARG A NH2   1 
ATOM   1529 N N     . ARG A 1 187 ? -12.375 -14.625 -8.521  1.00 47.76  ? 701 ARG A N     1 
ATOM   1530 C CA    . ARG A 1 187 ? -11.912 -15.154 -9.803  1.00 50.80  ? 701 ARG A CA    1 
ATOM   1531 C C     . ARG A 1 187 ? -10.950 -14.213 -10.525 1.00 44.45  ? 701 ARG A C     1 
ATOM   1532 O O     . ARG A 1 187 ? -9.929  -14.658 -11.063 1.00 39.68  ? 701 ARG A O     1 
ATOM   1533 C CB    . ARG A 1 187 ? -13.120 -15.506 -10.695 1.00 61.26  ? 701 ARG A CB    1 
ATOM   1534 C CG    . ARG A 1 187 ? -12.804 -16.056 -12.099 1.00 75.95  ? 701 ARG A CG    1 
ATOM   1535 C CD    . ARG A 1 187 ? -11.736 -17.162 -12.150 1.00 85.51  ? 701 ARG A CD    1 
ATOM   1536 N NE    . ARG A 1 187 ? -11.970 -18.260 -11.202 1.00 94.69  ? 701 ARG A NE    1 
ATOM   1537 C CZ    . ARG A 1 187 ? -12.855 -19.242 -11.371 1.00 100.37 ? 701 ARG A CZ    1 
ATOM   1538 N NH1   . ARG A 1 187 ? -13.626 -19.280 -12.456 1.00 100.00 ? 701 ARG A NH1   1 
ATOM   1539 N NH2   . ARG A 1 187 ? -12.978 -20.188 -10.440 1.00 102.89 ? 701 ARG A NH2   1 
ATOM   1540 N N     . ALA A 1 188 ? -11.257 -12.918 -10.524 1.00 38.50  ? 702 ALA A N     1 
ATOM   1541 C CA    . ALA A 1 188 ? -10.433 -11.952 -11.232 1.00 34.78  ? 702 ALA A CA    1 
ATOM   1542 C C     . ALA A 1 188 ? -9.038  -11.891 -10.643 1.00 33.07  ? 702 ALA A C     1 
ATOM   1543 O O     . ALA A 1 188 ? -8.067  -11.646 -11.359 1.00 33.06  ? 702 ALA A O     1 
ATOM   1544 C CB    . ALA A 1 188 ? -11.079 -10.583 -11.200 1.00 38.32  ? 702 ALA A CB    1 
ATOM   1545 N N     . PHE A 1 189 ? -8.915  -12.142 -9.346  1.00 30.40  ? 703 PHE A N     1 
ATOM   1546 C CA    . PHE A 1 189 ? -7.594  -12.187 -8.731  1.00 30.82  ? 703 PHE A CA    1 
ATOM   1547 C C     . PHE A 1 189 ? -6.897  -13.497 -9.038  1.00 32.33  ? 703 PHE A C     1 
ATOM   1548 O O     . PHE A 1 189 ? -5.676  -13.529 -9.168  1.00 30.46  ? 703 PHE A O     1 
ATOM   1549 C CB    . PHE A 1 189 ? -7.665  -12.037 -7.211  1.00 30.63  ? 703 PHE A CB    1 
ATOM   1550 C CG    . PHE A 1 189 ? -7.884  -10.630 -6.733  1.00 30.98  ? 703 PHE A CG    1 
ATOM   1551 C CD1   . PHE A 1 189 ? -6.840  -9.707  -6.736  1.00 31.83  ? 703 PHE A CD1   1 
ATOM   1552 C CD2   . PHE A 1 189 ? -9.130  -10.223 -6.246  1.00 29.42  ? 703 PHE A CD2   1 
ATOM   1553 C CE1   . PHE A 1 189 ? -7.040  -8.404  -6.266  1.00 31.31  ? 703 PHE A CE1   1 
ATOM   1554 C CE2   . PHE A 1 189 ? -9.321  -8.933  -5.784  1.00 29.03  ? 703 PHE A CE2   1 
ATOM   1555 C CZ    . PHE A 1 189 ? -8.282  -8.026  -5.778  1.00 28.38  ? 703 PHE A CZ    1 
ATOM   1556 N N     . GLU A 1 190 ? -7.676  -14.577 -9.097  1.00 35.47  ? 704 GLU A N     1 
ATOM   1557 C CA    . GLU A 1 190 ? -7.153  -15.905 -9.435  1.00 37.03  ? 704 GLU A CA    1 
ATOM   1558 C C     . GLU A 1 190 ? -6.577  -15.935 -10.839 1.00 38.08  ? 704 GLU A C     1 
ATOM   1559 O O     . GLU A 1 190 ? -5.430  -16.318 -11.006 1.00 40.73  ? 704 GLU A O     1 
ATOM   1560 C CB    . GLU A 1 190 ? -8.242  -16.965 -9.270  1.00 38.55  ? 704 GLU A CB    1 
ATOM   1561 C CG    . GLU A 1 190 ? -8.598  -17.165 -7.790  1.00 41.03  ? 704 GLU A CG    1 
ATOM   1562 C CD    . GLU A 1 190 ? -9.764  -18.117 -7.510  1.00 40.25  ? 704 GLU A CD    1 
ATOM   1563 O OE1   . GLU A 1 190 ? -9.865  -18.554 -6.347  1.00 45.17  ? 704 GLU A OE1   1 
ATOM   1564 O OE2   . GLU A 1 190 ? -10.570 -18.429 -8.407  1.00 38.58  ? 704 GLU A OE2   1 
ATOM   1565 N N     . THR A 1 191 ? -7.348  -15.496 -11.830 1.00 38.61  ? 705 THR A N     1 
ATOM   1566 C CA    . THR A 1 191 ? -6.930  -15.557 -13.236 1.00 40.95  ? 705 THR A CA    1 
ATOM   1567 C C     . THR A 1 191 ? -5.541  -14.924 -13.350 1.00 41.12  ? 705 THR A C     1 
ATOM   1568 O O     . THR A 1 191 ? -4.567  -15.524 -13.838 1.00 39.97  ? 705 THR A O     1 
ATOM   1569 C CB    . THR A 1 191 ? -7.912  -14.776 -14.181 1.00 44.44  ? 705 THR A CB    1 
ATOM   1570 O OG1   . THR A 1 191 ? -9.295  -15.070 -13.878 1.00 38.47  ? 705 THR A OG1   1 
ATOM   1571 C CG2   . THR A 1 191 ? -7.629  -15.092 -15.656 1.00 45.39  ? 705 THR A CG2   1 
ATOM   1572 N N     . VAL A 1 192 ? -5.462  -13.695 -12.863 1.00 41.58  ? 706 VAL A N     1 
ATOM   1573 C CA    . VAL A 1 192 ? -4.240  -12.919 -12.927 1.00 39.44  ? 706 VAL A CA    1 
ATOM   1574 C C     . VAL A 1 192 ? -3.116  -13.592 -12.152 1.00 40.79  ? 706 VAL A C     1 
ATOM   1575 O O     . VAL A 1 192 ? -1.996  -13.685 -12.671 1.00 48.39  ? 706 VAL A O     1 
ATOM   1576 C CB    . VAL A 1 192 ? -4.478  -11.481 -12.431 1.00 36.57  ? 706 VAL A CB    1 
ATOM   1577 C CG1   . VAL A 1 192 ? -3.167  -10.806 -12.048 1.00 36.05  ? 706 VAL A CG1   1 
ATOM   1578 C CG2   . VAL A 1 192 ? -5.217  -10.688 -13.508 1.00 34.41  ? 706 VAL A CG2   1 
ATOM   1579 N N     . ALA A 1 193 ? -3.417  -14.057 -10.936 1.00 35.99  ? 707 ALA A N     1 
ATOM   1580 C CA    . ALA A 1 193 ? -2.447  -14.744 -10.099 1.00 33.59  ? 707 ALA A CA    1 
ATOM   1581 C C     . ALA A 1 193 ? -1.883  -15.996 -10.757 1.00 38.05  ? 707 ALA A C     1 
ATOM   1582 O O     . ALA A 1 193 ? -0.698  -16.271 -10.631 1.00 41.41  ? 707 ALA A O     1 
ATOM   1583 C CB    . ALA A 1 193 ? -3.061  -15.101 -8.769  1.00 32.69  ? 707 ALA A CB    1 
ATOM   1584 N N     . LEU A 1 194 ? -2.713  -16.767 -11.446 1.00 40.77  ? 708 LEU A N     1 
ATOM   1585 C CA    . LEU A 1 194 ? -2.204  -17.889 -12.239 1.00 45.15  ? 708 LEU A CA    1 
ATOM   1586 C C     . LEU A 1 194 ? -1.299  -17.406 -13.378 1.00 44.39  ? 708 LEU A C     1 
ATOM   1587 O O     . LEU A 1 194 ? -0.223  -17.983 -13.614 1.00 42.28  ? 708 LEU A O     1 
ATOM   1588 C CB    . LEU A 1 194 ? -3.340  -18.709 -12.837 1.00 51.99  ? 708 LEU A CB    1 
ATOM   1589 C CG    . LEU A 1 194 ? -4.329  -19.346 -11.849 1.00 59.34  ? 708 LEU A CG    1 
ATOM   1590 C CD1   . LEU A 1 194 ? -5.498  -19.970 -12.618 1.00 62.80  ? 708 LEU A CD1   1 
ATOM   1591 C CD2   . LEU A 1 194 ? -3.650  -20.361 -10.926 1.00 59.92  ? 708 LEU A CD2   1 
ATOM   1592 N N     . ASP A 1 195 ? -1.730  -16.371 -14.092 1.00 41.66  ? 709 ASP A N     1 
ATOM   1593 C CA    . ASP A 1 195 ? -0.931  -15.866 -15.187 1.00 44.79  ? 709 ASP A CA    1 
ATOM   1594 C C     . ASP A 1 195 ? 0.454   -15.452 -14.660 1.00 46.61  ? 709 ASP A C     1 
ATOM   1595 O O     . ASP A 1 195 ? 1.473   -15.811 -15.257 1.00 48.82  ? 709 ASP A O     1 
ATOM   1596 C CB    . ASP A 1 195 ? -1.636  -14.727 -15.910 1.00 48.82  ? 709 ASP A CB    1 
ATOM   1597 C CG    . ASP A 1 195 ? -0.900  -14.299 -17.152 1.00 53.44  ? 709 ASP A CG    1 
ATOM   1598 O OD1   . ASP A 1 195 ? 0.070   -14.991 -17.537 1.00 61.92  ? 709 ASP A OD1   1 
ATOM   1599 O OD2   . ASP A 1 195 ? -1.287  -13.275 -17.752 1.00 54.48  ? 709 ASP A OD2   1 
ATOM   1600 N N     . ARG A 1 196 ? 0.490   -14.783 -13.505 1.00 44.47  ? 710 ARG A N     1 
ATOM   1601 C CA    . ARG A 1 196 ? 1.756   -14.329 -12.907 1.00 46.67  ? 710 ARG A CA    1 
ATOM   1602 C C     . ARG A 1 196 ? 2.673   -15.450 -12.430 1.00 48.11  ? 710 ARG A C     1 
ATOM   1603 O O     . ARG A 1 196 ? 3.875   -15.276 -12.329 1.00 46.83  ? 710 ARG A O     1 
ATOM   1604 C CB    . ARG A 1 196 ? 1.485   -13.408 -11.731 1.00 44.20  ? 710 ARG A CB    1 
ATOM   1605 C CG    . ARG A 1 196 ? 0.924   -12.070 -12.159 1.00 44.44  ? 710 ARG A CG    1 
ATOM   1606 C CD    . ARG A 1 196 ? 0.552   -11.198 -10.966 1.00 42.08  ? 710 ARG A CD    1 
ATOM   1607 N NE    . ARG A 1 196 ? 0.504   -9.798  -11.364 1.00 41.29  ? 710 ARG A NE    1 
ATOM   1608 C CZ    . ARG A 1 196 ? 0.210   -8.786  -10.565 1.00 38.79  ? 710 ARG A CZ    1 
ATOM   1609 N NH1   . ARG A 1 196 ? -0.074  -8.988  -9.276  1.00 42.96  ? 710 ARG A NH1   1 
ATOM   1610 N NH2   . ARG A 1 196 ? 0.217   -7.564  -11.061 1.00 35.39  ? 710 ARG A NH2   1 
ATOM   1611 N N     . LEU A 1 197 ? 2.095   -16.591 -12.106 1.00 49.86  ? 711 LEU A N     1 
ATOM   1612 C CA    . LEU A 1 197 ? 2.865   -17.755 -11.703 1.00 50.47  ? 711 LEU A CA    1 
ATOM   1613 C C     . LEU A 1 197 ? 3.472   -18.429 -12.921 1.00 53.90  ? 711 LEU A C     1 
ATOM   1614 O O     . LEU A 1 197 ? 4.676   -18.644 -12.995 1.00 56.41  ? 711 LEU A O     1 
ATOM   1615 C CB    . LEU A 1 197 ? 1.955   -18.723 -10.953 1.00 49.53  ? 711 LEU A CB    1 
ATOM   1616 C CG    . LEU A 1 197 ? 1.653   -18.227 -9.545  1.00 49.31  ? 711 LEU A CG    1 
ATOM   1617 C CD1   . LEU A 1 197 ? 0.672   -19.136 -8.831  1.00 47.67  ? 711 LEU A CD1   1 
ATOM   1618 C CD2   . LEU A 1 197 ? 2.958   -18.105 -8.757  1.00 50.73  ? 711 LEU A CD2   1 
ATOM   1619 N N     . ASP A 1 198 ? 2.609   -18.735 -13.877 1.00 57.96  ? 712 ASP A N     1 
ATOM   1620 C CA    . ASP A 1 198 ? 3.007   -19.227 -15.172 1.00 59.88  ? 712 ASP A CA    1 
ATOM   1621 C C     . ASP A 1 198 ? 4.316   -18.627 -15.645 1.00 55.67  ? 712 ASP A C     1 
ATOM   1622 O O     . ASP A 1 198 ? 5.178   -19.361 -16.098 1.00 53.99  ? 712 ASP A O     1 
ATOM   1623 C CB    . ASP A 1 198 ? 1.925   -18.892 -16.197 1.00 65.67  ? 712 ASP A CB    1 
ATOM   1624 C CG    . ASP A 1 198 ? 1.721   -19.998 -17.190 1.00 71.28  ? 712 ASP A CG    1 
ATOM   1625 O OD1   . ASP A 1 198 ? 2.541   -20.134 -18.115 1.00 68.26  ? 712 ASP A OD1   1 
ATOM   1626 O OD2   . ASP A 1 198 ? 0.733   -20.740 -17.031 1.00 79.21  ? 712 ASP A OD2   1 
ATOM   1627 N N     . ARG A 1 199 ? 4.459   -17.306 -15.520 1.00 54.84  ? 713 ARG A N     1 
ATOM   1628 C CA    . ARG A 1 199 ? 5.530   -16.573 -16.209 1.00 60.69  ? 713 ARG A CA    1 
ATOM   1629 C C     . ARG A 1 199 ? 6.878   -16.664 -15.515 1.00 63.24  ? 713 ARG A C     1 
ATOM   1630 O O     . ARG A 1 199 ? 7.911   -16.627 -16.175 1.00 69.28  ? 713 ARG A O     1 
ATOM   1631 C CB    . ARG A 1 199 ? 5.159   -15.103 -16.444 1.00 60.64  ? 713 ARG A CB    1 
ATOM   1632 C CG    . ARG A 1 199 ? 3.798   -14.913 -17.098 1.00 62.60  ? 713 ARG A CG    1 
ATOM   1633 C CD    . ARG A 1 199 ? 3.799   -13.852 -18.179 1.00 68.41  ? 713 ARG A CD    1 
ATOM   1634 N NE    . ARG A 1 199 ? 2.540   -13.125 -18.162 1.00 72.89  ? 713 ARG A NE    1 
ATOM   1635 C CZ    . ARG A 1 199 ? 2.284   -12.088 -17.366 1.00 82.93  ? 713 ARG A CZ    1 
ATOM   1636 N NH1   . ARG A 1 199 ? 3.205   -11.631 -16.523 1.00 86.81  ? 713 ARG A NH1   1 
ATOM   1637 N NH2   . ARG A 1 199 ? 1.099   -11.490 -17.410 1.00 92.35  ? 713 ARG A NH2   1 
ATOM   1638 N N     . ILE A 1 200 ? 6.869   -16.800 -14.194 1.00 64.99  ? 714 ILE A N     1 
ATOM   1639 C CA    . ILE A 1 200 ? 8.083   -17.166 -13.447 1.00 62.45  ? 714 ILE A CA    1 
ATOM   1640 C C     . ILE A 1 200 ? 8.193   -18.697 -13.290 1.00 65.53  ? 714 ILE A C     1 
ATOM   1641 O O     . ILE A 1 200 ? 8.964   -19.196 -12.469 1.00 62.57  ? 714 ILE A O     1 
ATOM   1642 C CB    . ILE A 1 200 ? 8.155   -16.442 -12.072 1.00 59.94  ? 714 ILE A CB    1 
ATOM   1643 C CG1   . ILE A 1 200 ? 6.942   -16.797 -11.191 1.00 59.15  ? 714 ILE A CG1   1 
ATOM   1644 C CG2   . ILE A 1 200 ? 8.265   -14.936 -12.288 1.00 58.33  ? 714 ILE A CG2   1 
ATOM   1645 C CD1   . ILE A 1 200 ? 6.877   -16.068 -9.857  1.00 59.35  ? 714 ILE A CD1   1 
ATOM   1646 N N     . GLY A 1 201 ? 7.399   -19.422 -14.083 1.00 71.02  ? 715 GLY A N     1 
ATOM   1647 C CA    . GLY A 1 201 ? 7.493   -20.872 -14.217 1.00 77.32  ? 715 GLY A CA    1 
ATOM   1648 C C     . GLY A 1 201 ? 7.113   -21.633 -12.970 1.00 83.08  ? 715 GLY A C     1 
ATOM   1649 O O     . GLY A 1 201 ? 7.886   -22.453 -12.503 1.00 82.30  ? 715 GLY A O     1 
ATOM   1650 N N     . LYS A 1 202 ? 5.919   -21.368 -12.438 1.00 89.23  ? 716 LYS A N     1 
ATOM   1651 C CA    . LYS A 1 202 ? 5.442   -22.019 -11.210 1.00 90.44  ? 716 LYS A CA    1 
ATOM   1652 C C     . LYS A 1 202 ? 3.970   -22.460 -11.362 1.00 91.55  ? 716 LYS A C     1 
ATOM   1653 O O     . LYS A 1 202 ? 3.376   -22.286 -12.442 1.00 82.18  ? 716 LYS A O     1 
ATOM   1654 C CB    . LYS A 1 202 ? 5.639   -21.074 -10.014 1.00 93.23  ? 716 LYS A CB    1 
ATOM   1655 C CG    . LYS A 1 202 ? 7.094   -20.667 -9.788  1.00 97.86  ? 716 LYS A CG    1 
ATOM   1656 C CD    . LYS A 1 202 ? 7.289   -19.662 -8.651  1.00 99.56  ? 716 LYS A CD    1 
ATOM   1657 C CE    . LYS A 1 202 ? 8.770   -19.291 -8.463  1.00 98.55  ? 716 LYS A CE    1 
ATOM   1658 N NZ    . LYS A 1 202 ? 9.053   -18.391 -7.300  1.00 93.88  ? 716 LYS A NZ    1 
ATOM   1659 N N     . LYS A 1 203 ? 3.399   -23.049 -10.300 1.00 95.86  ? 717 LYS A N     1 
ATOM   1660 C CA    . LYS A 1 203 ? 2.005   -23.558 -10.329 1.00 101.51 ? 717 LYS A CA    1 
ATOM   1661 C C     . LYS A 1 203 ? 1.261   -23.680 -8.953  1.00 97.46  ? 717 LYS A C     1 
ATOM   1662 O O     . LYS A 1 203 ? 1.886   -23.780 -7.883  1.00 91.09  ? 717 LYS A O     1 
ATOM   1663 C CB    . LYS A 1 203 ? 1.965   -24.910 -11.066 1.00 101.65 ? 717 LYS A CB    1 
ATOM   1664 C CG    . LYS A 1 203 ? 2.194   -24.836 -12.577 1.00 100.79 ? 717 LYS A CG    1 
ATOM   1665 C CD    . LYS A 1 203 ? 1.706   -26.080 -13.308 1.00 106.25 ? 717 LYS A CD    1 
ATOM   1666 C CE    . LYS A 1 203 ? 2.440   -27.345 -12.886 1.00 107.29 ? 717 LYS A CE    1 
ATOM   1667 N NZ    . LYS A 1 203 ? 1.900   -27.968 -11.639 1.00 106.03 ? 717 LYS A NZ    1 
ATOM   1668 N N     . ASN A 1 204 ? -0.079  -23.637 -9.028  1.00 92.54  ? 718 ASN A N     1 
ATOM   1669 C CA    . ASN A 1 204 ? -1.026  -23.941 -7.924  1.00 85.20  ? 718 ASN A CA    1 
ATOM   1670 C C     . ASN A 1 204 ? -0.868  -23.104 -6.662  1.00 80.68  ? 718 ASN A C     1 
ATOM   1671 O O     . ASN A 1 204 ? -1.530  -23.367 -5.653  1.00 71.54  ? 718 ASN A O     1 
ATOM   1672 C CB    . ASN A 1 204 ? -0.971  -25.435 -7.554  1.00 84.57  ? 718 ASN A CB    1 
ATOM   1673 C CG    . ASN A 1 204 ? -2.228  -25.918 -6.836  1.00 85.20  ? 718 ASN A CG    1 
ATOM   1674 O OD1   . ASN A 1 204 ? -3.239  -25.207 -6.747  1.00 85.58  ? 718 ASN A OD1   1 
ATOM   1675 N ND2   . ASN A 1 204 ? -2.171  -27.138 -6.320  1.00 80.58  ? 718 ASN A ND2   1 
HETATM 1676 O O2P   . 7CH B 2 .   ? 1.875   -12.699 -2.134  1.00 25.61  ? 800 7CH A O2P   1 
HETATM 1677 P P     . 7CH B 2 .   ? 2.806   -12.803 -3.312  1.00 26.00  ? 800 7CH A P     1 
HETATM 1678 O O1P   . 7CH B 2 .   ? 3.392   -14.121 -3.718  1.00 24.59  ? 800 7CH A O1P   1 
HETATM 1679 O "O3'" . 7CH B 2 .   ? 2.124   -12.101 -4.601  1.00 24.15  ? 800 7CH A "O3'" 1 
HETATM 1680 C "C3'" . 7CH B 2 .   ? 3.050   -12.023 -5.655  1.00 24.44  ? 800 7CH A "C3'" 1 
HETATM 1681 C "C4'" . 7CH B 2 .   ? 4.238   -11.189 -5.238  1.00 24.61  ? 800 7CH A "C4'" 1 
HETATM 1682 C "C5'" . 7CH B 2 .   ? 5.042   -11.680 -4.060  1.00 23.99  ? 800 7CH A "C5'" 1 
HETATM 1683 O "O5'" . 7CH B 2 .   ? 4.084   -11.838 -3.017  1.00 25.21  ? 800 7CH A "O5'" 1 
HETATM 1684 C "C2'" . 7CH B 2 .   ? 2.615   -11.313 -6.913  1.00 24.63  ? 800 7CH A "C2'" 1 
HETATM 1685 O "O2'" . 7CH B 2 .   ? 1.788   -10.183 -6.592  1.00 23.66  ? 800 7CH A "O2'" 1 
HETATM 1686 C "C1'" . 7CH B 2 .   ? 3.953   -10.875 -7.466  1.00 25.97  ? 800 7CH A "C1'" 1 
HETATM 1687 O "O4'" . 7CH B 2 .   ? 4.937   -11.178 -6.475  1.00 26.77  ? 800 7CH A "O4'" 1 
HETATM 1688 N N9    . 7CH B 2 .   ? 4.293   -11.582 -8.704  1.00 29.33  ? 800 7CH A N9    1 
HETATM 1689 C C4    . 7CH B 2 .   ? 4.255   -11.020 -9.895  1.00 29.73  ? 800 7CH A C4    1 
HETATM 1690 C C5    . 7CH B 2 .   ? 4.675   -12.038 -10.854 1.00 29.40  ? 800 7CH A C5    1 
HETATM 1691 C C7    . 7CH B 2 .   ? 4.986   -13.142 -10.158 1.00 27.72  ? 800 7CH A C7    1 
HETATM 1692 C C8    . 7CH B 2 .   ? 4.748   -12.851 -8.846  1.00 30.94  ? 800 7CH A C8    1 
HETATM 1693 N N3    . 7CH B 2 .   ? 3.938   -9.792  -10.324 1.00 31.54  ? 800 7CH A N3    1 
HETATM 1694 C C2    . 7CH B 2 .   ? 3.943   -9.495  -11.641 1.00 32.42  ? 800 7CH A C2    1 
HETATM 1695 N N1    . 7CH B 2 .   ? 4.314   -10.365 -12.600 1.00 30.35  ? 800 7CH A N1    1 
HETATM 1696 C C6    . 7CH B 2 .   ? 4.674   -11.633 -12.292 1.00 32.29  ? 800 7CH A C6    1 
HETATM 1697 N N6    . 7CH B 2 .   ? 5.056   -12.522 -13.263 1.00 31.98  ? 800 7CH A N6    1 
HETATM 1698 O O     . HOH C 3 .   ? -5.738  -9.761  8.519   1.00 33.90  ? 901 HOH A O     1 
HETATM 1699 O O     . HOH C 3 .   ? -6.260  -4.484  -12.396 1.00 26.51  ? 902 HOH A O     1 
HETATM 1700 O O     . HOH C 3 .   ? -16.889 10.713  -3.953  1.00 17.09  ? 903 HOH A O     1 
HETATM 1701 O O     . HOH C 3 .   ? -20.442 2.416   -3.305  1.00 27.71  ? 904 HOH A O     1 
HETATM 1702 O O     . HOH C 3 .   ? 19.049  15.164  8.281   1.00 37.40  ? 905 HOH A O     1 
HETATM 1703 O O     . HOH C 3 .   ? -15.483 10.907  -6.228  1.00 18.17  ? 906 HOH A O     1 
HETATM 1704 O O     . HOH C 3 .   ? -16.738 2.888   -5.773  1.00 20.69  ? 907 HOH A O     1 
HETATM 1705 O O     . HOH C 3 .   ? -6.259  -3.251  5.667   1.00 32.85  ? 908 HOH A O     1 
HETATM 1706 O O     . HOH C 3 .   ? -12.381 7.487   -10.908 1.00 16.84  ? 909 HOH A O     1 
HETATM 1707 O O     . HOH C 3 .   ? 5.330   -0.178  5.949   1.00 25.46  ? 910 HOH A O     1 
HETATM 1708 O O     . HOH C 3 .   ? -0.617  14.009  5.939   1.00 36.92  ? 911 HOH A O     1 
HETATM 1709 O O     . HOH C 3 .   ? -13.398 6.282   -6.460  1.00 26.32  ? 912 HOH A O     1 
HETATM 1710 O O     . HOH C 3 .   ? 8.268   -4.049  4.364   1.00 32.06  ? 913 HOH A O     1 
HETATM 1711 O O     . HOH C 3 .   ? -5.921  7.808   -6.569  1.00 33.06  ? 914 HOH A O     1 
HETATM 1712 O O     . HOH C 3 .   ? -16.565 13.298  -7.959  1.00 33.33  ? 915 HOH A O     1 
HETATM 1713 O O     . HOH C 3 .   ? -17.993 7.198   -7.470  1.00 21.18  ? 916 HOH A O     1 
HETATM 1714 O O     . HOH C 3 .   ? -19.132 8.884   -3.690  1.00 33.18  ? 917 HOH A O     1 
HETATM 1715 O O     . HOH C 3 .   ? -14.122 6.944   -8.889  1.00 16.04  ? 918 HOH A O     1 
HETATM 1716 O O     . HOH C 3 .   ? -10.863 -8.744  10.947  1.00 32.88  ? 919 HOH A O     1 
HETATM 1717 O O     . HOH C 3 .   ? -16.035 8.676   -8.257  1.00 19.47  ? 920 HOH A O     1 
HETATM 1718 O O     . HOH C 3 .   ? 16.361  -9.975  -0.289  1.00 36.78  ? 921 HOH A O     1 
HETATM 1719 O O     . HOH C 3 .   ? -3.997  9.392   3.236   1.00 39.38  ? 922 HOH A O     1 
HETATM 1720 O O     . HOH C 3 .   ? -15.821 2.517   -8.368  1.00 21.08  ? 923 HOH A O     1 
HETATM 1721 O O     . HOH C 3 .   ? -2.961  5.540   -9.985  1.00 34.74  ? 924 HOH A O     1 
HETATM 1722 O O     . HOH C 3 .   ? -13.348 -6.040  -12.745 1.00 37.69  ? 925 HOH A O     1 
HETATM 1723 O O     . HOH C 3 .   ? -15.854 -7.428  -12.839 1.00 43.64  ? 926 HOH A O     1 
HETATM 1724 O O     . HOH C 3 .   ? -9.388  3.450   3.433   1.00 31.91  ? 927 HOH A O     1 
HETATM 1725 O O     . HOH C 3 .   ? -3.456  -19.526 -7.080  1.00 43.13  ? 928 HOH A O     1 
HETATM 1726 O O     . HOH C 3 .   ? 17.507  0.573   1.257   1.00 38.24  ? 929 HOH A O     1 
HETATM 1727 O O     . HOH C 3 .   ? 3.635   0.644   8.587   1.00 42.25  ? 930 HOH A O     1 
HETATM 1728 O O     . HOH C 3 .   ? -15.558 0.756   -10.560 1.00 33.76  ? 931 HOH A O     1 
HETATM 1729 O O     . HOH C 3 .   ? 3.739   22.128  4.477   1.00 41.52  ? 932 HOH A O     1 
HETATM 1730 O O     . HOH C 3 .   ? -19.433 -0.641  0.124   1.00 28.57  ? 933 HOH A O     1 
HETATM 1731 O O     . HOH C 3 .   ? 16.144  1.258   -9.141  0.50 37.65  ? 934 HOH A O     1 
HETATM 1732 O O     . HOH C 3 .   ? -2.259  -5.838  -11.791 1.00 37.56  ? 935 HOH A O     1 
HETATM 1733 O O     . HOH C 3 .   ? 4.439   4.243   5.520   1.00 31.43  ? 936 HOH A O     1 
HETATM 1734 O O     . HOH C 3 .   ? -14.946 0.366   -17.222 1.00 34.12  ? 937 HOH A O     1 
# 
